data_7TTE
#
_entry.id   7TTE
#
_cell.length_a   66.062
_cell.length_b   127.425
_cell.length_c   251.622
_cell.angle_alpha   90.000
_cell.angle_beta   90.000
_cell.angle_gamma   90.000
#
_symmetry.space_group_name_H-M   'P 21 21 21'
#
loop_
_entity.id
_entity.type
_entity.pdbx_description
1 polymer 'Tubulin alpha-1B chain'
2 polymer 'Tubulin beta chain'
3 polymer Stathmin-4
4 non-polymer "GUANOSINE-5'-TRIPHOSPHATE"
5 non-polymer 'SULFATE ION'
6 non-polymer "GUANOSINE-5'-DIPHOSPHATE"
7 non-polymer 4-[2-(cyclopropylamino)-6,7-dihydro-5H-cyclopenta[d]pyrimidin-4-yl]-7-methoxy-3,4-dihydroquinoxalin-2(1H)-one
8 non-polymer 'MAGNESIUM ION'
9 water water
#
loop_
_entity_poly.entity_id
_entity_poly.type
_entity_poly.pdbx_seq_one_letter_code
_entity_poly.pdbx_strand_id
1 'polypeptide(L)'
;MRECISIHVGQAGVQIGNACWELYCLEHGIQPDGQMPSDKTIGGGDDSFNTFFSETGAGKHVPRAVFVDLEPTVIDEVRT
GTYRQLFHPEQLITGKEDAANNYARGHYTIGKEIIDLVLDRIRKLADQCTGLQGFLVFHSFGGGTGSGFTSLLMERLSVD
YGKKSKLEFSIYPAPQVSTAVVEPYNSILTTHTTLEHSDCAFMVDNEAIYDICRRNLDIERPTYTNLNRLISQIVSSITA
SLRFDGALNVDLTEFQTNLVPYPRIHFPLATYAPVISAEKAYHEQLSVAEITNACFEPANQMVKCDPRHGKYMACCLLYR
GDVVPKDVNAAIATIKTKRSIQFVDWCPTGFKVGINYQPPTVVPGGDLAKVQRAVCMLSNTTAIAEAWARLDHKFDLMYA
KRAFVHWYVGEGMEEGEFSEAREDMAALEKDYEEVGVD
;
A,C
2 'polypeptide(L)'
;MREIVHIQAGQCGNQIGAKFWEVISDEHGIDPTGSYHGDSDLQLERINVYYNEATGNKYVPRAILVDLEPGTMDSVRSGP
FGQIFRPDNFVFGQSGAGNNWAKGHYTEGAELVDSVLDVVRKESESCDCLQGFQLTHSLGGGTGSGMGTLLISKIREEYP
DRIMNTFSVMPSPKVSDTVVEPYNATLSVHQLVENTDETYCIDNEALYDICFRTLKLTTPTYGDLNHLVSATMSGVTTCL
RFPGQLNADLRKLAVNMVPFPRLHFFMPGFAPLTSRGSQQYRALTVPELTQQMFDSKNMMAACDPRHGRYLTVAAIFRGR
MSMKEVDEQMLNVQNKNSSYFVEWIPNNVKTAVCDIPPRGLKMSATFIGNSTAIQELFKRISEQFTAMFRRKAFLHWYTG
EGMDEMEFTEAESNMNDLVSEYQQYQDATADEQ
;
B,D
3 'polypeptide(L)'
;MADMEVIELNKATSGQSWEVILKPPSFDGVPEFNASLPRRRDPSLEEIQKKLEAAEERRKYQEAELLKHLAEKREHEREV
IQKAIEENNNFIKMAKEKLAQKMESNKENREAHLAAMLERLQEKDKHAEEVRKNKELKEEASR
;
E
#
# COMPACT_ATOMS: atom_id res chain seq x y z
N MET A 1 80.91 -7.22 -0.34
CA MET A 1 79.70 -7.51 -1.09
C MET A 1 78.96 -6.23 -1.49
N ARG A 2 78.14 -6.31 -2.54
CA ARG A 2 77.44 -5.17 -3.13
C ARG A 2 75.93 -5.48 -3.18
N GLU A 3 75.27 -5.50 -2.02
CA GLU A 3 73.92 -6.06 -1.91
C GLU A 3 72.82 -5.13 -2.47
N CYS A 4 71.82 -5.74 -3.15
CA CYS A 4 70.63 -5.04 -3.63
C CYS A 4 69.34 -5.70 -3.14
N ILE A 5 68.44 -4.88 -2.59
CA ILE A 5 67.14 -5.33 -2.06
C ILE A 5 66.03 -5.04 -3.07
N SER A 6 65.20 -6.04 -3.36
CA SER A 6 64.04 -5.89 -4.24
C SER A 6 62.76 -5.73 -3.41
N ILE A 7 61.94 -4.75 -3.80
CA ILE A 7 60.63 -4.53 -3.19
C ILE A 7 59.58 -4.63 -4.29
N HIS A 8 58.52 -5.39 -4.04
CA HIS A 8 57.46 -5.62 -5.02
C HIS A 8 56.13 -5.17 -4.41
N VAL A 9 55.45 -4.24 -5.09
CA VAL A 9 54.30 -3.53 -4.56
C VAL A 9 53.13 -3.74 -5.52
N GLY A 10 52.01 -4.28 -5.00
CA GLY A 10 50.84 -4.52 -5.82
C GLY A 10 50.95 -5.80 -6.64
N GLN A 11 49.84 -6.11 -7.32
CA GLN A 11 49.72 -7.40 -8.02
C GLN A 11 50.74 -7.50 -9.15
N ALA A 12 50.81 -6.48 -10.01
CA ALA A 12 51.82 -6.45 -11.07
C ALA A 12 53.22 -6.55 -10.50
N GLY A 13 53.52 -5.75 -9.47
CA GLY A 13 54.83 -5.84 -8.84
C GLY A 13 55.15 -7.21 -8.29
N VAL A 14 54.14 -7.90 -7.75
CA VAL A 14 54.43 -9.19 -7.16
C VAL A 14 54.55 -10.26 -8.23
N GLN A 15 53.65 -10.27 -9.22
CA GLN A 15 53.68 -11.38 -10.16
C GLN A 15 54.88 -11.29 -11.08
N ILE A 16 55.36 -10.08 -11.34
CA ILE A 16 56.62 -9.95 -12.06
C ILE A 16 57.79 -10.38 -11.18
N GLY A 17 57.72 -10.05 -9.87
CA GLY A 17 58.74 -10.52 -8.95
C GLY A 17 58.96 -12.03 -9.01
N ASN A 18 57.87 -12.79 -9.05
CA ASN A 18 57.97 -14.24 -9.15
C ASN A 18 58.68 -14.68 -10.42
N ALA A 19 58.33 -14.06 -11.55
CA ALA A 19 58.99 -14.43 -12.81
C ALA A 19 60.49 -14.10 -12.80
N CYS A 20 60.89 -13.01 -12.14
CA CYS A 20 62.31 -12.67 -12.08
C CYS A 20 63.07 -13.64 -11.18
N TRP A 21 62.57 -13.84 -9.96
CA TRP A 21 63.30 -14.70 -9.03
C TRP A 21 63.36 -16.12 -9.57
N GLU A 22 62.27 -16.57 -10.20
CA GLU A 22 62.29 -17.83 -10.93
C GLU A 22 63.40 -17.85 -11.98
N LEU A 23 63.55 -16.78 -12.75
CA LEU A 23 64.62 -16.75 -13.74
C LEU A 23 65.98 -16.68 -13.07
N TYR A 24 66.15 -15.84 -12.04
CA TYR A 24 67.43 -15.79 -11.33
C TYR A 24 67.83 -17.15 -10.79
N CYS A 25 66.88 -17.87 -10.18
CA CYS A 25 67.18 -19.17 -9.60
C CYS A 25 67.63 -20.16 -10.66
N LEU A 26 67.12 -20.03 -11.88
CA LEU A 26 67.59 -20.89 -12.96
C LEU A 26 68.95 -20.44 -13.48
N GLU A 27 69.18 -19.13 -13.55
CA GLU A 27 70.46 -18.62 -14.05
C GLU A 27 71.62 -18.93 -13.10
N HIS A 28 71.37 -18.99 -11.79
CA HIS A 28 72.43 -19.24 -10.81
C HIS A 28 72.45 -20.67 -10.31
N GLY A 29 71.49 -21.50 -10.71
CA GLY A 29 71.49 -22.86 -10.22
C GLY A 29 70.90 -23.04 -8.84
N ILE A 30 69.97 -22.19 -8.45
CA ILE A 30 69.23 -22.38 -7.21
C ILE A 30 67.97 -23.18 -7.52
N GLN A 31 67.77 -24.26 -6.78
CA GLN A 31 66.56 -25.07 -6.89
C GLN A 31 65.43 -24.39 -6.14
N PRO A 32 64.19 -24.89 -6.28
CA PRO A 32 63.07 -24.27 -5.56
C PRO A 32 63.13 -24.43 -4.05
N ASP A 33 63.72 -25.51 -3.53
CA ASP A 33 63.81 -25.70 -2.08
C ASP A 33 64.84 -24.78 -1.42
N GLY A 34 65.68 -24.11 -2.20
CA GLY A 34 66.66 -23.18 -1.70
C GLY A 34 68.11 -23.62 -1.85
N GLN A 35 68.36 -24.90 -2.05
CA GLN A 35 69.72 -25.41 -2.05
C GLN A 35 70.44 -25.09 -3.37
N MET A 36 71.76 -25.05 -3.32
CA MET A 36 72.57 -24.74 -4.48
C MET A 36 73.76 -25.71 -4.53
N PRO A 37 73.93 -26.49 -5.60
CA PRO A 37 75.07 -27.40 -5.79
C PRO A 37 76.34 -26.66 -6.23
N ASP A 46 82.11 -17.95 -9.09
CA ASP A 46 81.43 -16.68 -8.91
C ASP A 46 80.52 -16.68 -7.68
N ASP A 47 80.82 -15.82 -6.72
CA ASP A 47 79.94 -15.59 -5.56
C ASP A 47 79.06 -14.35 -5.75
N SER A 48 78.99 -13.82 -6.97
CA SER A 48 78.26 -12.58 -7.21
C SER A 48 76.76 -12.72 -7.01
N PHE A 49 76.22 -13.94 -7.09
CA PHE A 49 74.81 -14.15 -6.82
C PHE A 49 74.42 -13.65 -5.43
N ASN A 50 75.38 -13.61 -4.49
CA ASN A 50 75.08 -13.26 -3.11
C ASN A 50 74.61 -11.82 -2.96
N THR A 51 74.83 -10.99 -3.98
CA THR A 51 74.27 -9.64 -3.95
C THR A 51 72.74 -9.68 -3.93
N PHE A 52 72.13 -10.75 -4.46
CA PHE A 52 70.67 -10.86 -4.55
C PHE A 52 70.11 -12.00 -3.68
N PHE A 53 70.98 -12.81 -3.06
CA PHE A 53 70.57 -13.96 -2.28
C PHE A 53 71.38 -14.02 -0.99
N SER A 54 70.71 -13.89 0.16
CA SER A 54 71.38 -14.18 1.42
C SER A 54 71.49 -15.69 1.59
N GLU A 55 72.03 -16.15 2.71
CA GLU A 55 72.10 -17.57 3.01
C GLU A 55 71.59 -17.80 4.43
N THR A 56 71.00 -18.98 4.68
CA THR A 56 70.57 -19.34 6.03
C THR A 56 71.57 -20.31 6.65
N GLY A 57 71.53 -20.40 7.98
CA GLY A 57 72.28 -21.41 8.70
C GLY A 57 72.00 -22.82 8.25
N ALA A 58 70.90 -23.04 7.52
CA ALA A 58 70.49 -24.31 6.94
C ALA A 58 71.09 -24.57 5.56
N GLY A 59 71.86 -23.63 5.01
CA GLY A 59 72.43 -23.78 3.69
C GLY A 59 71.59 -23.30 2.53
N LYS A 60 70.45 -22.67 2.80
CA LYS A 60 69.50 -22.24 1.77
C LYS A 60 69.74 -20.78 1.38
N HIS A 61 69.48 -20.47 0.12
CA HIS A 61 69.71 -19.13 -0.41
C HIS A 61 68.39 -18.41 -0.57
N VAL A 62 68.21 -17.32 0.18
CA VAL A 62 66.94 -16.64 0.35
C VAL A 62 66.99 -15.31 -0.41
N PRO A 63 66.11 -15.10 -1.39
CA PRO A 63 66.04 -13.81 -2.07
C PRO A 63 65.97 -12.65 -1.10
N ARG A 64 66.73 -11.59 -1.39
CA ARG A 64 66.63 -10.35 -0.64
C ARG A 64 65.45 -9.57 -1.21
N ALA A 65 64.25 -9.83 -0.69
CA ALA A 65 63.04 -9.34 -1.34
C ALA A 65 61.90 -9.13 -0.35
N VAL A 66 61.07 -8.13 -0.64
CA VAL A 66 59.81 -7.89 0.08
C VAL A 66 58.68 -7.82 -0.94
N PHE A 67 57.60 -8.53 -0.66
CA PHE A 67 56.38 -8.45 -1.43
C PHE A 67 55.33 -7.75 -0.57
N VAL A 68 54.65 -6.77 -1.16
CA VAL A 68 53.60 -6.01 -0.50
C VAL A 68 52.42 -6.00 -1.46
N ASP A 69 51.38 -6.77 -1.15
CA ASP A 69 50.09 -6.63 -1.81
C ASP A 69 49.02 -6.84 -0.76
N LEU A 70 48.16 -5.85 -0.60
CA LEU A 70 47.13 -5.91 0.42
C LEU A 70 45.97 -6.82 0.04
N GLU A 71 46.10 -7.57 -1.05
CA GLU A 71 45.12 -8.58 -1.37
C GLU A 71 45.76 -9.95 -1.17
N PRO A 72 45.24 -10.79 -0.28
CA PRO A 72 45.99 -11.99 0.11
C PRO A 72 46.07 -13.05 -0.98
N THR A 73 45.21 -12.99 -2.01
CA THR A 73 45.26 -14.04 -3.02
C THR A 73 46.53 -13.96 -3.84
N VAL A 74 47.07 -12.75 -4.02
CA VAL A 74 48.28 -12.61 -4.82
C VAL A 74 49.49 -13.09 -4.04
N ILE A 75 49.62 -12.66 -2.78
CA ILE A 75 50.69 -13.18 -1.93
C ILE A 75 50.56 -14.69 -1.76
N ASP A 76 49.32 -15.21 -1.74
CA ASP A 76 49.12 -16.64 -1.58
C ASP A 76 49.77 -17.43 -2.71
N GLU A 77 49.86 -16.84 -3.91
CA GLU A 77 50.60 -17.48 -4.98
C GLU A 77 52.04 -17.73 -4.58
N VAL A 78 52.66 -16.74 -3.94
CA VAL A 78 54.07 -16.84 -3.56
C VAL A 78 54.26 -17.90 -2.47
N ARG A 79 53.39 -17.88 -1.47
CA ARG A 79 53.58 -18.73 -0.30
C ARG A 79 53.15 -20.17 -0.54
N THR A 80 52.35 -20.41 -1.60
CA THR A 80 52.00 -21.75 -2.04
C THR A 80 52.61 -22.11 -3.40
N GLY A 81 53.43 -21.23 -3.97
CA GLY A 81 54.00 -21.47 -5.29
C GLY A 81 55.09 -22.52 -5.30
N THR A 82 55.66 -22.70 -6.50
CA THR A 82 56.72 -23.70 -6.69
C THR A 82 57.96 -23.34 -5.88
N TYR A 83 58.33 -22.07 -5.88
CA TYR A 83 59.44 -21.55 -5.08
C TYR A 83 59.02 -21.09 -3.69
N ARG A 84 57.95 -21.66 -3.13
CA ARG A 84 57.46 -21.21 -1.83
C ARG A 84 58.50 -21.36 -0.74
N GLN A 85 59.32 -22.41 -0.82
CA GLN A 85 60.29 -22.70 0.24
C GLN A 85 61.34 -21.62 0.35
N LEU A 86 61.68 -20.96 -0.77
CA LEU A 86 62.68 -19.90 -0.77
C LEU A 86 62.32 -18.79 0.20
N PHE A 87 61.07 -18.38 0.22
CA PHE A 87 60.66 -17.21 0.96
C PHE A 87 60.28 -17.54 2.40
N HIS A 88 60.55 -16.60 3.27
CA HIS A 88 60.27 -16.57 4.70
C HIS A 88 59.08 -15.67 4.96
N PRO A 89 58.21 -16.07 5.89
CA PRO A 89 56.94 -15.35 6.05
C PRO A 89 57.09 -13.86 6.33
N GLU A 90 58.16 -13.46 7.02
CA GLU A 90 58.38 -12.04 7.31
C GLU A 90 58.65 -11.22 6.06
N GLN A 91 58.98 -11.86 4.94
CA GLN A 91 59.16 -11.16 3.66
C GLN A 91 57.83 -10.84 2.95
N LEU A 92 56.80 -11.62 3.22
CA LEU A 92 55.51 -11.43 2.56
C LEU A 92 54.61 -10.61 3.49
N ILE A 93 54.13 -9.47 3.00
CA ILE A 93 53.27 -8.57 3.74
C ILE A 93 51.95 -8.45 2.97
N THR A 94 50.84 -8.69 3.65
CA THR A 94 49.54 -8.61 3.01
C THR A 94 48.57 -7.94 3.99
N GLY A 95 47.32 -7.81 3.57
CA GLY A 95 46.31 -7.09 4.33
C GLY A 95 44.95 -7.66 4.01
N LYS A 96 43.87 -6.92 4.29
CA LYS A 96 42.55 -7.43 3.93
C LYS A 96 42.01 -6.79 2.66
N GLU A 97 41.85 -5.46 2.62
CA GLU A 97 41.28 -4.74 1.48
C GLU A 97 42.41 -4.12 0.66
N ASP A 98 42.32 -4.24 -0.67
CA ASP A 98 43.30 -3.60 -1.54
C ASP A 98 42.87 -2.16 -1.79
N ALA A 99 43.58 -1.45 -2.66
CA ALA A 99 43.37 -0.02 -2.75
C ALA A 99 42.20 0.33 -3.66
N ALA A 100 41.53 -0.67 -4.22
CA ALA A 100 40.32 -0.46 -5.02
C ALA A 100 40.62 0.49 -6.18
N ASN A 101 41.74 0.22 -6.85
CA ASN A 101 42.20 0.99 -8.01
C ASN A 101 42.36 2.48 -7.72
N ASN A 102 42.49 2.86 -6.46
CA ASN A 102 42.47 4.27 -6.06
C ASN A 102 43.84 4.62 -5.48
N TYR A 103 44.60 5.45 -6.20
CA TYR A 103 45.89 5.90 -5.68
C TYR A 103 45.71 6.46 -4.29
N ALA A 104 44.68 7.30 -4.09
CA ALA A 104 44.55 8.01 -2.82
C ALA A 104 44.35 7.04 -1.65
N ARG A 105 43.57 5.99 -1.87
CA ARG A 105 43.43 4.95 -0.85
C ARG A 105 44.76 4.23 -0.63
N GLY A 106 45.51 4.00 -1.71
CA GLY A 106 46.82 3.39 -1.56
C GLY A 106 47.83 4.27 -0.84
N HIS A 107 47.86 5.56 -1.17
CA HIS A 107 48.85 6.45 -0.58
C HIS A 107 48.45 6.89 0.83
N TYR A 108 47.20 7.27 1.04
CA TYR A 108 46.79 7.92 2.29
C TYR A 108 46.11 7.01 3.31
N THR A 109 45.12 6.21 2.88
CA THR A 109 44.37 5.34 3.80
C THR A 109 45.18 4.11 4.21
N ILE A 110 45.48 3.23 3.25
CA ILE A 110 46.33 2.07 3.53
C ILE A 110 47.70 2.50 4.02
N GLY A 111 48.28 3.50 3.36
CA GLY A 111 49.70 3.78 3.55
C GLY A 111 50.02 4.21 4.96
N LYS A 112 49.12 4.98 5.58
CA LYS A 112 49.33 5.33 6.98
C LYS A 112 49.32 4.08 7.86
N GLU A 113 48.60 3.04 7.44
CA GLU A 113 48.43 1.86 8.29
C GLU A 113 49.55 0.85 8.15
N ILE A 114 50.22 0.76 7.00
CA ILE A 114 51.20 -0.30 6.80
C ILE A 114 52.62 0.21 6.56
N ILE A 115 52.83 1.53 6.50
CA ILE A 115 54.15 2.02 6.10
C ILE A 115 55.22 1.58 7.11
N ASP A 116 54.91 1.62 8.40
CA ASP A 116 55.93 1.29 9.41
C ASP A 116 56.23 -0.20 9.39
N LEU A 117 55.20 -1.03 9.30
CA LEU A 117 55.40 -2.46 9.11
C LEU A 117 56.31 -2.73 7.92
N VAL A 118 56.00 -2.14 6.78
CA VAL A 118 56.78 -2.41 5.57
C VAL A 118 58.21 -1.95 5.74
N LEU A 119 58.40 -0.73 6.26
CA LEU A 119 59.76 -0.24 6.45
C LEU A 119 60.51 -1.12 7.43
N ASP A 120 59.78 -1.68 8.42
CA ASP A 120 60.42 -2.53 9.40
C ASP A 120 61.00 -3.78 8.77
N ARG A 121 60.21 -4.49 7.96
CA ARG A 121 60.74 -5.69 7.33
C ARG A 121 61.88 -5.36 6.39
N ILE A 122 61.84 -4.18 5.76
CA ILE A 122 62.96 -3.75 4.93
C ILE A 122 64.21 -3.55 5.79
N ARG A 123 64.08 -2.84 6.92
CA ARG A 123 65.20 -2.66 7.82
C ARG A 123 65.85 -3.98 8.22
N LYS A 124 65.06 -5.05 8.37
CA LYS A 124 65.61 -6.36 8.74
C LYS A 124 66.52 -6.93 7.65
N LEU A 125 66.21 -6.67 6.38
CA LEU A 125 67.02 -7.18 5.28
C LEU A 125 68.29 -6.36 5.08
N ALA A 126 68.24 -5.08 5.44
CA ALA A 126 69.38 -4.19 5.28
C ALA A 126 70.42 -4.39 6.37
N ASP A 127 69.97 -4.76 7.57
CA ASP A 127 70.87 -5.15 8.64
C ASP A 127 71.71 -6.37 8.29
N GLN A 128 71.28 -7.20 7.33
CA GLN A 128 72.10 -8.29 6.84
C GLN A 128 72.94 -7.91 5.63
N CYS A 129 73.33 -6.64 5.50
CA CYS A 129 74.07 -6.15 4.33
C CYS A 129 75.31 -5.41 4.76
N THR A 130 76.47 -5.90 4.35
CA THR A 130 77.71 -5.23 4.75
C THR A 130 77.96 -3.95 3.97
N GLY A 131 77.34 -3.82 2.78
CA GLY A 131 77.51 -2.66 1.90
C GLY A 131 76.37 -2.49 0.90
N LEU A 132 75.23 -2.02 1.39
CA LEU A 132 73.99 -1.97 0.62
C LEU A 132 74.07 -0.89 -0.44
N GLN A 133 73.83 -1.27 -1.70
CA GLN A 133 73.85 -0.31 -2.81
C GLN A 133 72.55 0.48 -2.90
N GLY A 134 71.41 -0.20 -2.70
CA GLY A 134 70.13 0.48 -2.85
C GLY A 134 69.02 -0.53 -3.17
N PHE A 135 67.95 0.00 -3.76
CA PHE A 135 66.70 -0.73 -3.92
C PHE A 135 66.26 -0.79 -5.39
N LEU A 136 65.59 -1.89 -5.73
CA LEU A 136 64.90 -2.11 -6.98
C LEU A 136 63.42 -2.23 -6.64
N VAL A 137 62.59 -1.33 -7.15
CA VAL A 137 61.17 -1.27 -6.82
C VAL A 137 60.34 -1.65 -8.04
N PHE A 138 59.47 -2.65 -7.89
CA PHE A 138 58.59 -3.12 -8.96
C PHE A 138 57.14 -2.80 -8.62
N HIS A 139 56.45 -2.12 -9.53
CA HIS A 139 55.11 -1.66 -9.25
C HIS A 139 54.46 -1.21 -10.56
N SER A 140 53.15 -1.08 -10.51
CA SER A 140 52.43 -0.59 -11.66
C SER A 140 52.22 0.92 -11.54
N PHE A 141 52.03 1.55 -12.69
CA PHE A 141 51.50 2.91 -12.69
C PHE A 141 50.00 2.92 -12.37
N GLY A 142 49.27 1.88 -12.79
CA GLY A 142 47.82 1.93 -12.84
C GLY A 142 47.06 1.46 -11.61
N GLY A 143 47.54 0.42 -10.95
CA GLY A 143 46.90 -0.05 -9.73
C GLY A 143 46.95 1.00 -8.64
N GLY A 144 46.00 0.88 -7.71
CA GLY A 144 45.96 1.81 -6.59
C GLY A 144 46.97 1.47 -5.53
N THR A 145 47.39 0.21 -5.46
CA THR A 145 48.48 -0.15 -4.55
C THR A 145 49.83 0.13 -5.22
N GLY A 146 49.96 -0.25 -6.49
CA GLY A 146 51.20 0.01 -7.21
C GLY A 146 51.55 1.48 -7.30
N SER A 147 50.57 2.35 -7.36
CA SER A 147 50.86 3.78 -7.52
C SER A 147 50.90 4.48 -6.17
N GLY A 148 49.88 4.27 -5.36
CA GLY A 148 49.68 5.00 -4.14
C GLY A 148 50.60 4.57 -3.02
N PHE A 149 50.75 3.26 -2.81
CA PHE A 149 51.66 2.88 -1.74
C PHE A 149 53.12 3.03 -2.17
N THR A 150 53.44 2.69 -3.43
CA THR A 150 54.82 2.80 -3.88
C THR A 150 55.35 4.22 -3.69
N SER A 151 54.55 5.23 -4.05
CA SER A 151 55.04 6.60 -3.92
C SER A 151 55.36 6.96 -2.46
N LEU A 152 54.53 6.52 -1.52
CA LEU A 152 54.82 6.80 -0.12
C LEU A 152 56.10 6.10 0.33
N LEU A 153 56.28 4.85 -0.07
CA LEU A 153 57.50 4.12 0.27
C LEU A 153 58.75 4.85 -0.21
N MET A 154 58.70 5.37 -1.43
CA MET A 154 59.85 6.05 -2.00
C MET A 154 60.16 7.34 -1.24
N GLU A 155 59.12 8.03 -0.75
CA GLU A 155 59.37 9.17 0.12
C GLU A 155 60.07 8.71 1.38
N ARG A 156 59.58 7.64 1.98
CA ARG A 156 60.13 7.17 3.25
C ARG A 156 61.53 6.60 3.08
N LEU A 157 61.78 5.95 1.95
CA LEU A 157 63.11 5.38 1.71
C LEU A 157 64.15 6.48 1.53
N SER A 158 63.75 7.59 0.89
CA SER A 158 64.66 8.70 0.70
C SER A 158 65.03 9.34 2.03
N VAL A 159 64.14 9.28 3.01
CA VAL A 159 64.41 9.78 4.37
C VAL A 159 65.26 8.79 5.16
N ASP A 160 64.91 7.50 5.10
CA ASP A 160 65.53 6.51 5.98
C ASP A 160 66.86 5.99 5.45
N TYR A 161 67.06 6.03 4.14
CA TYR A 161 68.30 5.55 3.54
C TYR A 161 68.84 6.60 2.57
N GLY A 162 69.13 7.80 3.09
CA GLY A 162 69.64 8.93 2.32
C GLY A 162 70.31 8.68 0.97
N LYS A 163 71.63 8.59 0.93
CA LYS A 163 72.34 8.41 -0.34
C LYS A 163 72.45 6.92 -0.70
N LYS A 164 71.28 6.33 -0.92
CA LYS A 164 71.18 4.99 -1.47
C LYS A 164 70.40 5.06 -2.78
N SER A 165 70.73 4.17 -3.71
CA SER A 165 70.14 4.22 -5.03
C SER A 165 68.73 3.63 -5.01
N LYS A 166 67.89 4.17 -5.89
CA LYS A 166 66.50 3.74 -6.00
C LYS A 166 66.15 3.60 -7.48
N LEU A 167 66.16 2.35 -7.95
CA LEU A 167 65.67 1.99 -9.27
C LEU A 167 64.24 1.45 -9.19
N GLU A 168 63.41 1.82 -10.16
CA GLU A 168 62.09 1.25 -10.35
C GLU A 168 61.93 0.66 -11.74
N PHE A 169 61.16 -0.42 -11.78
CA PHE A 169 60.65 -0.98 -13.02
C PHE A 169 59.14 -0.79 -12.91
N SER A 170 58.62 0.13 -13.73
CA SER A 170 57.23 0.57 -13.65
C SER A 170 56.45 0.03 -14.84
N ILE A 171 55.40 -0.73 -14.56
CA ILE A 171 54.48 -1.14 -15.62
C ILE A 171 53.61 0.05 -16.02
N TYR A 172 53.71 0.43 -17.24
CA TYR A 172 53.00 1.51 -17.91
C TYR A 172 51.68 1.00 -18.51
N PRO A 173 50.54 1.66 -18.26
CA PRO A 173 49.24 1.04 -18.57
C PRO A 173 48.94 0.96 -20.06
N ALA A 174 48.42 -0.22 -20.46
CA ALA A 174 47.87 -0.44 -21.80
C ALA A 174 46.36 -0.71 -21.72
N PRO A 175 45.55 0.00 -22.51
CA PRO A 175 44.09 -0.24 -22.46
C PRO A 175 43.68 -1.66 -22.80
N GLN A 176 44.35 -2.29 -23.78
CA GLN A 176 44.08 -3.69 -24.13
C GLN A 176 43.94 -4.56 -22.90
N VAL A 177 45.02 -4.69 -22.15
CA VAL A 177 45.02 -5.46 -20.90
C VAL A 177 45.29 -4.46 -19.78
N SER A 178 44.21 -3.92 -19.23
CA SER A 178 44.27 -3.06 -18.07
C SER A 178 43.01 -3.31 -17.30
N THR A 179 42.99 -2.87 -16.06
CA THR A 179 41.88 -3.19 -15.19
C THR A 179 40.98 -2.00 -14.89
N ALA A 180 41.42 -0.76 -15.11
CA ALA A 180 40.66 0.36 -14.58
C ALA A 180 40.67 1.58 -15.48
N VAL A 181 39.58 2.34 -15.40
CA VAL A 181 39.46 3.58 -16.17
C VAL A 181 40.24 4.70 -15.53
N VAL A 182 40.58 4.59 -14.25
CA VAL A 182 41.29 5.65 -13.55
C VAL A 182 42.81 5.43 -13.54
N GLU A 183 43.31 4.49 -14.35
CA GLU A 183 44.75 4.29 -14.42
C GLU A 183 45.51 5.54 -14.86
N PRO A 184 45.04 6.34 -15.83
CA PRO A 184 45.71 7.62 -16.09
C PRO A 184 45.83 8.53 -14.87
N TYR A 185 44.79 8.66 -14.04
CA TYR A 185 44.94 9.40 -12.79
C TYR A 185 46.09 8.86 -11.93
N ASN A 186 46.04 7.57 -11.58
CA ASN A 186 47.07 7.00 -10.71
C ASN A 186 48.47 7.14 -11.33
N SER A 187 48.59 7.14 -12.66
CA SER A 187 49.92 7.26 -13.25
C SER A 187 50.48 8.64 -13.02
N ILE A 188 49.68 9.68 -13.27
CA ILE A 188 50.19 11.03 -13.09
C ILE A 188 50.34 11.36 -11.61
N LEU A 189 49.54 10.74 -10.74
CA LEU A 189 49.72 11.00 -9.31
C LEU A 189 51.03 10.40 -8.80
N THR A 190 51.32 9.13 -9.13
CA THR A 190 52.52 8.51 -8.57
C THR A 190 53.80 9.09 -9.19
N THR A 191 53.75 9.45 -10.48
CA THR A 191 54.93 10.00 -11.14
C THR A 191 55.34 11.34 -10.50
N HIS A 192 54.35 12.22 -10.29
CA HIS A 192 54.62 13.49 -9.60
C HIS A 192 55.28 13.27 -8.24
N THR A 193 54.79 12.29 -7.48
CA THR A 193 55.21 12.09 -6.10
C THR A 193 56.51 11.30 -6.01
N THR A 194 56.85 10.55 -7.05
CA THR A 194 58.05 9.73 -7.04
C THR A 194 59.25 10.43 -7.67
N LEU A 195 59.03 11.53 -8.41
CA LEU A 195 60.02 12.03 -9.35
C LEU A 195 61.34 12.41 -8.65
N GLU A 196 61.25 13.19 -7.56
CA GLU A 196 62.45 13.57 -6.81
C GLU A 196 63.15 12.39 -6.13
N HIS A 197 62.45 11.26 -5.92
CA HIS A 197 62.98 10.20 -5.07
C HIS A 197 63.39 8.95 -5.85
N SER A 198 63.56 9.05 -7.16
CA SER A 198 64.00 7.93 -7.96
C SER A 198 65.22 8.33 -8.78
N ASP A 199 66.17 7.42 -8.91
CA ASP A 199 67.41 7.73 -9.60
C ASP A 199 67.40 7.24 -11.03
N CYS A 200 66.60 6.22 -11.30
CA CYS A 200 66.51 5.62 -12.62
C CYS A 200 65.25 4.76 -12.65
N ALA A 201 64.38 5.01 -13.61
CA ALA A 201 63.10 4.31 -13.75
C ALA A 201 63.01 3.73 -15.15
N PHE A 202 63.13 2.41 -15.25
CA PHE A 202 62.87 1.71 -16.51
C PHE A 202 61.36 1.42 -16.63
N MET A 203 60.69 2.01 -17.62
CA MET A 203 59.27 1.74 -17.81
C MET A 203 59.04 0.57 -18.75
N VAL A 204 57.93 -0.12 -18.54
CA VAL A 204 57.53 -1.22 -19.39
C VAL A 204 56.10 -0.94 -19.84
N ASP A 205 55.95 -0.69 -21.14
CA ASP A 205 54.65 -0.47 -21.74
C ASP A 205 53.97 -1.82 -21.94
N ASN A 206 52.87 -2.04 -21.24
CA ASN A 206 52.20 -3.34 -21.40
C ASN A 206 51.79 -3.58 -22.85
N GLU A 207 51.46 -2.52 -23.60
CA GLU A 207 51.08 -2.72 -25.00
C GLU A 207 52.30 -3.04 -25.87
N ALA A 208 53.44 -2.41 -25.57
CA ALA A 208 54.66 -2.77 -26.27
C ALA A 208 55.00 -4.23 -26.04
N ILE A 209 54.91 -4.68 -24.79
CA ILE A 209 55.19 -6.08 -24.45
C ILE A 209 54.17 -6.99 -25.12
N TYR A 210 52.90 -6.59 -25.06
CA TYR A 210 51.84 -7.34 -25.70
C TYR A 210 52.10 -7.52 -27.20
N ASP A 211 52.36 -6.41 -27.91
CA ASP A 211 52.64 -6.48 -29.35
C ASP A 211 53.82 -7.40 -29.65
N ILE A 212 54.86 -7.38 -28.80
CA ILE A 212 56.03 -8.22 -29.03
C ILE A 212 55.70 -9.70 -28.88
N CYS A 213 54.92 -10.05 -27.85
CA CYS A 213 54.52 -11.44 -27.67
C CYS A 213 53.69 -11.94 -28.85
N ARG A 214 52.77 -11.12 -29.34
CA ARG A 214 51.89 -11.57 -30.43
C ARG A 214 52.66 -11.75 -31.74
N ARG A 215 53.42 -10.74 -32.15
CA ARG A 215 54.15 -10.83 -33.42
C ARG A 215 55.30 -11.83 -33.35
N ASN A 216 56.19 -11.68 -32.35
CA ASN A 216 57.40 -12.48 -32.32
C ASN A 216 57.18 -13.88 -31.75
N LEU A 217 56.21 -14.07 -30.85
CA LEU A 217 56.02 -15.35 -30.16
C LEU A 217 54.81 -16.14 -30.63
N ASP A 218 54.01 -15.61 -31.57
CA ASP A 218 52.87 -16.32 -32.15
C ASP A 218 51.82 -16.67 -31.09
N ILE A 219 51.58 -15.73 -30.19
CA ILE A 219 50.53 -15.83 -29.20
C ILE A 219 49.46 -14.83 -29.57
N GLU A 220 48.24 -15.30 -29.81
CA GLU A 220 47.20 -14.39 -30.26
C GLU A 220 46.63 -13.59 -29.10
N ARG A 221 46.41 -14.22 -27.96
CA ARG A 221 45.87 -13.55 -26.77
C ARG A 221 46.85 -13.79 -25.63
N PRO A 222 47.92 -13.01 -25.55
CA PRO A 222 48.90 -13.20 -24.46
C PRO A 222 48.28 -13.03 -23.09
N THR A 223 48.71 -13.88 -22.16
CA THR A 223 48.36 -13.83 -20.75
C THR A 223 49.34 -12.95 -19.99
N TYR A 224 48.96 -12.54 -18.78
CA TYR A 224 49.88 -11.80 -17.92
C TYR A 224 51.20 -12.55 -17.78
N THR A 225 51.14 -13.88 -17.73
CA THR A 225 52.37 -14.65 -17.50
C THR A 225 53.27 -14.65 -18.74
N ASN A 226 52.69 -14.58 -19.94
CA ASN A 226 53.50 -14.47 -21.15
C ASN A 226 54.26 -13.15 -21.17
N LEU A 227 53.57 -12.06 -20.83
CA LEU A 227 54.23 -10.77 -20.69
C LEU A 227 55.32 -10.82 -19.62
N ASN A 228 55.02 -11.43 -18.47
CA ASN A 228 55.95 -11.41 -17.35
C ASN A 228 57.21 -12.22 -17.69
N ARG A 229 57.05 -13.38 -18.34
CA ARG A 229 58.21 -14.14 -18.80
C ARG A 229 59.12 -13.27 -19.68
N LEU A 230 58.54 -12.57 -20.64
CA LEU A 230 59.33 -11.70 -21.49
C LEU A 230 59.92 -10.53 -20.69
N ILE A 231 59.16 -9.97 -19.75
CA ILE A 231 59.71 -8.89 -18.93
C ILE A 231 60.91 -9.38 -18.11
N SER A 232 60.87 -10.64 -17.66
CA SER A 232 61.96 -11.14 -16.82
C SER A 232 63.26 -11.19 -17.60
N GLN A 233 63.21 -11.59 -18.87
CA GLN A 233 64.41 -11.61 -19.69
C GLN A 233 65.03 -10.23 -19.78
N ILE A 234 64.20 -9.19 -19.77
CA ILE A 234 64.71 -7.81 -19.80
C ILE A 234 65.32 -7.45 -18.47
N VAL A 235 64.58 -7.72 -17.40
CA VAL A 235 65.08 -7.44 -16.06
C VAL A 235 66.39 -8.19 -15.83
N SER A 236 66.43 -9.49 -16.18
CA SER A 236 67.65 -10.28 -16.09
C SER A 236 68.83 -9.58 -16.76
N SER A 237 68.68 -9.17 -18.04
CA SER A 237 69.79 -8.60 -18.78
C SER A 237 70.29 -7.31 -18.14
N ILE A 238 69.38 -6.53 -17.56
CA ILE A 238 69.71 -5.30 -16.84
C ILE A 238 70.47 -5.61 -15.55
N THR A 239 70.04 -6.66 -14.83
CA THR A 239 70.66 -7.02 -13.57
C THR A 239 71.75 -8.08 -13.72
N ALA A 240 71.96 -8.62 -14.92
CA ALA A 240 72.90 -9.70 -15.11
C ALA A 240 74.28 -9.35 -14.57
N SER A 241 74.76 -8.14 -14.84
CA SER A 241 76.11 -7.84 -14.41
C SER A 241 76.17 -7.37 -12.96
N LEU A 242 75.06 -7.38 -12.24
CA LEU A 242 75.11 -7.25 -10.79
C LEU A 242 75.20 -8.61 -10.09
N ARG A 243 74.57 -9.62 -10.69
CA ARG A 243 74.52 -10.97 -10.12
C ARG A 243 75.66 -11.86 -10.59
N PHE A 244 76.34 -11.52 -11.68
CA PHE A 244 77.60 -12.12 -12.07
C PHE A 244 78.69 -11.04 -11.97
N ASP A 245 79.94 -11.46 -12.12
CA ASP A 245 81.05 -10.50 -12.05
C ASP A 245 81.39 -9.99 -13.45
N GLY A 246 80.53 -9.08 -13.91
CA GLY A 246 80.68 -8.47 -15.22
C GLY A 246 81.49 -7.19 -15.15
N ALA A 247 81.41 -6.41 -16.23
CA ALA A 247 82.25 -5.22 -16.33
C ALA A 247 81.47 -3.92 -16.49
N LEU A 248 80.27 -3.96 -17.05
CA LEU A 248 79.46 -2.77 -17.24
C LEU A 248 78.21 -2.86 -16.36
N ASN A 249 77.88 -1.75 -15.69
CA ASN A 249 76.81 -1.69 -14.70
C ASN A 249 77.03 -2.73 -13.59
N VAL A 250 78.07 -2.47 -12.79
CA VAL A 250 78.47 -3.34 -11.70
C VAL A 250 77.97 -2.85 -10.34
N ASP A 251 77.49 -1.61 -10.24
CA ASP A 251 76.75 -1.15 -9.07
C ASP A 251 75.70 -0.13 -9.49
N LEU A 252 74.74 0.10 -8.59
CA LEU A 252 73.50 0.80 -8.97
C LEU A 252 73.74 2.25 -9.34
N THR A 253 74.72 2.90 -8.69
CA THR A 253 75.02 4.28 -9.02
C THR A 253 75.56 4.41 -10.45
N GLU A 254 76.14 3.33 -10.98
CA GLU A 254 76.68 3.39 -12.34
C GLU A 254 75.58 3.47 -13.39
N PHE A 255 74.38 2.97 -13.08
CA PHE A 255 73.22 3.19 -13.94
C PHE A 255 72.93 4.68 -14.10
N GLN A 256 72.88 5.41 -12.97
CA GLN A 256 72.59 6.83 -13.05
C GLN A 256 73.72 7.59 -13.76
N THR A 257 74.95 7.13 -13.60
CA THR A 257 76.09 7.82 -14.20
C THR A 257 76.17 7.58 -15.71
N ASN A 258 75.76 6.41 -16.17
CA ASN A 258 75.86 6.03 -17.58
C ASN A 258 74.61 6.36 -18.39
N LEU A 259 73.55 6.79 -17.73
CA LEU A 259 72.26 6.92 -18.41
C LEU A 259 71.43 8.11 -17.99
N VAL A 260 71.69 8.73 -16.85
CA VAL A 260 70.89 9.85 -16.36
C VAL A 260 71.78 11.08 -16.24
N PRO A 261 72.07 11.77 -17.35
CA PRO A 261 72.84 13.01 -17.24
C PRO A 261 72.04 14.12 -16.60
N TYR A 262 70.70 14.07 -16.67
CA TYR A 262 69.85 15.04 -16.02
C TYR A 262 68.91 14.34 -15.05
N PRO A 263 68.85 14.77 -13.79
CA PRO A 263 68.14 13.97 -12.77
C PRO A 263 66.67 13.75 -13.07
N ARG A 264 65.91 14.75 -13.54
CA ARG A 264 64.48 14.53 -13.77
C ARG A 264 64.27 13.63 -14.97
N ILE A 265 65.10 13.77 -16.00
CA ILE A 265 65.00 12.94 -17.18
C ILE A 265 65.71 11.64 -16.86
N HIS A 266 65.05 10.80 -16.08
CA HIS A 266 65.70 9.56 -15.64
C HIS A 266 64.92 8.35 -16.11
N PHE A 267 64.22 8.48 -17.24
CA PHE A 267 63.41 7.40 -17.78
C PHE A 267 64.04 6.85 -19.06
N PRO A 268 64.85 5.80 -18.97
CA PRO A 268 65.45 5.21 -20.16
C PRO A 268 64.49 4.28 -20.89
N LEU A 269 64.85 4.04 -22.15
CA LEU A 269 64.13 3.21 -23.09
C LEU A 269 64.91 1.91 -23.28
N ALA A 270 64.30 0.79 -22.91
CA ALA A 270 64.93 -0.51 -23.08
C ALA A 270 64.47 -1.18 -24.37
N THR A 271 65.41 -1.80 -25.06
CA THR A 271 65.18 -2.48 -26.33
C THR A 271 65.84 -3.85 -26.25
N TYR A 272 65.11 -4.89 -26.67
CA TYR A 272 65.58 -6.27 -26.48
C TYR A 272 65.44 -7.07 -27.77
N ALA A 273 66.41 -7.96 -27.97
CA ALA A 273 66.44 -8.89 -29.09
C ALA A 273 67.51 -9.95 -28.83
N PRO A 274 67.37 -11.19 -29.33
CA PRO A 274 66.25 -11.69 -30.14
C PRO A 274 65.12 -12.31 -29.30
N VAL A 275 63.88 -12.11 -29.77
CA VAL A 275 62.73 -12.82 -29.27
C VAL A 275 62.34 -13.84 -30.33
N ILE A 276 62.53 -15.12 -30.02
CA ILE A 276 62.35 -16.22 -30.95
C ILE A 276 61.38 -17.21 -30.33
N SER A 277 60.34 -17.58 -31.08
CA SER A 277 59.35 -18.53 -30.58
C SER A 277 60.00 -19.89 -30.35
N ALA A 278 59.54 -20.59 -29.31
CA ALA A 278 60.02 -21.95 -29.07
C ALA A 278 59.54 -22.90 -30.16
N GLU A 279 58.36 -22.63 -30.74
CA GLU A 279 57.81 -23.48 -31.78
C GLU A 279 58.77 -23.61 -32.97
N LYS A 280 59.47 -22.54 -33.31
CA LYS A 280 60.45 -22.57 -34.40
C LYS A 280 61.67 -23.42 -34.06
N GLN A 285 70.41 -19.69 -35.70
CA GLN A 285 70.93 -18.78 -34.68
C GLN A 285 71.36 -17.46 -35.29
N LEU A 286 70.87 -16.35 -34.72
CA LEU A 286 71.10 -15.03 -35.28
C LEU A 286 72.48 -14.50 -34.91
N SER A 287 72.99 -13.62 -35.77
CA SER A 287 74.34 -13.08 -35.63
C SER A 287 74.37 -11.90 -34.66
N VAL A 288 75.59 -11.49 -34.31
CA VAL A 288 75.77 -10.28 -33.53
C VAL A 288 75.30 -9.05 -34.28
N ALA A 289 75.46 -9.03 -35.61
CA ALA A 289 75.13 -7.84 -36.38
C ALA A 289 73.63 -7.67 -36.55
N GLU A 290 72.86 -8.77 -36.61
CA GLU A 290 71.42 -8.64 -36.78
C GLU A 290 70.70 -8.34 -35.46
N ILE A 291 71.12 -8.97 -34.35
CA ILE A 291 70.52 -8.60 -33.07
C ILE A 291 70.85 -7.15 -32.73
N THR A 292 71.97 -6.65 -33.24
CA THR A 292 72.33 -5.23 -33.11
C THR A 292 71.45 -4.35 -33.98
N ASN A 293 71.16 -4.78 -35.21
CA ASN A 293 70.20 -4.05 -36.04
C ASN A 293 68.83 -4.00 -35.38
N ALA A 294 68.48 -5.04 -34.61
CA ALA A 294 67.15 -5.13 -34.02
C ALA A 294 66.96 -4.15 -32.88
N CYS A 295 68.04 -3.66 -32.28
CA CYS A 295 67.98 -2.70 -31.19
C CYS A 295 67.56 -1.32 -31.66
N PHE A 296 67.59 -1.06 -32.96
CA PHE A 296 67.17 0.21 -33.51
C PHE A 296 65.85 0.08 -34.25
N GLU A 297 65.08 -0.95 -33.93
CA GLU A 297 63.72 -1.12 -34.43
C GLU A 297 62.75 -0.70 -33.35
N PRO A 298 61.86 0.24 -33.62
CA PRO A 298 60.81 0.55 -32.64
C PRO A 298 59.96 -0.65 -32.26
N ALA A 299 59.96 -1.71 -33.06
CA ALA A 299 59.12 -2.88 -32.77
C ALA A 299 59.61 -3.67 -31.57
N ASN A 300 60.85 -3.45 -31.13
CA ASN A 300 61.42 -4.18 -30.01
C ASN A 300 61.64 -3.30 -28.78
N GLN A 301 61.19 -2.04 -28.81
CA GLN A 301 61.23 -1.18 -27.63
C GLN A 301 60.21 -1.61 -26.58
N MET A 302 60.59 -1.43 -25.31
CA MET A 302 59.70 -1.73 -24.18
C MET A 302 58.66 -0.65 -23.98
N VAL A 303 58.92 0.56 -24.45
CA VAL A 303 57.96 1.66 -24.41
C VAL A 303 57.71 2.13 -25.83
N LYS A 304 56.43 2.30 -26.18
CA LYS A 304 56.05 2.70 -27.54
C LYS A 304 56.32 4.19 -27.76
N CYS A 305 57.22 4.49 -28.69
CA CYS A 305 57.63 5.86 -29.06
C CYS A 305 58.62 5.75 -30.21
N ASP A 306 58.85 6.88 -30.91
CA ASP A 306 59.73 6.89 -32.09
C ASP A 306 61.04 7.63 -31.81
N PRO A 307 62.19 6.95 -31.73
CA PRO A 307 63.46 7.63 -31.37
C PRO A 307 63.94 8.64 -32.41
N ARG A 308 63.24 8.76 -33.54
CA ARG A 308 63.56 9.80 -34.51
C ARG A 308 62.94 11.13 -34.14
N HIS A 309 61.92 11.13 -33.28
CA HIS A 309 61.33 12.35 -32.74
C HIS A 309 62.13 12.91 -31.57
N GLY A 310 63.35 12.43 -31.39
CA GLY A 310 64.13 12.86 -30.25
C GLY A 310 65.58 12.50 -30.42
N LYS A 311 66.40 13.17 -29.63
CA LYS A 311 67.82 12.93 -29.61
C LYS A 311 68.16 12.07 -28.41
N TYR A 312 69.26 11.33 -28.52
CA TYR A 312 69.77 10.52 -27.43
C TYR A 312 70.65 11.33 -26.51
N MET A 313 70.69 10.95 -25.23
CA MET A 313 71.62 11.51 -24.27
C MET A 313 72.68 10.51 -23.81
N ALA A 314 72.45 9.23 -24.05
CA ALA A 314 73.33 8.16 -23.59
C ALA A 314 72.81 6.89 -24.22
N CYS A 315 73.66 5.85 -24.20
CA CYS A 315 73.30 4.63 -24.93
C CYS A 315 74.22 3.48 -24.58
N CYS A 316 73.71 2.44 -23.92
CA CYS A 316 74.50 1.28 -23.52
C CYS A 316 73.94 0.02 -24.15
N LEU A 317 74.82 -0.96 -24.41
CA LEU A 317 74.45 -2.20 -25.06
C LEU A 317 74.94 -3.37 -24.20
N LEU A 318 74.03 -4.25 -23.79
CA LEU A 318 74.33 -5.29 -22.81
C LEU A 318 74.21 -6.66 -23.47
N TYR A 319 75.32 -7.14 -24.01
CA TYR A 319 75.38 -8.43 -24.68
C TYR A 319 75.45 -9.56 -23.66
N ARG A 320 74.85 -10.68 -24.00
CA ARG A 320 74.83 -11.86 -23.13
C ARG A 320 75.06 -13.10 -23.96
N GLY A 321 75.86 -14.02 -23.45
CA GLY A 321 76.10 -15.27 -24.13
C GLY A 321 77.36 -15.24 -24.96
N ASP A 322 77.31 -15.84 -26.16
CA ASP A 322 78.48 -16.03 -27.01
C ASP A 322 78.56 -14.86 -27.99
N VAL A 323 79.29 -13.83 -27.59
CA VAL A 323 79.46 -12.63 -28.42
C VAL A 323 80.89 -12.14 -28.23
N VAL A 324 81.52 -11.77 -29.33
CA VAL A 324 82.95 -11.43 -29.34
C VAL A 324 83.13 -9.96 -29.71
N PRO A 325 84.05 -9.24 -29.05
CA PRO A 325 84.15 -7.78 -29.23
C PRO A 325 84.34 -7.33 -30.68
N LYS A 326 85.10 -8.07 -31.48
CA LYS A 326 85.26 -7.65 -32.87
C LYS A 326 83.91 -7.65 -33.59
N ASP A 327 83.11 -8.70 -33.38
CA ASP A 327 81.80 -8.74 -34.02
C ASP A 327 80.95 -7.55 -33.63
N VAL A 328 81.09 -7.08 -32.38
CA VAL A 328 80.22 -6.02 -31.88
C VAL A 328 80.51 -4.70 -32.60
N ASN A 329 81.77 -4.28 -32.59
CA ASN A 329 82.15 -3.02 -33.23
C ASN A 329 81.93 -3.09 -34.74
N ALA A 330 82.05 -4.28 -35.33
CA ALA A 330 81.68 -4.47 -36.72
C ALA A 330 80.20 -4.19 -36.94
N ALA A 331 79.35 -4.69 -36.04
CA ALA A 331 77.93 -4.38 -36.13
C ALA A 331 77.66 -2.90 -35.88
N ILE A 332 78.49 -2.26 -35.05
CA ILE A 332 78.30 -0.84 -34.76
C ILE A 332 78.67 0.01 -35.96
N ALA A 333 79.73 -0.37 -36.68
CA ALA A 333 80.19 0.44 -37.80
C ALA A 333 79.16 0.47 -38.93
N THR A 334 78.45 -0.65 -39.14
CA THR A 334 77.44 -0.69 -40.18
C THR A 334 76.30 0.29 -39.90
N ILE A 335 76.03 0.59 -38.62
CA ILE A 335 74.90 1.44 -38.27
C ILE A 335 75.22 2.91 -38.53
N LYS A 336 76.44 3.34 -38.22
CA LYS A 336 76.84 4.72 -38.47
C LYS A 336 76.66 5.11 -39.93
N THR A 337 77.05 4.22 -40.85
CA THR A 337 77.03 4.54 -42.28
C THR A 337 75.61 4.79 -42.78
N LYS A 338 74.69 3.87 -42.50
CA LYS A 338 73.37 3.86 -43.15
C LYS A 338 72.28 4.57 -42.36
N ARG A 339 72.35 4.57 -41.02
CA ARG A 339 71.33 5.19 -40.18
C ARG A 339 71.87 6.45 -39.51
N SER A 340 70.96 7.32 -39.09
CA SER A 340 71.30 8.52 -38.34
C SER A 340 70.77 8.39 -36.91
N ILE A 341 71.60 8.75 -35.95
CA ILE A 341 71.31 8.62 -34.52
C ILE A 341 71.79 9.93 -33.88
N GLN A 342 70.91 10.93 -33.86
CA GLN A 342 71.31 12.25 -33.41
C GLN A 342 71.36 12.28 -31.89
N PHE A 343 72.55 12.53 -31.34
CA PHE A 343 72.71 12.81 -29.93
C PHE A 343 72.50 14.30 -29.69
N VAL A 344 72.28 14.65 -28.42
CA VAL A 344 72.22 16.06 -28.10
C VAL A 344 73.58 16.68 -28.35
N ASP A 345 73.60 18.01 -28.46
CA ASP A 345 74.85 18.69 -28.80
C ASP A 345 75.87 18.57 -27.68
N TRP A 346 75.42 18.62 -26.44
CA TRP A 346 76.32 18.65 -25.27
C TRP A 346 76.81 17.27 -24.84
N CYS A 347 76.57 16.22 -25.62
CA CYS A 347 76.91 14.85 -25.28
C CYS A 347 77.68 14.19 -26.41
N PRO A 348 78.55 13.24 -26.10
CA PRO A 348 79.26 12.52 -27.16
C PRO A 348 78.37 11.52 -27.86
N THR A 349 78.48 11.49 -29.19
CA THR A 349 77.77 10.54 -30.04
C THR A 349 78.50 9.21 -29.96
N GLY A 350 77.99 8.27 -29.15
CA GLY A 350 78.64 6.99 -29.02
C GLY A 350 78.03 6.16 -27.90
N PHE A 351 78.55 4.94 -27.79
CA PHE A 351 77.97 3.92 -26.94
C PHE A 351 78.94 3.41 -25.88
N LYS A 352 78.38 2.91 -24.78
CA LYS A 352 79.08 2.04 -23.85
C LYS A 352 78.55 0.62 -24.08
N VAL A 353 79.45 -0.36 -24.03
CA VAL A 353 79.14 -1.74 -24.39
C VAL A 353 79.61 -2.67 -23.27
N GLY A 354 78.79 -3.64 -22.94
CA GLY A 354 79.20 -4.68 -22.03
C GLY A 354 78.84 -6.02 -22.62
N ILE A 355 79.73 -6.99 -22.48
CA ILE A 355 79.43 -8.39 -22.72
C ILE A 355 79.43 -9.06 -21.36
N ASN A 356 78.35 -9.77 -21.06
CA ASN A 356 78.36 -10.73 -19.96
C ASN A 356 78.30 -12.11 -20.59
N TYR A 357 79.27 -12.97 -20.25
CA TYR A 357 79.42 -14.21 -21.00
C TYR A 357 78.38 -15.26 -20.62
N GLN A 358 77.71 -15.09 -19.49
CA GLN A 358 76.74 -16.09 -19.06
C GLN A 358 75.58 -16.14 -20.05
N PRO A 359 75.20 -17.32 -20.54
CA PRO A 359 74.27 -17.39 -21.66
C PRO A 359 72.86 -16.99 -21.22
N PRO A 360 72.12 -16.32 -22.09
CA PRO A 360 70.72 -16.05 -21.80
C PRO A 360 70.01 -17.36 -21.52
N THR A 361 69.16 -17.33 -20.51
CA THR A 361 68.46 -18.51 -20.04
C THR A 361 66.96 -18.28 -20.15
N VAL A 362 66.25 -19.30 -20.63
CA VAL A 362 64.79 -19.25 -20.67
C VAL A 362 64.25 -20.14 -19.56
N VAL A 363 63.02 -19.86 -19.18
CA VAL A 363 62.26 -20.85 -18.41
C VAL A 363 62.04 -22.07 -19.28
N PRO A 364 62.39 -23.27 -18.82
CA PRO A 364 62.05 -24.47 -19.59
C PRO A 364 60.53 -24.65 -19.68
N GLY A 365 60.08 -25.08 -20.84
CA GLY A 365 58.66 -25.24 -21.10
C GLY A 365 57.91 -23.98 -21.45
N GLY A 366 58.54 -22.82 -21.34
CA GLY A 366 57.89 -21.58 -21.71
C GLY A 366 57.79 -21.44 -23.22
N ASP A 367 57.44 -20.23 -23.64
CA ASP A 367 57.29 -19.93 -25.05
C ASP A 367 58.46 -19.14 -25.63
N LEU A 368 59.46 -18.81 -24.82
CA LEU A 368 60.70 -18.23 -25.32
C LEU A 368 61.70 -19.35 -25.55
N ALA A 369 62.42 -19.27 -26.66
CA ALA A 369 63.36 -20.30 -27.07
C ALA A 369 64.77 -19.95 -26.61
N LYS A 370 65.51 -20.97 -26.18
CA LYS A 370 66.91 -20.80 -25.79
C LYS A 370 67.72 -20.32 -26.98
N VAL A 371 68.44 -19.22 -26.80
CA VAL A 371 69.33 -18.73 -27.84
C VAL A 371 70.73 -18.59 -27.28
N GLN A 372 71.70 -18.64 -28.20
CA GLN A 372 73.10 -18.63 -27.80
C GLN A 372 73.53 -17.24 -27.32
N ARG A 373 73.01 -16.19 -27.98
CA ARG A 373 73.39 -14.81 -27.72
C ARG A 373 72.16 -13.91 -27.70
N ALA A 374 72.23 -12.82 -26.93
CA ALA A 374 71.19 -11.80 -26.92
C ALA A 374 71.83 -10.45 -26.59
N VAL A 375 71.01 -9.41 -26.57
CA VAL A 375 71.48 -8.08 -26.23
C VAL A 375 70.29 -7.28 -25.74
N CYS A 376 70.56 -6.35 -24.84
CA CYS A 376 69.57 -5.39 -24.38
C CYS A 376 70.20 -4.02 -24.48
N MET A 377 69.56 -3.11 -25.21
CA MET A 377 70.05 -1.74 -25.33
C MET A 377 69.24 -0.85 -24.41
N LEU A 378 69.94 -0.06 -23.60
CA LEU A 378 69.35 0.98 -22.78
C LEU A 378 69.79 2.32 -23.35
N SER A 379 68.84 3.22 -23.53
CA SER A 379 69.15 4.51 -24.15
C SER A 379 68.26 5.54 -23.49
N ASN A 380 68.77 6.75 -23.33
CA ASN A 380 67.98 7.84 -22.77
C ASN A 380 67.67 8.81 -23.91
N THR A 381 66.49 8.65 -24.51
CA THR A 381 66.06 9.46 -25.64
C THR A 381 64.91 10.37 -25.23
N THR A 382 64.92 11.60 -25.76
CA THR A 382 63.81 12.53 -25.53
C THR A 382 62.50 12.01 -26.11
N ALA A 383 62.57 10.94 -26.90
CA ALA A 383 61.36 10.35 -27.49
C ALA A 383 60.45 9.77 -26.43
N ILE A 384 61.00 9.35 -25.28
CA ILE A 384 60.16 8.77 -24.25
C ILE A 384 59.08 9.74 -23.79
N ALA A 385 59.28 11.05 -24.01
CA ALA A 385 58.29 12.04 -23.59
C ALA A 385 56.94 11.87 -24.29
N GLU A 386 56.90 11.16 -25.42
CA GLU A 386 55.63 10.84 -26.07
C GLU A 386 54.78 9.91 -25.22
N ALA A 387 55.42 9.04 -24.43
CA ALA A 387 54.66 8.20 -23.53
C ALA A 387 53.94 9.06 -22.51
N TRP A 388 54.63 10.04 -21.92
CA TRP A 388 53.99 10.89 -20.93
C TRP A 388 52.92 11.78 -21.56
N ALA A 389 53.11 12.18 -22.82
CA ALA A 389 52.07 12.95 -23.49
C ALA A 389 50.77 12.14 -23.64
N ARG A 390 50.89 10.86 -23.99
CA ARG A 390 49.68 10.05 -24.19
C ARG A 390 48.83 9.99 -22.92
N LEU A 391 49.47 9.68 -21.78
CA LEU A 391 48.79 9.66 -20.48
C LEU A 391 48.30 11.05 -20.09
N ASP A 392 49.12 12.07 -20.36
CA ASP A 392 48.74 13.44 -20.02
C ASP A 392 47.39 13.80 -20.64
N HIS A 393 47.13 13.30 -21.85
CA HIS A 393 45.91 13.67 -22.54
C HIS A 393 44.69 12.98 -21.93
N LYS A 394 44.81 11.67 -21.65
CA LYS A 394 43.71 10.98 -21.01
C LYS A 394 43.41 11.60 -19.66
N PHE A 395 44.46 11.99 -18.92
CA PHE A 395 44.28 12.67 -17.64
C PHE A 395 43.42 13.92 -17.82
N ASP A 396 43.75 14.75 -18.81
CA ASP A 396 43.04 16.00 -19.01
C ASP A 396 41.62 15.75 -19.52
N LEU A 397 41.45 14.77 -20.41
CA LEU A 397 40.10 14.44 -20.86
C LEU A 397 39.16 14.22 -19.68
N MET A 398 39.63 13.52 -18.65
CA MET A 398 38.80 13.16 -17.52
C MET A 398 38.80 14.22 -16.42
N TYR A 399 39.93 14.90 -16.17
CA TYR A 399 39.97 15.86 -15.07
C TYR A 399 39.23 17.16 -15.42
N ALA A 400 39.03 17.43 -16.72
CA ALA A 400 38.27 18.61 -17.13
C ALA A 400 36.86 18.58 -16.55
N LYS A 401 36.20 17.42 -16.59
CA LYS A 401 34.87 17.28 -16.03
C LYS A 401 34.92 16.78 -14.58
N ARG A 402 36.13 16.67 -14.01
CA ARG A 402 36.31 16.25 -12.62
C ARG A 402 35.82 14.82 -12.39
N ALA A 403 35.74 14.06 -13.47
CA ALA A 403 35.28 12.67 -13.43
C ALA A 403 36.12 11.84 -12.46
N PHE A 404 35.44 11.16 -11.55
CA PHE A 404 36.01 10.20 -10.60
C PHE A 404 36.85 10.84 -9.50
N VAL A 405 36.93 12.17 -9.43
CA VAL A 405 37.77 12.85 -8.45
C VAL A 405 37.29 12.61 -7.02
N HIS A 406 35.97 12.47 -6.83
CA HIS A 406 35.41 12.42 -5.49
C HIS A 406 35.82 11.13 -4.75
N TRP A 407 36.10 10.05 -5.49
CA TRP A 407 36.65 8.86 -4.87
C TRP A 407 37.99 9.14 -4.19
N TYR A 408 38.88 9.87 -4.89
CA TYR A 408 40.18 10.24 -4.33
C TYR A 408 40.01 11.18 -3.15
N VAL A 409 39.12 12.17 -3.31
CA VAL A 409 38.90 13.18 -2.28
C VAL A 409 38.32 12.55 -1.03
N GLY A 410 37.40 11.59 -1.22
CA GLY A 410 36.78 10.89 -0.11
C GLY A 410 37.75 10.13 0.75
N GLU A 411 38.92 9.79 0.20
CA GLU A 411 40.01 9.16 0.91
C GLU A 411 40.92 10.17 1.60
N GLY A 412 40.58 11.46 1.57
CA GLY A 412 41.34 12.51 2.24
C GLY A 412 42.37 13.21 1.39
N MET A 413 42.54 12.83 0.13
CA MET A 413 43.32 13.66 -0.78
C MET A 413 42.62 14.99 -1.01
N GLU A 414 43.40 16.01 -1.36
CA GLU A 414 42.86 17.30 -1.78
C GLU A 414 42.85 17.37 -3.29
N GLU A 415 41.83 18.05 -3.83
CA GLU A 415 41.71 18.23 -5.27
C GLU A 415 42.98 18.83 -5.85
N GLY A 416 43.47 19.91 -5.23
CA GLY A 416 44.69 20.58 -5.66
C GLY A 416 45.87 19.68 -5.96
N GLU A 417 45.90 18.46 -5.40
CA GLU A 417 46.99 17.54 -5.71
C GLU A 417 46.94 17.06 -7.15
N PHE A 418 45.74 16.83 -7.67
CA PHE A 418 45.61 16.57 -9.10
C PHE A 418 46.31 17.65 -9.92
N SER A 419 46.00 18.91 -9.63
CA SER A 419 46.56 20.02 -10.39
C SER A 419 48.07 20.13 -10.19
N GLU A 420 48.53 19.96 -8.95
CA GLU A 420 49.97 20.00 -8.68
C GLU A 420 50.70 18.93 -9.49
N ALA A 421 50.17 17.71 -9.48
CA ALA A 421 50.79 16.63 -10.23
C ALA A 421 50.76 16.90 -11.73
N ARG A 422 49.64 17.38 -12.27
CA ARG A 422 49.57 17.65 -13.69
C ARG A 422 50.60 18.71 -14.11
N GLU A 423 50.79 19.76 -13.31
CA GLU A 423 51.72 20.82 -13.68
C GLU A 423 53.15 20.31 -13.68
N ASP A 424 53.49 19.42 -12.73
CA ASP A 424 54.80 18.79 -12.72
C ASP A 424 55.04 18.00 -14.00
N MET A 425 54.02 17.24 -14.44
CA MET A 425 54.11 16.51 -15.70
C MET A 425 54.22 17.45 -16.90
N ALA A 426 53.59 18.62 -16.83
CA ALA A 426 53.80 19.61 -17.88
C ALA A 426 55.25 20.06 -17.86
N ALA A 427 55.74 20.40 -16.66
CA ALA A 427 57.14 20.76 -16.45
C ALA A 427 58.08 19.70 -17.00
N LEU A 428 57.80 18.42 -16.73
CA LEU A 428 58.67 17.36 -17.24
C LEU A 428 58.73 17.38 -18.75
N GLU A 429 57.58 17.51 -19.42
CA GLU A 429 57.56 17.47 -20.88
C GLU A 429 58.27 18.68 -21.49
N LYS A 430 58.18 19.83 -20.83
CA LYS A 430 58.97 20.98 -21.24
C LYS A 430 60.47 20.72 -21.05
N ASP A 431 60.85 20.13 -19.90
CA ASP A 431 62.24 19.71 -19.69
C ASP A 431 62.72 18.79 -20.82
N TYR A 432 61.89 17.82 -21.22
CA TYR A 432 62.27 16.94 -22.31
C TYR A 432 62.40 17.67 -23.63
N GLU A 433 61.57 18.66 -23.88
CA GLU A 433 61.66 19.39 -25.15
C GLU A 433 62.83 20.37 -25.16
N GLU A 434 63.21 20.93 -24.00
CA GLU A 434 64.29 21.89 -23.94
C GLU A 434 65.63 21.23 -24.28
N VAL A 435 65.87 20.05 -23.72
CA VAL A 435 67.10 19.32 -23.97
C VAL A 435 67.14 18.77 -25.39
N GLY A 436 65.99 18.40 -25.95
CA GLY A 436 65.93 17.86 -27.30
C GLY A 436 66.01 18.94 -28.35
N MET B 1 37.53 -7.64 1.52
CA MET B 1 36.47 -7.68 0.52
C MET B 1 36.20 -9.12 0.04
N ARG B 2 35.49 -9.89 0.87
CA ARG B 2 34.98 -11.20 0.48
C ARG B 2 33.47 -11.25 0.60
N GLU B 3 32.94 -11.19 1.81
CA GLU B 3 31.57 -11.58 2.06
C GLU B 3 30.59 -10.45 1.75
N ILE B 4 29.50 -10.80 1.08
CA ILE B 4 28.37 -9.94 0.82
C ILE B 4 27.19 -10.43 1.66
N VAL B 5 26.55 -9.51 2.38
CA VAL B 5 25.32 -9.79 3.08
C VAL B 5 24.15 -9.40 2.18
N HIS B 6 23.29 -10.36 1.88
CA HIS B 6 22.18 -10.16 0.97
C HIS B 6 20.89 -9.96 1.74
N ILE B 7 20.08 -9.00 1.29
CA ILE B 7 18.83 -8.68 1.96
C ILE B 7 17.72 -8.61 0.92
N GLN B 8 16.58 -9.25 1.21
CA GLN B 8 15.36 -9.10 0.42
C GLN B 8 14.22 -8.60 1.30
N ALA B 9 13.43 -7.67 0.78
CA ALA B 9 12.36 -7.06 1.55
C ALA B 9 11.10 -6.90 0.73
N GLY B 10 9.94 -7.18 1.36
CA GLY B 10 8.65 -7.02 0.71
C GLY B 10 8.40 -8.15 -0.27
N GLN B 11 7.24 -8.08 -0.92
CA GLN B 11 6.78 -9.20 -1.74
C GLN B 11 7.71 -9.43 -2.91
N CYS B 12 7.85 -8.39 -3.74
CA CYS B 12 8.76 -8.45 -4.88
C CYS B 12 10.20 -8.69 -4.42
N GLY B 13 10.67 -7.91 -3.46
CA GLY B 13 11.99 -8.18 -2.89
C GLY B 13 12.20 -9.66 -2.65
N ASN B 14 11.20 -10.30 -2.01
CA ASN B 14 11.37 -11.71 -1.63
C ASN B 14 11.12 -12.67 -2.80
N GLN B 15 10.20 -12.37 -3.72
CA GLN B 15 10.00 -13.23 -4.88
C GLN B 15 11.23 -13.28 -5.79
N ILE B 16 11.82 -12.12 -6.12
CA ILE B 16 12.98 -12.21 -7.00
C ILE B 16 14.21 -12.70 -6.24
N GLY B 17 14.35 -12.33 -4.96
CA GLY B 17 15.48 -12.81 -4.19
C GLY B 17 15.49 -14.32 -4.06
N ALA B 18 14.30 -14.93 -3.98
CA ALA B 18 14.22 -16.37 -3.92
C ALA B 18 14.68 -17.01 -5.23
N LYS B 19 14.27 -16.46 -6.37
CA LYS B 19 14.74 -17.02 -7.64
C LYS B 19 16.24 -16.78 -7.83
N PHE B 20 16.78 -15.68 -7.30
CA PHE B 20 18.22 -15.45 -7.35
C PHE B 20 18.99 -16.59 -6.70
N TRP B 21 18.67 -16.90 -5.44
CA TRP B 21 19.33 -18.00 -4.74
C TRP B 21 19.05 -19.34 -5.43
N GLU B 22 17.82 -19.51 -5.92
CA GLU B 22 17.50 -20.64 -6.77
C GLU B 22 18.51 -20.78 -7.91
N VAL B 23 18.80 -19.67 -8.60
CA VAL B 23 19.61 -19.75 -9.80
C VAL B 23 21.08 -19.99 -9.45
N ILE B 24 21.66 -19.13 -8.60
CA ILE B 24 23.10 -19.23 -8.38
C ILE B 24 23.47 -20.45 -7.55
N SER B 25 22.54 -21.03 -6.79
CA SER B 25 22.83 -22.32 -6.15
C SER B 25 22.93 -23.43 -7.18
N ASP B 26 22.16 -23.34 -8.28
CA ASP B 26 22.31 -24.27 -9.38
C ASP B 26 23.66 -24.12 -10.05
N GLU B 27 24.15 -22.88 -10.17
CA GLU B 27 25.44 -22.64 -10.82
C GLU B 27 26.58 -23.16 -9.97
N HIS B 28 26.57 -22.86 -8.68
CA HIS B 28 27.63 -23.28 -7.78
C HIS B 28 27.49 -24.72 -7.33
N GLY B 29 26.38 -25.38 -7.66
CA GLY B 29 26.27 -26.82 -7.44
C GLY B 29 25.64 -27.24 -6.15
N ILE B 30 24.82 -26.37 -5.54
CA ILE B 30 24.28 -26.60 -4.20
C ILE B 30 22.84 -27.09 -4.33
N ASP B 31 22.55 -28.23 -3.71
CA ASP B 31 21.17 -28.75 -3.66
C ASP B 31 20.43 -28.08 -2.52
N PRO B 32 19.10 -28.23 -2.44
CA PRO B 32 18.35 -27.49 -1.41
C PRO B 32 18.59 -27.96 0.03
N THR B 33 19.17 -29.15 0.24
CA THR B 33 19.55 -29.54 1.61
C THR B 33 20.76 -28.78 2.13
N GLY B 34 21.38 -27.94 1.30
CA GLY B 34 22.62 -27.27 1.63
C GLY B 34 23.86 -28.06 1.29
N SER B 35 23.72 -29.31 0.85
CA SER B 35 24.86 -30.11 0.46
C SER B 35 25.36 -29.68 -0.91
N TYR B 36 26.67 -29.79 -1.13
CA TYR B 36 27.27 -29.47 -2.42
C TYR B 36 27.56 -30.75 -3.17
N HIS B 37 27.24 -30.77 -4.47
CA HIS B 37 27.69 -31.89 -5.30
C HIS B 37 27.82 -31.54 -6.78
N GLY B 38 28.39 -30.39 -7.09
CA GLY B 38 28.77 -30.08 -8.45
C GLY B 38 30.00 -30.90 -8.86
N ASP B 39 30.59 -30.53 -10.01
CA ASP B 39 31.72 -31.27 -10.54
C ASP B 39 32.94 -30.40 -10.82
N SER B 40 32.92 -29.13 -10.41
CA SER B 40 34.08 -28.27 -10.56
C SER B 40 34.39 -27.60 -9.22
N ASP B 41 35.69 -27.38 -8.97
CA ASP B 41 36.09 -26.61 -7.81
C ASP B 41 35.94 -25.11 -8.03
N LEU B 42 35.93 -24.64 -9.29
CA LEU B 42 35.71 -23.22 -9.56
C LEU B 42 34.33 -22.78 -9.06
N GLN B 43 33.42 -23.72 -8.86
CA GLN B 43 32.14 -23.45 -8.23
C GLN B 43 32.24 -23.19 -6.73
N LEU B 44 33.38 -23.49 -6.11
CA LEU B 44 33.54 -23.31 -4.66
C LEU B 44 34.62 -22.32 -4.25
N GLU B 45 35.46 -21.86 -5.18
CA GLU B 45 36.57 -20.98 -4.81
C GLU B 45 36.09 -19.76 -4.05
N ARG B 46 35.11 -19.04 -4.61
CA ARG B 46 34.64 -17.81 -4.01
C ARG B 46 33.17 -17.91 -3.63
N ILE B 47 32.74 -19.13 -3.30
CA ILE B 47 31.38 -19.37 -2.82
C ILE B 47 31.10 -18.77 -1.46
N ASN B 48 32.13 -18.38 -0.72
CA ASN B 48 31.94 -17.75 0.58
C ASN B 48 31.60 -16.26 0.46
N VAL B 49 31.49 -15.71 -0.75
CA VAL B 49 30.99 -14.35 -0.85
C VAL B 49 29.48 -14.31 -0.61
N TYR B 50 28.76 -15.41 -0.89
CA TYR B 50 27.32 -15.48 -0.69
C TYR B 50 26.87 -16.55 0.30
N TYR B 51 27.67 -17.58 0.55
CA TYR B 51 27.27 -18.65 1.45
C TYR B 51 28.22 -18.69 2.66
N ASN B 52 27.64 -18.88 3.83
CA ASN B 52 28.37 -19.32 5.01
C ASN B 52 28.53 -20.83 4.95
N GLU B 53 29.65 -21.33 5.43
CA GLU B 53 29.85 -22.78 5.52
C GLU B 53 29.36 -23.25 6.88
N ALA B 54 28.36 -24.13 6.90
CA ALA B 54 27.97 -24.83 8.12
C ALA B 54 28.93 -25.99 8.35
N THR B 55 28.95 -26.47 9.59
CA THR B 55 29.95 -27.49 9.95
C THR B 55 29.69 -28.81 9.23
N GLY B 56 28.42 -29.13 8.97
CA GLY B 56 28.08 -30.39 8.36
C GLY B 56 28.34 -30.45 6.87
N ASN B 57 29.49 -29.90 6.45
CA ASN B 57 29.82 -29.72 5.03
C ASN B 57 28.65 -29.12 4.25
N LYS B 58 27.88 -28.29 4.95
CA LYS B 58 26.71 -27.61 4.38
C LYS B 58 27.08 -26.20 3.96
N TYR B 59 26.15 -25.55 3.27
CA TYR B 59 26.29 -24.18 2.81
C TYR B 59 24.96 -23.46 2.96
N VAL B 60 24.98 -22.33 3.64
CA VAL B 60 23.78 -21.58 4.00
C VAL B 60 23.89 -20.17 3.44
N PRO B 61 22.96 -19.73 2.59
CA PRO B 61 23.09 -18.39 1.98
C PRO B 61 23.19 -17.32 3.06
N ARG B 62 24.03 -16.33 2.80
CA ARG B 62 24.15 -15.22 3.75
C ARG B 62 23.04 -14.23 3.42
N ALA B 63 21.81 -14.66 3.72
CA ALA B 63 20.61 -14.08 3.15
C ALA B 63 19.60 -13.80 4.26
N ILE B 64 19.17 -12.55 4.38
CA ILE B 64 18.20 -12.13 5.38
C ILE B 64 16.89 -11.80 4.66
N LEU B 65 15.78 -12.32 5.20
CA LEU B 65 14.48 -12.25 4.54
C LEU B 65 13.52 -11.43 5.39
N VAL B 66 12.95 -10.39 4.79
CA VAL B 66 12.17 -9.40 5.52
C VAL B 66 10.84 -9.12 4.83
N ASP B 67 9.77 -9.02 5.63
CA ASP B 67 8.49 -8.46 5.18
C ASP B 67 7.67 -7.99 6.36
N LEU B 68 6.83 -6.97 6.13
CA LEU B 68 5.87 -6.60 7.17
C LEU B 68 4.64 -7.51 7.17
N GLU B 69 4.51 -8.36 6.15
CA GLU B 69 3.44 -9.32 5.96
C GLU B 69 4.00 -10.71 6.14
N PRO B 70 3.33 -11.59 6.88
CA PRO B 70 3.88 -12.94 7.06
C PRO B 70 3.69 -13.86 5.88
N GLY B 71 2.78 -13.54 4.96
CA GLY B 71 2.37 -14.52 3.96
C GLY B 71 3.47 -14.82 2.96
N THR B 72 4.15 -13.77 2.50
CA THR B 72 5.11 -13.89 1.41
C THR B 72 6.29 -14.79 1.77
N MET B 73 6.83 -14.66 2.98
CA MET B 73 7.98 -15.49 3.35
C MET B 73 7.56 -16.92 3.67
N ASP B 74 6.32 -17.14 4.09
CA ASP B 74 5.85 -18.52 4.21
C ASP B 74 5.73 -19.19 2.85
N SER B 75 5.46 -18.41 1.79
CA SER B 75 5.49 -18.95 0.44
C SER B 75 6.91 -19.24 -0.03
N VAL B 76 7.89 -18.47 0.45
CA VAL B 76 9.29 -18.75 0.14
C VAL B 76 9.74 -20.03 0.84
N ARG B 77 9.40 -20.18 2.13
CA ARG B 77 9.81 -21.38 2.86
C ARG B 77 9.37 -22.64 2.14
N SER B 78 8.16 -22.60 1.56
CA SER B 78 7.57 -23.74 0.87
C SER B 78 7.98 -23.82 -0.60
N GLY B 79 8.50 -22.74 -1.17
CA GLY B 79 9.08 -22.79 -2.49
C GLY B 79 10.22 -23.78 -2.57
N PRO B 80 10.78 -23.94 -3.78
CA PRO B 80 11.80 -24.98 -4.01
C PRO B 80 12.95 -25.03 -3.00
N PHE B 81 13.72 -23.95 -2.91
CA PHE B 81 14.91 -23.92 -2.07
C PHE B 81 14.65 -23.23 -0.72
N GLY B 82 13.44 -23.33 -0.18
CA GLY B 82 13.17 -22.82 1.16
C GLY B 82 13.90 -23.57 2.27
N GLN B 83 14.33 -24.81 2.00
CA GLN B 83 15.09 -25.56 2.98
C GLN B 83 16.42 -24.91 3.30
N ILE B 84 16.99 -24.15 2.34
CA ILE B 84 18.40 -23.81 2.44
C ILE B 84 18.66 -22.63 3.38
N PHE B 85 17.72 -21.69 3.48
CA PHE B 85 17.94 -20.49 4.28
C PHE B 85 17.99 -20.80 5.77
N ARG B 86 18.89 -20.10 6.46
CA ARG B 86 18.92 -20.18 7.92
C ARG B 86 17.55 -19.78 8.43
N PRO B 87 16.90 -20.63 9.24
CA PRO B 87 15.52 -20.33 9.64
C PRO B 87 15.38 -19.09 10.50
N ASP B 88 16.42 -18.67 11.22
CA ASP B 88 16.30 -17.51 12.09
C ASP B 88 16.68 -16.20 11.39
N ASN B 89 16.91 -16.25 10.08
CA ASN B 89 17.08 -15.07 9.25
C ASN B 89 15.77 -14.57 8.67
N PHE B 90 14.67 -15.29 8.87
CA PHE B 90 13.34 -14.83 8.53
C PHE B 90 12.89 -13.82 9.60
N VAL B 91 12.80 -12.55 9.24
CA VAL B 91 12.31 -11.50 10.12
C VAL B 91 11.04 -10.93 9.50
N PHE B 92 9.89 -11.22 10.12
CA PHE B 92 8.60 -10.80 9.57
C PHE B 92 7.68 -10.27 10.67
N GLY B 93 7.11 -9.07 10.42
CA GLY B 93 6.03 -8.53 11.23
C GLY B 93 4.72 -9.17 10.80
N GLN B 94 3.60 -8.56 11.20
CA GLN B 94 2.34 -9.16 10.78
C GLN B 94 1.22 -8.19 10.40
N SER B 95 1.37 -6.89 10.58
CA SER B 95 0.33 -5.95 10.15
C SER B 95 0.43 -5.56 8.66
N GLY B 96 1.48 -5.98 7.95
CA GLY B 96 1.73 -5.58 6.57
C GLY B 96 1.94 -4.08 6.42
N ALA B 97 2.13 -3.58 5.18
CA ALA B 97 2.41 -2.17 4.97
C ALA B 97 1.26 -1.43 4.30
N GLY B 98 0.27 -2.14 3.78
CA GLY B 98 -0.86 -1.48 3.16
C GLY B 98 -0.47 -0.65 1.96
N ASN B 99 0.56 -1.07 1.22
CA ASN B 99 0.94 -0.43 -0.04
C ASN B 99 1.37 1.03 0.16
N ASN B 100 1.82 1.39 1.36
CA ASN B 100 2.08 2.78 1.74
C ASN B 100 3.55 2.94 2.13
N TRP B 101 4.25 3.81 1.40
CA TRP B 101 5.65 4.10 1.70
C TRP B 101 5.79 4.65 3.11
N ALA B 102 4.95 5.63 3.47
CA ALA B 102 5.01 6.21 4.82
C ALA B 102 4.83 5.16 5.91
N LYS B 103 4.10 4.08 5.62
CA LYS B 103 3.96 3.05 6.65
C LYS B 103 5.21 2.18 6.74
N GLY B 104 5.83 1.87 5.60
CA GLY B 104 7.08 1.12 5.59
C GLY B 104 8.29 1.91 6.06
N HIS B 105 8.27 3.22 5.92
CA HIS B 105 9.44 4.02 6.27
C HIS B 105 9.35 4.64 7.64
N TYR B 106 8.15 4.96 8.12
CA TYR B 106 8.03 5.67 9.38
C TYR B 106 7.54 4.78 10.51
N THR B 107 6.32 4.28 10.46
CA THR B 107 5.66 3.74 11.67
C THR B 107 5.81 2.22 11.76
N GLU B 108 5.23 1.47 10.82
CA GLU B 108 5.35 0.03 10.88
C GLU B 108 6.77 -0.43 10.58
N GLY B 109 7.50 0.29 9.71
CA GLY B 109 8.88 -0.10 9.43
C GLY B 109 9.81 0.11 10.61
N ALA B 110 9.62 1.20 11.36
CA ALA B 110 10.43 1.49 12.53
C ALA B 110 10.35 0.37 13.56
N GLU B 111 9.16 -0.23 13.71
CA GLU B 111 8.93 -1.18 14.78
C GLU B 111 9.47 -2.57 14.47
N LEU B 112 9.82 -2.83 13.21
CA LEU B 112 10.46 -4.06 12.81
C LEU B 112 11.95 -3.92 12.52
N VAL B 113 12.47 -2.69 12.41
CA VAL B 113 13.78 -2.52 11.78
C VAL B 113 14.90 -3.00 12.69
N ASP B 114 14.83 -2.68 13.99
CA ASP B 114 15.91 -3.09 14.89
C ASP B 114 16.02 -4.62 14.97
N SER B 115 14.89 -5.33 14.90
CA SER B 115 14.95 -6.79 14.79
C SER B 115 15.66 -7.23 13.51
N VAL B 116 15.49 -6.50 12.41
CA VAL B 116 16.23 -6.82 11.19
C VAL B 116 17.72 -6.52 11.38
N LEU B 117 18.04 -5.35 11.94
CA LEU B 117 19.43 -4.94 12.09
C LEU B 117 20.21 -5.91 12.98
N ASP B 118 19.52 -6.55 13.94
CA ASP B 118 20.19 -7.52 14.80
C ASP B 118 20.60 -8.76 14.01
N VAL B 119 19.75 -9.20 13.06
CA VAL B 119 20.13 -10.32 12.21
C VAL B 119 21.26 -9.92 11.26
N VAL B 120 21.24 -8.68 10.78
CA VAL B 120 22.32 -8.18 9.95
C VAL B 120 23.62 -8.16 10.74
N ARG B 121 23.58 -7.62 11.96
CA ARG B 121 24.78 -7.53 12.78
C ARG B 121 25.38 -8.91 13.05
N LYS B 122 24.57 -9.96 13.20
CA LYS B 122 25.16 -11.28 13.48
C LYS B 122 25.77 -11.93 12.25
N GLU B 123 25.27 -11.64 11.05
CA GLU B 123 25.91 -12.17 9.85
C GLU B 123 27.21 -11.43 9.54
N SER B 124 27.27 -10.14 9.92
CA SER B 124 28.46 -9.31 9.71
C SER B 124 29.63 -9.76 10.58
N GLU B 125 29.37 -10.11 11.83
CA GLU B 125 30.45 -10.46 12.74
C GLU B 125 31.04 -11.83 12.42
N SER B 126 30.29 -12.71 11.76
CA SER B 126 30.85 -13.97 11.24
C SER B 126 31.50 -13.81 9.86
N CYS B 127 32.00 -12.61 9.54
CA CYS B 127 32.57 -12.29 8.23
C CYS B 127 34.00 -11.82 8.39
N ASP B 128 34.92 -12.50 7.70
CA ASP B 128 36.34 -12.22 7.85
C ASP B 128 36.67 -10.80 7.41
N CYS B 129 36.13 -10.37 6.26
CA CYS B 129 36.24 -8.98 5.81
C CYS B 129 34.99 -8.68 4.99
N LEU B 130 34.14 -7.78 5.50
CA LEU B 130 32.82 -7.54 4.93
C LEU B 130 32.92 -6.54 3.78
N GLN B 131 32.45 -6.96 2.60
CA GLN B 131 32.52 -6.16 1.39
C GLN B 131 31.35 -5.18 1.32
N GLY B 132 30.14 -5.66 1.57
CA GLY B 132 28.98 -4.79 1.67
C GLY B 132 27.67 -5.55 1.54
N PHE B 133 26.64 -4.82 1.13
CA PHE B 133 25.27 -5.29 1.15
C PHE B 133 24.63 -5.21 -0.23
N GLN B 134 23.94 -6.27 -0.60
CA GLN B 134 23.10 -6.27 -1.79
C GLN B 134 21.64 -6.47 -1.37
N LEU B 135 20.78 -5.52 -1.74
CA LEU B 135 19.37 -5.49 -1.36
C LEU B 135 18.48 -5.66 -2.59
N THR B 136 17.45 -6.53 -2.49
CA THR B 136 16.45 -6.71 -3.55
C THR B 136 15.09 -6.24 -3.05
N HIS B 137 14.48 -5.31 -3.78
CA HIS B 137 13.22 -4.74 -3.34
C HIS B 137 12.56 -4.09 -4.54
N SER B 138 11.23 -3.88 -4.43
CA SER B 138 10.50 -3.04 -5.36
C SER B 138 10.51 -1.60 -4.87
N LEU B 139 10.31 -0.66 -5.79
CA LEU B 139 10.08 0.70 -5.34
C LEU B 139 8.60 1.06 -5.27
N GLY B 140 7.74 0.27 -5.94
CA GLY B 140 6.35 0.66 -6.06
C GLY B 140 5.47 0.37 -4.86
N GLY B 141 5.83 -0.62 -4.02
CA GLY B 141 5.01 -1.03 -2.90
C GLY B 141 5.30 -0.29 -1.60
N GLY B 142 4.92 -0.93 -0.48
CA GLY B 142 5.06 -0.32 0.83
C GLY B 142 6.28 -0.77 1.62
N THR B 143 6.63 -2.05 1.49
CA THR B 143 7.62 -2.65 2.37
C THR B 143 9.01 -2.55 1.77
N GLY B 144 9.20 -3.21 0.62
CA GLY B 144 10.47 -3.14 -0.09
C GLY B 144 10.93 -1.72 -0.36
N SER B 145 10.00 -0.78 -0.50
CA SER B 145 10.45 0.58 -0.78
C SER B 145 10.45 1.46 0.46
N GLY B 146 9.34 1.50 1.22
CA GLY B 146 9.33 2.23 2.47
C GLY B 146 10.28 1.65 3.51
N MET B 147 10.18 0.34 3.77
CA MET B 147 11.04 -0.22 4.80
C MET B 147 12.43 -0.46 4.26
N GLY B 148 12.55 -0.71 2.96
CA GLY B 148 13.86 -0.95 2.37
C GLY B 148 14.76 0.27 2.47
N THR B 149 14.25 1.43 2.06
CA THR B 149 15.04 2.64 2.13
C THR B 149 15.32 3.04 3.58
N LEU B 150 14.44 2.66 4.52
CA LEU B 150 14.77 2.86 5.93
C LEU B 150 15.92 1.96 6.37
N LEU B 151 15.84 0.67 6.03
CA LEU B 151 16.94 -0.26 6.25
C LEU B 151 18.25 0.31 5.72
N ILE B 152 18.23 0.78 4.47
CA ILE B 152 19.44 1.29 3.84
C ILE B 152 20.06 2.40 4.68
N SER B 153 19.24 3.36 5.09
CA SER B 153 19.75 4.51 5.82
C SER B 153 20.41 4.09 7.13
N LYS B 154 19.86 3.07 7.79
CA LYS B 154 20.37 2.70 9.10
C LYS B 154 21.54 1.74 9.00
N ILE B 155 21.63 0.97 7.90
CA ILE B 155 22.85 0.22 7.64
C ILE B 155 23.99 1.17 7.29
N ARG B 156 23.68 2.25 6.55
CA ARG B 156 24.72 3.23 6.23
C ARG B 156 25.22 3.97 7.47
N GLU B 157 24.40 4.02 8.53
CA GLU B 157 24.82 4.69 9.75
C GLU B 157 25.68 3.77 10.62
N GLU B 158 25.45 2.46 10.55
CA GLU B 158 26.24 1.52 11.32
C GLU B 158 27.48 1.08 10.56
N TYR B 159 27.50 1.20 9.23
CA TYR B 159 28.59 0.70 8.39
C TYR B 159 28.98 1.70 7.30
N PRO B 160 29.32 2.94 7.67
CA PRO B 160 29.50 3.98 6.64
C PRO B 160 30.59 3.68 5.64
N ASP B 161 31.50 2.78 5.95
CA ASP B 161 32.61 2.44 5.06
C ASP B 161 32.29 1.28 4.12
N ARG B 162 31.07 0.73 4.15
CA ARG B 162 30.78 -0.44 3.33
C ARG B 162 29.88 -0.05 2.17
N ILE B 163 30.12 -0.69 1.03
CA ILE B 163 29.38 -0.41 -0.21
C ILE B 163 27.92 -0.80 -0.02
N MET B 164 27.01 -0.02 -0.62
CA MET B 164 25.58 -0.31 -0.58
C MET B 164 25.07 -0.47 -2.01
N ASN B 165 24.52 -1.65 -2.30
CA ASN B 165 24.15 -2.07 -3.65
C ASN B 165 22.71 -2.56 -3.63
N THR B 166 21.84 -2.01 -4.48
CA THR B 166 20.46 -2.47 -4.55
C THR B 166 20.09 -2.95 -5.94
N PHE B 167 19.23 -3.96 -5.96
CA PHE B 167 18.43 -4.27 -7.15
C PHE B 167 17.07 -3.64 -6.91
N SER B 168 16.73 -2.61 -7.68
CA SER B 168 15.53 -1.82 -7.42
C SER B 168 14.57 -1.96 -8.60
N VAL B 169 13.45 -2.66 -8.37
CA VAL B 169 12.45 -2.85 -9.40
C VAL B 169 11.57 -1.62 -9.44
N MET B 170 11.38 -1.08 -10.64
CA MET B 170 10.65 0.12 -11.01
C MET B 170 9.23 -0.23 -11.45
N PRO B 171 8.21 0.53 -11.05
CA PRO B 171 6.84 0.15 -11.42
C PRO B 171 6.46 0.66 -12.82
N SER B 172 5.45 -0.01 -13.37
CA SER B 172 4.78 0.32 -14.63
C SER B 172 3.27 0.10 -14.48
N PRO B 173 2.43 0.99 -15.02
CA PRO B 173 0.99 0.72 -15.05
C PRO B 173 0.64 -0.56 -15.80
N LYS B 174 1.57 -1.00 -16.66
CA LYS B 174 1.43 -2.24 -17.42
C LYS B 174 1.50 -3.49 -16.54
N VAL B 175 2.03 -3.38 -15.33
CA VAL B 175 1.91 -4.50 -14.39
C VAL B 175 2.02 -3.94 -12.98
N SER B 176 0.86 -3.61 -12.45
CA SER B 176 0.70 -2.78 -11.28
C SER B 176 0.05 -3.65 -10.20
N ASP B 177 0.30 -3.28 -8.94
CA ASP B 177 -0.35 -3.90 -7.79
C ASP B 177 -0.99 -2.86 -6.88
N THR B 178 -0.86 -1.57 -7.19
CA THR B 178 -1.38 -0.54 -6.31
C THR B 178 -1.37 0.79 -7.07
N VAL B 179 -2.33 1.65 -6.72
CA VAL B 179 -2.58 2.89 -7.46
C VAL B 179 -1.63 4.00 -7.08
N VAL B 180 -0.87 3.81 -5.99
CA VAL B 180 0.03 4.83 -5.49
C VAL B 180 1.49 4.50 -5.79
N GLU B 181 1.75 3.62 -6.77
CA GLU B 181 3.11 3.36 -7.21
C GLU B 181 3.93 4.62 -7.49
N PRO B 182 3.41 5.65 -8.16
CA PRO B 182 4.24 6.85 -8.37
C PRO B 182 4.69 7.52 -7.09
N TYR B 183 3.86 7.56 -6.05
CA TYR B 183 4.30 8.18 -4.79
C TYR B 183 5.40 7.35 -4.14
N ASN B 184 5.18 6.03 -4.04
CA ASN B 184 6.16 5.15 -3.40
C ASN B 184 7.51 5.19 -4.13
N ALA B 185 7.48 5.08 -5.47
CA ALA B 185 8.72 5.02 -6.22
C ALA B 185 9.50 6.33 -6.10
N THR B 186 8.79 7.46 -6.14
CA THR B 186 9.45 8.76 -6.15
C THR B 186 10.01 9.10 -4.78
N LEU B 187 9.29 8.79 -3.71
CA LEU B 187 9.86 9.01 -2.37
C LEU B 187 11.06 8.14 -2.13
N SER B 188 11.15 7.01 -2.83
CA SER B 188 12.23 6.05 -2.64
C SER B 188 13.45 6.38 -3.48
N VAL B 189 13.25 6.91 -4.68
CA VAL B 189 14.38 7.32 -5.50
C VAL B 189 15.18 8.42 -4.80
N HIS B 190 14.49 9.33 -4.11
CA HIS B 190 15.17 10.36 -3.31
C HIS B 190 16.14 9.74 -2.32
N GLN B 191 15.68 8.72 -1.59
CA GLN B 191 16.54 7.96 -0.69
C GLN B 191 17.70 7.33 -1.45
N LEU B 192 17.39 6.60 -2.53
CA LEU B 192 18.41 5.86 -3.27
C LEU B 192 19.51 6.77 -3.79
N VAL B 193 19.15 7.96 -4.28
CA VAL B 193 20.13 8.89 -4.82
C VAL B 193 21.17 9.21 -3.79
N GLU B 194 20.74 9.35 -2.55
CA GLU B 194 21.59 9.88 -1.51
C GLU B 194 22.27 8.81 -0.68
N ASN B 195 21.83 7.54 -0.74
CA ASN B 195 22.32 6.56 0.22
C ASN B 195 22.74 5.23 -0.37
N THR B 196 22.75 5.04 -1.70
CA THR B 196 23.35 3.83 -2.23
C THR B 196 24.55 4.16 -3.11
N ASP B 197 25.38 3.14 -3.31
CA ASP B 197 26.59 3.28 -4.09
C ASP B 197 26.42 2.76 -5.51
N GLU B 198 25.57 1.75 -5.71
CA GLU B 198 25.27 1.21 -7.03
C GLU B 198 23.83 0.69 -7.01
N THR B 199 23.04 1.09 -7.99
CA THR B 199 21.67 0.59 -8.12
C THR B 199 21.44 0.10 -9.54
N TYR B 200 21.03 -1.14 -9.66
CA TYR B 200 20.59 -1.69 -10.94
C TYR B 200 19.10 -1.42 -11.12
N CYS B 201 18.73 -0.70 -12.18
CA CYS B 201 17.34 -0.32 -12.41
C CYS B 201 16.62 -1.46 -13.11
N ILE B 202 15.79 -2.18 -12.37
CA ILE B 202 14.95 -3.24 -12.92
C ILE B 202 13.60 -2.62 -13.25
N ASP B 203 13.31 -2.43 -14.52
CA ASP B 203 12.08 -1.75 -14.93
C ASP B 203 11.02 -2.78 -15.27
N ASN B 204 9.96 -2.83 -14.46
CA ASN B 204 8.81 -3.65 -14.82
C ASN B 204 8.24 -3.29 -16.19
N GLU B 205 8.41 -2.05 -16.62
CA GLU B 205 8.01 -1.67 -17.97
C GLU B 205 8.84 -2.39 -19.02
N ALA B 206 10.15 -2.47 -18.80
CA ALA B 206 11.01 -3.14 -19.78
C ALA B 206 10.85 -4.64 -19.72
N LEU B 207 10.70 -5.20 -18.52
CA LEU B 207 10.43 -6.62 -18.40
C LEU B 207 9.20 -6.99 -19.22
N TYR B 208 8.06 -6.33 -18.94
CA TYR B 208 6.82 -6.60 -19.66
C TYR B 208 7.02 -6.46 -21.17
N ASP B 209 7.58 -5.33 -21.61
CA ASP B 209 7.74 -5.09 -23.04
C ASP B 209 8.58 -6.19 -23.70
N ILE B 210 9.56 -6.76 -22.97
CA ILE B 210 10.39 -7.83 -23.55
C ILE B 210 9.57 -9.11 -23.70
N CYS B 211 8.85 -9.50 -22.65
CA CYS B 211 8.02 -10.69 -22.73
C CYS B 211 6.97 -10.59 -23.84
N PHE B 212 6.30 -9.44 -23.92
CA PHE B 212 5.21 -9.29 -24.88
C PHE B 212 5.72 -9.23 -26.31
N ARG B 213 6.80 -8.49 -26.56
CA ARG B 213 7.24 -8.16 -27.92
C ARG B 213 8.29 -9.15 -28.45
N THR B 214 9.43 -9.27 -27.78
CA THR B 214 10.47 -10.21 -28.21
C THR B 214 10.06 -11.66 -27.93
N LEU B 215 9.72 -11.97 -26.68
CA LEU B 215 9.38 -13.34 -26.31
C LEU B 215 7.97 -13.74 -26.72
N LYS B 216 7.18 -12.83 -27.28
CA LYS B 216 5.89 -13.16 -27.90
C LYS B 216 4.89 -13.77 -26.92
N LEU B 217 5.02 -13.47 -25.63
CA LEU B 217 4.06 -13.97 -24.65
C LEU B 217 2.87 -13.02 -24.59
N THR B 218 1.68 -13.54 -24.91
CA THR B 218 0.51 -12.68 -25.03
C THR B 218 0.24 -11.94 -23.75
N THR B 219 0.16 -12.66 -22.62
CA THR B 219 -0.11 -12.05 -21.33
C THR B 219 0.99 -12.45 -20.35
N PRO B 220 2.01 -11.60 -20.22
CA PRO B 220 3.10 -11.89 -19.27
C PRO B 220 2.61 -12.04 -17.84
N THR B 221 3.22 -12.98 -17.12
CA THR B 221 3.04 -13.20 -15.68
C THR B 221 4.32 -12.81 -14.95
N TYR B 222 4.21 -12.68 -13.62
CA TYR B 222 5.38 -12.34 -12.83
C TYR B 222 6.51 -13.36 -13.00
N GLY B 223 6.18 -14.64 -13.21
CA GLY B 223 7.22 -15.62 -13.47
C GLY B 223 8.00 -15.31 -14.73
N ASP B 224 7.31 -14.85 -15.77
CA ASP B 224 7.97 -14.47 -17.01
C ASP B 224 8.93 -13.30 -16.80
N LEU B 225 8.46 -12.27 -16.07
CA LEU B 225 9.31 -11.14 -15.70
C LEU B 225 10.49 -11.60 -14.85
N ASN B 226 10.22 -12.41 -13.82
CA ASN B 226 11.28 -12.85 -12.93
C ASN B 226 12.22 -13.85 -13.60
N HIS B 227 11.88 -14.40 -14.76
CA HIS B 227 12.86 -15.21 -15.49
C HIS B 227 13.93 -14.33 -16.11
N LEU B 228 13.54 -13.13 -16.56
CA LEU B 228 14.51 -12.17 -17.05
C LEU B 228 15.39 -11.67 -15.92
N VAL B 229 14.77 -11.27 -14.81
CA VAL B 229 15.52 -10.75 -13.68
C VAL B 229 16.51 -11.77 -13.15
N SER B 230 16.12 -13.05 -13.10
CA SER B 230 17.05 -14.03 -12.56
C SER B 230 18.27 -14.17 -13.47
N ALA B 231 18.06 -14.10 -14.80
CA ALA B 231 19.18 -14.21 -15.73
C ALA B 231 20.10 -13.01 -15.61
N THR B 232 19.52 -11.83 -15.38
CA THR B 232 20.28 -10.61 -15.15
C THR B 232 21.08 -10.67 -13.85
N MET B 233 20.43 -11.01 -12.74
CA MET B 233 21.15 -11.05 -11.47
C MET B 233 22.30 -12.04 -11.52
N SER B 234 22.12 -13.15 -12.23
CA SER B 234 23.23 -14.07 -12.39
C SER B 234 24.35 -13.44 -13.19
N GLY B 235 24.02 -12.68 -14.24
CA GLY B 235 25.04 -12.13 -15.11
C GLY B 235 25.88 -11.06 -14.44
N VAL B 236 25.25 -10.16 -13.67
CA VAL B 236 26.01 -9.09 -13.05
C VAL B 236 26.81 -9.53 -11.84
N THR B 237 26.47 -10.64 -11.20
CA THR B 237 27.29 -11.10 -10.10
C THR B 237 28.33 -12.13 -10.55
N THR B 238 28.42 -12.40 -11.84
CA THR B 238 29.30 -13.46 -12.34
C THR B 238 30.75 -13.22 -11.90
N CYS B 239 31.23 -12.00 -12.07
CA CYS B 239 32.63 -11.70 -11.75
C CYS B 239 32.89 -11.63 -10.26
N LEU B 240 31.83 -11.54 -9.44
CA LEU B 240 32.01 -11.63 -8.00
C LEU B 240 32.03 -13.07 -7.53
N ARG B 241 31.34 -13.95 -8.23
CA ARG B 241 31.17 -15.33 -7.75
C ARG B 241 32.19 -16.27 -8.35
N PHE B 242 32.61 -16.02 -9.58
CA PHE B 242 33.58 -16.90 -10.19
C PHE B 242 34.89 -16.16 -10.39
N PRO B 243 35.99 -16.78 -10.02
CA PRO B 243 37.29 -16.11 -10.15
C PRO B 243 37.64 -15.87 -11.60
N GLY B 244 38.00 -14.62 -11.90
CA GLY B 244 38.61 -14.28 -13.17
C GLY B 244 39.82 -13.40 -12.92
N GLN B 245 40.50 -13.04 -14.00
CA GLN B 245 41.73 -12.25 -13.87
C GLN B 245 41.47 -10.89 -13.24
N LEU B 246 40.21 -10.44 -13.23
CA LEU B 246 39.93 -9.09 -12.75
C LEU B 246 39.82 -9.01 -11.24
N ASN B 247 39.55 -10.15 -10.58
CA ASN B 247 39.25 -10.18 -9.15
C ASN B 247 38.30 -9.05 -8.81
N ALA B 248 37.05 -9.13 -9.29
CA ALA B 248 36.11 -8.04 -9.11
C ALA B 248 35.50 -8.04 -7.71
N ASP B 249 35.16 -6.84 -7.23
CA ASP B 249 34.40 -6.67 -6.01
C ASP B 249 33.52 -5.43 -6.16
N LEU B 250 32.67 -5.19 -5.15
CA LEU B 250 31.70 -4.10 -5.25
C LEU B 250 32.33 -2.72 -5.14
N ARG B 251 33.46 -2.56 -4.44
CA ARG B 251 34.05 -1.23 -4.34
C ARG B 251 34.76 -0.85 -5.64
N LYS B 252 35.46 -1.81 -6.25
CA LYS B 252 36.08 -1.50 -7.53
C LYS B 252 35.03 -1.28 -8.61
N LEU B 253 33.92 -1.98 -8.54
CA LEU B 253 32.85 -1.74 -9.51
C LEU B 253 32.36 -0.30 -9.40
N ALA B 254 32.08 0.15 -8.17
CA ALA B 254 31.60 1.50 -7.98
C ALA B 254 32.66 2.55 -8.35
N VAL B 255 33.95 2.24 -8.18
CA VAL B 255 34.96 3.24 -8.47
C VAL B 255 35.13 3.44 -9.97
N ASN B 256 35.06 2.36 -10.74
CA ASN B 256 35.22 2.46 -12.19
C ASN B 256 33.93 2.82 -12.92
N MET B 257 32.77 2.59 -12.31
CA MET B 257 31.52 2.84 -12.99
C MET B 257 30.85 4.15 -12.59
N VAL B 258 31.21 4.75 -11.46
CA VAL B 258 30.49 5.94 -10.99
C VAL B 258 31.39 7.17 -11.03
N PRO B 259 31.35 7.96 -12.12
CA PRO B 259 32.20 9.17 -12.19
C PRO B 259 31.73 10.32 -11.32
N PHE B 260 30.47 10.31 -10.88
CA PHE B 260 29.93 11.35 -10.05
C PHE B 260 28.99 10.68 -9.07
N PRO B 261 29.07 11.05 -7.79
CA PRO B 261 28.40 10.25 -6.76
C PRO B 261 26.89 10.11 -6.95
N ARG B 262 26.19 11.10 -7.50
CA ARG B 262 24.74 10.92 -7.65
C ARG B 262 24.41 9.95 -8.78
N LEU B 263 25.25 9.88 -9.81
CA LEU B 263 24.91 9.12 -11.02
C LEU B 263 25.35 7.67 -10.88
N HIS B 264 24.63 6.93 -10.06
CA HIS B 264 24.96 5.54 -9.74
C HIS B 264 23.79 4.59 -10.03
N PHE B 265 23.01 4.87 -11.07
CA PHE B 265 21.90 4.02 -11.50
C PHE B 265 22.25 3.39 -12.85
N PHE B 266 22.17 2.06 -12.91
CA PHE B 266 22.70 1.30 -14.05
C PHE B 266 21.58 0.70 -14.88
N MET B 267 21.79 0.69 -16.20
CA MET B 267 20.93 -0.03 -17.13
C MET B 267 21.47 -1.44 -17.31
N PRO B 268 20.79 -2.45 -16.84
CA PRO B 268 21.23 -3.83 -17.11
C PRO B 268 20.73 -4.33 -18.45
N GLY B 269 21.53 -5.19 -19.08
CA GLY B 269 21.16 -5.80 -20.33
C GLY B 269 21.54 -7.27 -20.35
N PHE B 270 20.87 -8.02 -21.20
CA PHE B 270 21.10 -9.46 -21.27
C PHE B 270 20.89 -9.95 -22.69
N ALA B 271 21.69 -10.92 -23.11
CA ALA B 271 21.43 -11.61 -24.38
C ALA B 271 21.97 -13.03 -24.29
N PRO B 272 21.29 -14.01 -24.90
CA PRO B 272 20.03 -13.87 -25.64
C PRO B 272 18.83 -13.78 -24.72
N LEU B 273 17.69 -13.34 -25.24
CA LEU B 273 16.46 -13.28 -24.45
C LEU B 273 15.69 -14.58 -24.61
N THR B 274 15.32 -15.18 -23.49
CA THR B 274 14.72 -16.50 -23.50
C THR B 274 13.45 -16.50 -22.64
N SER B 275 12.48 -17.30 -23.07
CA SER B 275 11.31 -17.56 -22.27
C SER B 275 11.55 -18.79 -21.38
N ARG B 276 10.73 -18.90 -20.35
CA ARG B 276 10.79 -20.08 -19.48
C ARG B 276 10.45 -21.33 -20.28
N GLY B 277 11.29 -22.35 -20.15
CA GLY B 277 11.01 -23.62 -20.82
C GLY B 277 11.87 -23.91 -22.03
N SER B 278 11.72 -23.12 -23.09
CA SER B 278 12.40 -23.38 -24.37
C SER B 278 13.92 -23.47 -24.23
N LEU B 284 22.77 -15.64 -31.46
CA LEU B 284 23.54 -16.61 -30.67
C LEU B 284 25.07 -16.49 -30.90
N THR B 285 25.50 -16.01 -32.06
CA THR B 285 26.93 -15.92 -32.33
C THR B 285 27.55 -14.79 -31.52
N VAL B 286 28.87 -14.86 -31.35
CA VAL B 286 29.58 -13.84 -30.57
C VAL B 286 29.45 -12.44 -31.17
N PRO B 287 29.71 -12.23 -32.49
CA PRO B 287 29.52 -10.86 -33.01
C PRO B 287 28.15 -10.30 -32.73
N GLU B 288 27.11 -11.13 -32.81
CA GLU B 288 25.76 -10.67 -32.53
C GLU B 288 25.56 -10.45 -31.03
N LEU B 289 26.16 -11.30 -30.18
CA LEU B 289 26.12 -11.07 -28.74
C LEU B 289 26.65 -9.69 -28.39
N THR B 290 27.71 -9.27 -29.06
CA THR B 290 28.25 -7.93 -28.87
C THR B 290 27.20 -6.86 -29.18
N GLN B 291 26.48 -7.04 -30.30
CA GLN B 291 25.60 -5.97 -30.77
C GLN B 291 24.38 -5.81 -29.87
N GLN B 292 23.88 -6.91 -29.27
CA GLN B 292 22.69 -6.78 -28.43
C GLN B 292 22.91 -5.84 -27.25
N MET B 293 24.16 -5.41 -27.02
CA MET B 293 24.47 -4.34 -26.06
C MET B 293 23.69 -3.07 -26.34
N PHE B 294 23.56 -2.69 -27.61
CA PHE B 294 22.92 -1.45 -27.99
C PHE B 294 21.45 -1.61 -28.30
N ASP B 295 20.97 -2.84 -28.44
CA ASP B 295 19.56 -3.08 -28.68
C ASP B 295 18.78 -2.69 -27.44
N SER B 296 17.89 -1.70 -27.57
CA SER B 296 17.02 -1.34 -26.46
C SER B 296 16.05 -2.46 -26.13
N LYS B 297 15.84 -3.36 -27.09
CA LYS B 297 15.06 -4.57 -26.84
C LYS B 297 15.71 -5.47 -25.79
N ASN B 298 17.02 -5.34 -25.56
CA ASN B 298 17.74 -6.20 -24.61
C ASN B 298 18.00 -5.51 -23.26
N MET B 299 17.39 -4.34 -23.02
CA MET B 299 17.59 -3.54 -21.80
C MET B 299 16.50 -3.81 -20.76
N MET B 300 16.90 -3.82 -19.47
CA MET B 300 15.94 -4.06 -18.40
C MET B 300 15.49 -2.77 -17.72
N ALA B 301 15.99 -1.62 -18.18
CA ALA B 301 15.35 -0.33 -17.94
C ALA B 301 14.77 0.13 -19.26
N ALA B 302 13.56 0.73 -19.21
CA ALA B 302 12.84 1.09 -20.44
C ALA B 302 13.36 2.44 -20.94
N CYS B 303 14.53 2.35 -21.57
CA CYS B 303 15.31 3.48 -22.03
C CYS B 303 16.02 3.01 -23.28
N ASP B 304 16.15 3.90 -24.27
CA ASP B 304 16.84 3.62 -25.51
C ASP B 304 18.27 4.15 -25.40
N PRO B 305 19.28 3.29 -25.30
CA PRO B 305 20.66 3.78 -25.16
C PRO B 305 21.11 4.74 -26.26
N ARG B 306 20.71 4.54 -27.52
CA ARG B 306 20.98 5.57 -28.57
C ARG B 306 20.18 6.87 -28.37
N HIS B 307 19.51 7.09 -27.24
CA HIS B 307 18.93 8.38 -26.85
C HIS B 307 19.88 9.19 -26.00
N GLY B 308 20.99 8.61 -25.58
CA GLY B 308 21.93 9.31 -24.75
C GLY B 308 23.35 8.83 -25.00
N ARG B 309 24.20 8.95 -23.98
CA ARG B 309 25.58 8.50 -24.06
C ARG B 309 25.90 7.62 -22.85
N TYR B 310 26.78 6.64 -23.07
CA TYR B 310 27.29 5.80 -21.98
C TYR B 310 28.46 6.53 -21.33
N LEU B 311 28.38 6.74 -20.02
CA LEU B 311 29.58 7.14 -19.27
C LEU B 311 30.55 5.97 -19.16
N THR B 312 30.07 4.83 -18.70
CA THR B 312 30.91 3.64 -18.52
C THR B 312 30.08 2.39 -18.80
N VAL B 313 30.76 1.33 -19.22
CA VAL B 313 30.08 0.07 -19.54
C VAL B 313 30.91 -1.09 -19.02
N ALA B 314 30.24 -2.04 -18.37
CA ALA B 314 30.79 -3.35 -18.08
C ALA B 314 30.03 -4.42 -18.85
N ALA B 315 30.75 -5.32 -19.54
CA ALA B 315 30.16 -6.46 -20.25
C ALA B 315 30.80 -7.76 -19.77
N ILE B 316 29.95 -8.73 -19.40
CA ILE B 316 30.37 -10.09 -19.07
C ILE B 316 29.93 -11.00 -20.21
N PHE B 317 30.87 -11.77 -20.74
CA PHE B 317 30.57 -12.81 -21.71
C PHE B 317 30.77 -14.15 -21.03
N ARG B 318 29.78 -15.02 -21.14
CA ARG B 318 29.79 -16.31 -20.45
C ARG B 318 29.64 -17.42 -21.47
N GLY B 319 30.47 -18.44 -21.34
CA GLY B 319 30.51 -19.55 -22.27
C GLY B 319 31.88 -19.71 -22.85
N ARG B 320 32.02 -20.75 -23.66
CA ARG B 320 33.28 -20.99 -24.35
C ARG B 320 33.29 -20.16 -25.62
N MET B 321 34.31 -19.31 -25.77
CA MET B 321 34.38 -18.33 -26.85
C MET B 321 35.73 -17.63 -26.79
N SER B 322 36.15 -17.11 -27.94
CA SER B 322 37.49 -16.53 -28.10
C SER B 322 37.57 -15.15 -27.44
N MET B 323 38.46 -15.00 -26.45
CA MET B 323 38.69 -13.70 -25.87
C MET B 323 39.29 -12.73 -26.89
N LYS B 324 39.90 -13.26 -27.97
CA LYS B 324 40.32 -12.40 -29.08
C LYS B 324 39.11 -11.95 -29.90
N GLU B 325 38.21 -12.88 -30.25
CA GLU B 325 37.04 -12.50 -31.04
C GLU B 325 36.12 -11.54 -30.27
N VAL B 326 35.99 -11.73 -28.95
CA VAL B 326 35.18 -10.83 -28.14
C VAL B 326 35.78 -9.43 -28.13
N ASP B 327 37.09 -9.34 -27.83
CA ASP B 327 37.73 -8.03 -27.75
C ASP B 327 37.68 -7.30 -29.09
N GLU B 328 37.81 -8.03 -30.20
CA GLU B 328 37.71 -7.40 -31.51
C GLU B 328 36.34 -6.78 -31.72
N GLN B 329 35.29 -7.55 -31.47
CA GLN B 329 33.94 -7.08 -31.76
C GLN B 329 33.52 -5.97 -30.81
N MET B 330 33.98 -6.01 -29.55
CA MET B 330 33.69 -4.92 -28.62
C MET B 330 34.28 -3.60 -29.12
N LEU B 331 35.55 -3.61 -29.50
CA LEU B 331 36.17 -2.38 -29.99
C LEU B 331 35.49 -1.90 -31.27
N ASN B 332 35.15 -2.81 -32.17
CA ASN B 332 34.48 -2.42 -33.40
C ASN B 332 33.13 -1.78 -33.11
N VAL B 333 32.38 -2.30 -32.14
CA VAL B 333 31.15 -1.63 -31.74
C VAL B 333 31.43 -0.21 -31.28
N GLN B 334 32.39 -0.05 -30.36
CA GLN B 334 32.69 1.28 -29.83
C GLN B 334 33.14 2.27 -30.91
N ASN B 335 33.93 1.80 -31.88
CA ASN B 335 34.34 2.68 -32.99
C ASN B 335 33.15 3.05 -33.88
N LYS B 336 32.33 2.05 -34.26
CA LYS B 336 31.16 2.32 -35.11
C LYS B 336 30.13 3.18 -34.41
N ASN B 337 30.00 3.04 -33.10
CA ASN B 337 29.01 3.78 -32.34
C ASN B 337 29.65 4.85 -31.47
N SER B 338 30.83 5.30 -31.90
CA SER B 338 31.62 6.34 -31.23
C SER B 338 30.76 7.42 -30.61
N SER B 339 29.75 7.90 -31.33
CA SER B 339 28.94 9.03 -30.89
C SER B 339 28.13 8.74 -29.62
N TYR B 340 28.01 7.48 -29.21
CA TYR B 340 27.15 7.14 -28.07
C TYR B 340 27.95 6.80 -26.80
N PHE B 341 29.30 6.87 -26.85
CA PHE B 341 30.16 6.90 -25.67
C PHE B 341 30.67 8.32 -25.47
N VAL B 342 31.02 8.68 -24.24
CA VAL B 342 31.53 10.02 -23.95
C VAL B 342 33.02 10.10 -24.28
N GLU B 343 33.40 11.22 -24.89
CA GLU B 343 34.80 11.42 -25.26
C GLU B 343 35.67 11.57 -24.02
N TRP B 344 35.17 12.27 -23.00
CA TRP B 344 35.96 12.63 -21.84
C TRP B 344 36.15 11.50 -20.82
N ILE B 345 35.79 10.27 -21.15
CA ILE B 345 36.20 9.13 -20.33
C ILE B 345 36.81 8.10 -21.26
N PRO B 346 38.13 8.12 -21.43
CA PRO B 346 38.78 7.15 -22.33
C PRO B 346 38.66 5.72 -21.86
N ASN B 347 38.52 4.80 -22.82
CA ASN B 347 38.57 3.36 -22.56
C ASN B 347 37.56 2.94 -21.50
N ASN B 348 36.30 3.26 -21.78
CA ASN B 348 35.28 3.20 -20.75
C ASN B 348 34.41 1.95 -20.87
N VAL B 349 34.92 0.91 -21.54
CA VAL B 349 34.18 -0.35 -21.74
C VAL B 349 35.11 -1.50 -21.40
N LYS B 350 34.94 -2.10 -20.21
CA LYS B 350 35.76 -3.25 -19.79
C LYS B 350 34.99 -4.55 -19.99
N THR B 351 35.68 -5.56 -20.52
CA THR B 351 35.07 -6.84 -20.85
C THR B 351 35.73 -7.97 -20.07
N ALA B 352 34.93 -8.73 -19.33
CA ALA B 352 35.37 -9.97 -18.73
C ALA B 352 34.72 -11.15 -19.42
N VAL B 353 35.50 -12.20 -19.67
CA VAL B 353 35.00 -13.46 -20.19
C VAL B 353 35.23 -14.53 -19.14
N CYS B 354 34.19 -15.32 -18.86
CA CYS B 354 34.20 -16.38 -17.86
C CYS B 354 33.66 -17.66 -18.47
N ASP B 355 34.44 -18.74 -18.36
CA ASP B 355 34.18 -19.98 -19.12
C ASP B 355 32.86 -20.64 -18.77
N ILE B 356 32.34 -20.41 -17.56
CA ILE B 356 31.19 -21.16 -17.04
C ILE B 356 29.89 -20.62 -17.63
N PRO B 357 29.14 -21.43 -18.38
CA PRO B 357 27.91 -20.93 -19.02
C PRO B 357 26.73 -21.02 -18.09
N PRO B 358 25.77 -20.11 -18.22
CA PRO B 358 24.50 -20.24 -17.48
C PRO B 358 23.74 -21.48 -17.93
N ARG B 359 22.80 -21.93 -17.09
CA ARG B 359 22.13 -23.21 -17.35
C ARG B 359 21.23 -23.10 -18.58
N GLY B 360 21.15 -24.18 -19.34
CA GLY B 360 20.36 -24.19 -20.55
C GLY B 360 20.83 -23.26 -21.63
N LEU B 361 22.07 -22.78 -21.55
CA LEU B 361 22.62 -21.87 -22.55
C LEU B 361 24.09 -22.17 -22.76
N LYS B 362 24.54 -22.07 -24.00
CA LYS B 362 25.96 -22.23 -24.26
C LYS B 362 26.70 -20.89 -24.21
N MET B 363 26.09 -19.82 -24.71
CA MET B 363 26.73 -18.51 -24.80
C MET B 363 25.75 -17.43 -24.38
N SER B 364 26.19 -16.57 -23.46
CA SER B 364 25.39 -15.47 -22.95
C SER B 364 26.27 -14.24 -22.81
N ALA B 365 25.63 -13.08 -22.78
CA ALA B 365 26.32 -11.84 -22.49
C ALA B 365 25.42 -10.99 -21.63
N THR B 366 26.05 -10.20 -20.76
CA THR B 366 25.36 -9.39 -19.77
C THR B 366 26.01 -8.02 -19.77
N PHE B 367 25.20 -6.97 -19.79
CA PHE B 367 25.71 -5.62 -19.92
C PHE B 367 25.28 -4.80 -18.72
N ILE B 368 26.22 -4.06 -18.14
CA ILE B 368 25.95 -3.09 -17.08
C ILE B 368 26.36 -1.73 -17.62
N GLY B 369 25.40 -0.83 -17.74
CA GLY B 369 25.64 0.46 -18.38
C GLY B 369 25.28 1.62 -17.48
N ASN B 370 26.15 2.62 -17.43
CA ASN B 370 25.82 3.93 -16.86
C ASN B 370 25.57 4.87 -18.04
N SER B 371 24.30 4.99 -18.44
CA SER B 371 23.89 5.80 -19.59
C SER B 371 23.09 7.00 -19.13
N THR B 372 23.38 8.16 -19.72
CA THR B 372 22.52 9.32 -19.48
C THR B 372 21.09 9.09 -19.96
N ALA B 373 20.85 8.05 -20.75
CA ALA B 373 19.52 7.68 -21.19
C ALA B 373 18.63 7.21 -20.04
N ILE B 374 19.24 6.77 -18.92
CA ILE B 374 18.46 6.39 -17.75
C ILE B 374 17.57 7.52 -17.25
N GLN B 375 17.79 8.76 -17.72
CA GLN B 375 16.90 9.85 -17.32
C GLN B 375 15.48 9.63 -17.81
N GLU B 376 15.28 8.76 -18.81
CA GLU B 376 13.92 8.51 -19.30
C GLU B 376 13.10 7.75 -18.30
N LEU B 377 13.70 6.76 -17.66
CA LEU B 377 13.03 6.05 -16.56
C LEU B 377 12.53 7.02 -15.50
N PHE B 378 13.41 7.92 -15.05
CA PHE B 378 13.04 8.91 -14.06
C PHE B 378 12.06 9.96 -14.58
N LYS B 379 12.18 10.36 -15.86
CA LYS B 379 11.19 11.32 -16.36
C LYS B 379 9.80 10.70 -16.41
N ARG B 380 9.71 9.41 -16.71
CA ARG B 380 8.41 8.76 -16.72
C ARG B 380 7.85 8.61 -15.31
N ILE B 381 8.70 8.22 -14.34
CA ILE B 381 8.19 8.20 -12.96
C ILE B 381 7.77 9.61 -12.55
N SER B 382 8.54 10.61 -12.95
CA SER B 382 8.24 12.00 -12.59
C SER B 382 6.89 12.45 -13.14
N GLU B 383 6.57 12.11 -14.39
CA GLU B 383 5.31 12.54 -14.99
C GLU B 383 4.12 11.89 -14.29
N GLN B 384 4.22 10.58 -14.00
CA GLN B 384 3.17 9.90 -13.24
C GLN B 384 2.98 10.53 -11.87
N PHE B 385 4.09 10.84 -11.18
CA PHE B 385 4.00 11.49 -9.88
C PHE B 385 3.24 12.80 -9.96
N THR B 386 3.59 13.66 -10.93
CA THR B 386 2.98 14.97 -11.03
C THR B 386 1.51 14.88 -11.45
N ALA B 387 1.14 13.86 -12.23
CA ALA B 387 -0.25 13.72 -12.61
C ALA B 387 -1.13 13.51 -11.38
N MET B 388 -0.60 12.80 -10.37
CA MET B 388 -1.37 12.55 -9.15
C MET B 388 -1.22 13.67 -8.15
N PHE B 389 -0.01 14.16 -7.96
CA PHE B 389 0.27 15.06 -6.86
C PHE B 389 -0.25 16.47 -7.15
N ARG B 390 -0.48 16.76 -8.43
CA ARG B 390 -1.08 18.03 -8.83
C ARG B 390 -2.49 18.15 -8.25
N ARG B 391 -3.16 17.01 -8.04
CA ARG B 391 -4.50 16.89 -7.49
C ARG B 391 -4.51 16.42 -6.05
N LYS B 392 -3.34 16.21 -5.44
CA LYS B 392 -3.23 15.68 -4.08
C LYS B 392 -4.00 14.37 -3.91
N ALA B 393 -4.12 13.60 -4.98
CA ALA B 393 -4.83 12.33 -4.90
C ALA B 393 -4.14 11.38 -3.93
N PHE B 394 -4.92 10.75 -3.05
CA PHE B 394 -4.44 9.78 -2.08
C PHE B 394 -3.42 10.36 -1.12
N LEU B 395 -3.27 11.68 -1.08
CA LEU B 395 -2.27 12.30 -0.22
C LEU B 395 -2.59 12.12 1.27
N HIS B 396 -3.87 12.05 1.63
CA HIS B 396 -4.23 12.04 3.04
C HIS B 396 -3.79 10.75 3.74
N TRP B 397 -3.63 9.65 2.99
CA TRP B 397 -3.10 8.42 3.60
C TRP B 397 -1.65 8.61 4.04
N TYR B 398 -0.89 9.45 3.33
CA TYR B 398 0.49 9.73 3.74
C TYR B 398 0.56 10.77 4.85
N THR B 399 -0.22 11.86 4.74
CA THR B 399 -0.20 12.87 5.80
C THR B 399 -0.70 12.28 7.11
N GLY B 400 -1.64 11.34 7.04
CA GLY B 400 -2.12 10.66 8.23
C GLY B 400 -1.05 9.89 8.95
N GLU B 401 -0.01 9.45 8.24
CA GLU B 401 1.12 8.76 8.84
C GLU B 401 2.15 9.71 9.41
N GLY B 402 1.94 11.03 9.28
CA GLY B 402 2.82 12.02 9.86
C GLY B 402 3.65 12.80 8.85
N MET B 403 3.66 12.38 7.59
CA MET B 403 4.45 13.08 6.58
C MET B 403 3.87 14.45 6.27
N ASP B 404 4.74 15.44 6.25
CA ASP B 404 4.39 16.70 5.62
C ASP B 404 4.41 16.53 4.11
N GLU B 405 3.64 17.36 3.40
CA GLU B 405 3.67 17.32 1.94
C GLU B 405 4.95 17.94 1.37
N MET B 406 5.70 18.69 2.18
CA MET B 406 7.02 19.15 1.76
C MET B 406 7.90 17.99 1.33
N GLU B 407 7.84 16.86 2.03
CA GLU B 407 8.67 15.73 1.64
C GLU B 407 8.36 15.27 0.23
N PHE B 408 7.12 15.45 -0.23
CA PHE B 408 6.76 15.01 -1.56
C PHE B 408 7.44 15.88 -2.63
N THR B 409 7.40 17.19 -2.46
CA THR B 409 7.98 18.08 -3.45
C THR B 409 9.50 17.98 -3.48
N GLU B 410 10.15 17.94 -2.31
CA GLU B 410 11.60 17.73 -2.25
C GLU B 410 12.02 16.41 -2.88
N ALA B 411 11.17 15.40 -2.82
CA ALA B 411 11.56 14.13 -3.43
C ALA B 411 11.51 14.19 -4.96
N GLU B 412 10.64 15.04 -5.56
CA GLU B 412 10.58 15.08 -7.03
C GLU B 412 11.53 16.18 -7.48
N SER B 413 11.60 17.30 -6.74
CA SER B 413 12.59 18.29 -7.11
C SER B 413 13.99 17.69 -7.10
N ASN B 414 14.24 16.74 -6.18
CA ASN B 414 15.50 16.01 -6.22
C ASN B 414 15.60 15.12 -7.46
N MET B 415 14.55 14.32 -7.74
CA MET B 415 14.54 13.44 -8.89
C MET B 415 14.54 14.18 -10.22
N ASN B 416 14.00 15.41 -10.25
CA ASN B 416 14.17 16.22 -11.45
C ASN B 416 15.59 16.76 -11.56
N ASP B 417 16.25 17.01 -10.43
CA ASP B 417 17.64 17.43 -10.47
C ASP B 417 18.52 16.33 -11.03
N LEU B 418 18.28 15.09 -10.59
CA LEU B 418 19.03 13.95 -11.12
C LEU B 418 18.81 13.80 -12.61
N VAL B 419 17.63 14.16 -13.09
CA VAL B 419 17.34 14.09 -14.52
C VAL B 419 18.13 15.16 -15.26
N SER B 420 18.16 16.38 -14.71
CA SER B 420 18.92 17.46 -15.33
C SER B 420 20.41 17.21 -15.20
N GLU B 421 20.84 16.57 -14.11
CA GLU B 421 22.25 16.20 -13.98
C GLU B 421 22.65 15.16 -15.03
N TYR B 422 21.80 14.14 -15.25
CA TYR B 422 22.05 13.19 -16.34
C TYR B 422 22.03 13.88 -17.71
N GLN B 423 21.19 14.92 -17.85
CA GLN B 423 21.16 15.66 -19.11
C GLN B 423 22.43 16.51 -19.26
N GLN B 424 22.88 17.14 -18.18
CA GLN B 424 24.04 18.04 -18.22
C GLN B 424 25.26 17.35 -18.82
N TYR B 425 25.49 16.08 -18.46
CA TYR B 425 26.63 15.36 -19.00
C TYR B 425 26.37 14.74 -20.37
N GLN B 426 25.10 14.59 -20.75
CA GLN B 426 24.78 14.13 -22.10
C GLN B 426 25.24 15.13 -23.16
N ASP B 427 25.29 16.42 -22.81
CA ASP B 427 25.66 17.49 -23.73
C ASP B 427 27.09 17.96 -23.55
N ALA B 428 27.73 17.63 -22.42
CA ALA B 428 29.12 17.99 -22.16
C ALA B 428 30.03 17.46 -23.26
N THR B 429 30.89 18.34 -23.78
CA THR B 429 31.84 18.01 -24.85
C THR B 429 33.29 18.07 -24.34
N ALA B 430 34.21 17.72 -25.24
CA ALA B 430 35.65 17.84 -24.99
C ALA B 430 36.21 19.07 -25.72
N MET C 1 -3.94 -12.29 15.65
CA MET C 1 -3.37 -11.32 14.71
C MET C 1 -4.38 -10.94 13.63
N ARG C 2 -4.31 -9.68 13.18
CA ARG C 2 -5.04 -9.21 12.01
C ARG C 2 -6.55 -9.42 12.18
N GLU C 3 -7.05 -9.21 13.38
CA GLU C 3 -8.46 -9.43 13.65
C GLU C 3 -9.33 -8.25 13.22
N CYS C 4 -10.58 -8.56 12.84
CA CYS C 4 -11.60 -7.58 12.47
C CYS C 4 -12.85 -7.78 13.34
N ILE C 5 -13.33 -6.69 13.94
CA ILE C 5 -14.56 -6.71 14.74
C ILE C 5 -15.74 -6.28 13.87
N SER C 6 -16.73 -7.16 13.71
CA SER C 6 -17.94 -6.85 12.98
C SER C 6 -19.04 -6.36 13.92
N ILE C 7 -19.70 -5.26 13.56
CA ILE C 7 -20.78 -4.70 14.37
C ILE C 7 -22.01 -4.57 13.48
N HIS C 8 -23.14 -5.14 13.93
CA HIS C 8 -24.38 -5.16 13.16
C HIS C 8 -25.45 -4.39 13.93
N VAL C 9 -26.03 -3.38 13.29
CA VAL C 9 -26.88 -2.40 13.95
C VAL C 9 -28.28 -2.40 13.33
N GLY C 10 -29.30 -2.51 14.18
CA GLY C 10 -30.67 -2.40 13.76
C GLY C 10 -31.09 -3.60 12.94
N GLN C 11 -32.34 -3.55 12.47
CA GLN C 11 -32.92 -4.67 11.75
C GLN C 11 -32.03 -5.10 10.58
N ALA C 12 -31.84 -4.19 9.60
CA ALA C 12 -31.08 -4.53 8.40
C ALA C 12 -29.69 -5.05 8.75
N GLY C 13 -28.97 -4.32 9.60
CA GLY C 13 -27.65 -4.77 10.01
C GLY C 13 -27.65 -6.17 10.60
N VAL C 14 -28.63 -6.46 11.46
CA VAL C 14 -28.64 -7.76 12.13
C VAL C 14 -29.03 -8.85 11.13
N GLN C 15 -30.05 -8.60 10.31
CA GLN C 15 -30.52 -9.66 9.43
C GLN C 15 -29.44 -10.03 8.42
N ILE C 16 -28.65 -9.06 7.97
CA ILE C 16 -27.54 -9.35 7.07
C ILE C 16 -26.42 -10.08 7.79
N GLY C 17 -26.10 -9.66 9.01
CA GLY C 17 -25.18 -10.44 9.85
C GLY C 17 -25.51 -11.92 9.89
N ASN C 18 -26.81 -12.26 9.94
CA ASN C 18 -27.20 -13.68 9.95
C ASN C 18 -26.73 -14.39 8.70
N ALA C 19 -27.05 -13.81 7.53
CA ALA C 19 -26.68 -14.45 6.28
C ALA C 19 -25.17 -14.55 6.12
N CYS C 20 -24.43 -13.55 6.62
CA CYS C 20 -22.98 -13.54 6.47
C CYS C 20 -22.31 -14.56 7.37
N TRP C 21 -22.60 -14.49 8.68
CA TRP C 21 -21.96 -15.41 9.61
C TRP C 21 -22.35 -16.85 9.31
N GLU C 22 -23.59 -17.07 8.86
CA GLU C 22 -23.98 -18.39 8.39
C GLU C 22 -23.04 -18.88 7.29
N LEU C 23 -22.83 -18.03 6.28
CA LEU C 23 -21.98 -18.37 5.14
C LEU C 23 -20.54 -18.61 5.57
N TYR C 24 -20.00 -17.74 6.44
CA TYR C 24 -18.65 -17.95 6.96
C TYR C 24 -18.50 -19.32 7.59
N CYS C 25 -19.47 -19.74 8.42
CA CYS C 25 -19.39 -21.05 9.06
C CYS C 25 -19.28 -22.16 8.02
N LEU C 26 -20.09 -22.10 6.96
CA LEU C 26 -20.02 -23.11 5.91
C LEU C 26 -18.70 -23.04 5.15
N GLU C 27 -18.18 -21.83 4.93
CA GLU C 27 -16.93 -21.67 4.17
C GLU C 27 -15.72 -22.20 4.93
N HIS C 28 -15.79 -22.21 6.27
CA HIS C 28 -14.71 -22.72 7.10
C HIS C 28 -15.06 -24.04 7.80
N GLY C 29 -16.26 -24.57 7.58
CA GLY C 29 -16.66 -25.84 8.16
C GLY C 29 -16.92 -25.80 9.65
N ILE C 30 -17.55 -24.73 10.14
CA ILE C 30 -17.84 -24.56 11.55
C ILE C 30 -19.30 -24.91 11.77
N GLN C 31 -19.55 -25.83 12.70
CA GLN C 31 -20.92 -26.23 13.00
C GLN C 31 -21.61 -25.12 13.80
N PRO C 32 -22.95 -25.14 13.87
CA PRO C 32 -23.66 -24.09 14.64
C PRO C 32 -23.30 -24.03 16.11
N ASP C 33 -22.70 -25.10 16.67
CA ASP C 33 -22.18 -25.06 18.03
C ASP C 33 -20.83 -24.33 18.10
N GLY C 34 -20.18 -24.10 16.97
CA GLY C 34 -18.91 -23.43 16.95
C GLY C 34 -17.71 -24.35 16.89
N GLN C 35 -17.91 -25.65 16.73
CA GLN C 35 -16.80 -26.59 16.68
C GLN C 35 -16.56 -27.05 15.26
N MET C 36 -15.31 -27.36 14.96
CA MET C 36 -15.01 -27.84 13.62
C MET C 36 -14.14 -29.08 13.71
N PRO C 37 -14.29 -30.01 12.75
CA PRO C 37 -13.38 -31.15 12.55
C PRO C 37 -11.95 -30.69 12.27
N ASP C 46 -4.67 -23.82 7.19
CA ASP C 46 -5.37 -22.57 6.93
C ASP C 46 -6.06 -22.05 8.18
N ASP C 47 -5.27 -21.50 9.10
CA ASP C 47 -5.78 -20.89 10.33
C ASP C 47 -6.21 -19.43 10.13
N SER C 48 -6.59 -19.07 8.91
CA SER C 48 -6.92 -17.68 8.61
C SER C 48 -8.30 -17.26 9.13
N PHE C 49 -9.23 -18.20 9.34
CA PHE C 49 -10.52 -17.84 9.93
C PHE C 49 -10.39 -17.20 11.31
N ASN C 50 -9.20 -17.27 11.94
CA ASN C 50 -8.97 -16.66 13.26
C ASN C 50 -9.09 -15.14 13.22
N THR C 51 -9.01 -14.53 12.03
CA THR C 51 -9.20 -13.08 11.91
C THR C 51 -10.62 -12.67 12.29
N PHE C 52 -11.58 -13.59 12.19
CA PHE C 52 -12.98 -13.31 12.49
C PHE C 52 -13.55 -14.22 13.57
N PHE C 53 -12.81 -15.26 13.96
CA PHE C 53 -13.27 -16.26 14.91
C PHE C 53 -12.22 -16.45 16.00
N SER C 54 -12.52 -15.95 17.19
CA SER C 54 -11.74 -16.29 18.37
C SER C 54 -12.02 -17.74 18.72
N GLU C 55 -11.25 -18.28 19.68
CA GLU C 55 -11.39 -19.67 20.07
C GLU C 55 -11.32 -19.78 21.58
N THR C 56 -12.39 -20.31 22.19
CA THR C 56 -12.29 -20.76 23.58
C THR C 56 -11.61 -22.12 23.62
N GLY C 57 -11.16 -22.48 24.82
CA GLY C 57 -10.32 -23.66 24.99
C GLY C 57 -10.95 -24.95 24.50
N ALA C 58 -12.27 -25.05 24.59
CA ALA C 58 -13.00 -26.26 24.17
C ALA C 58 -12.90 -26.49 22.67
N GLY C 59 -12.23 -25.60 21.94
CA GLY C 59 -12.23 -25.66 20.49
C GLY C 59 -13.43 -25.02 19.84
N LYS C 60 -14.27 -24.34 20.63
CA LYS C 60 -15.38 -23.55 20.12
C LYS C 60 -14.84 -22.28 19.46
N HIS C 61 -15.42 -21.91 18.32
CA HIS C 61 -14.99 -20.76 17.53
C HIS C 61 -16.10 -19.71 17.59
N VAL C 62 -15.82 -18.59 18.23
CA VAL C 62 -16.84 -17.59 18.54
C VAL C 62 -16.61 -16.36 17.66
N PRO C 63 -17.59 -15.96 16.85
CA PRO C 63 -17.41 -14.80 15.98
C PRO C 63 -17.01 -13.56 16.75
N ARG C 64 -16.19 -12.73 16.13
CA ARG C 64 -15.79 -11.46 16.73
C ARG C 64 -16.84 -10.43 16.31
N ALA C 65 -17.99 -10.49 16.97
CA ALA C 65 -19.14 -9.70 16.55
C ALA C 65 -19.98 -9.25 17.73
N VAL C 66 -20.55 -8.05 17.62
CA VAL C 66 -21.65 -7.61 18.47
C VAL C 66 -22.84 -7.29 17.57
N PHE C 67 -23.98 -7.92 17.85
CA PHE C 67 -25.26 -7.56 17.25
C PHE C 67 -25.98 -6.64 18.21
N VAL C 68 -26.44 -5.49 17.70
CA VAL C 68 -27.14 -4.51 18.51
C VAL C 68 -28.44 -4.15 17.82
N ASP C 69 -29.52 -4.07 18.59
CA ASP C 69 -30.78 -3.55 18.09
C ASP C 69 -31.51 -2.91 19.26
N LEU C 70 -32.23 -1.82 19.00
CA LEU C 70 -32.95 -1.13 20.07
C LEU C 70 -34.24 -1.84 20.47
N GLU C 71 -34.67 -2.83 19.70
CA GLU C 71 -35.87 -3.61 19.91
C GLU C 71 -35.44 -5.07 19.89
N PRO C 72 -36.07 -5.92 20.69
CA PRO C 72 -35.55 -7.28 20.83
C PRO C 72 -36.07 -8.27 19.79
N THR C 73 -36.95 -7.86 18.89
CA THR C 73 -37.65 -8.83 18.06
C THR C 73 -36.67 -9.58 17.15
N VAL C 74 -35.91 -8.84 16.34
CA VAL C 74 -35.02 -9.48 15.37
C VAL C 74 -33.95 -10.30 16.09
N ILE C 75 -33.39 -9.75 17.17
CA ILE C 75 -32.28 -10.45 17.83
C ILE C 75 -32.78 -11.64 18.66
N ASP C 76 -34.05 -11.62 19.08
CA ASP C 76 -34.62 -12.80 19.75
C ASP C 76 -34.73 -14.00 18.81
N GLU C 77 -34.79 -13.77 17.49
CA GLU C 77 -34.78 -14.89 16.56
C GLU C 77 -33.42 -15.54 16.49
N VAL C 78 -32.35 -14.75 16.61
CA VAL C 78 -30.98 -15.30 16.67
C VAL C 78 -30.78 -16.08 17.96
N ARG C 79 -31.24 -15.52 19.07
CA ARG C 79 -31.16 -16.17 20.37
C ARG C 79 -31.90 -17.51 20.38
N THR C 80 -32.91 -17.67 19.53
CA THR C 80 -33.68 -18.91 19.45
C THR C 80 -33.46 -19.68 18.15
N GLY C 81 -32.56 -19.22 17.29
CA GLY C 81 -32.41 -19.77 15.96
C GLY C 81 -31.39 -20.89 15.87
N THR C 82 -30.99 -21.18 14.62
CA THR C 82 -30.06 -22.28 14.37
C THR C 82 -28.72 -22.04 15.03
N TYR C 83 -28.31 -20.79 15.12
CA TYR C 83 -26.98 -20.43 15.62
C TYR C 83 -27.04 -19.78 17.00
N ARG C 84 -28.07 -20.11 17.78
CA ARG C 84 -28.20 -19.57 19.14
C ARG C 84 -26.96 -19.87 19.98
N GLN C 85 -26.33 -21.02 19.75
CA GLN C 85 -25.11 -21.34 20.46
C GLN C 85 -23.86 -20.77 19.81
N LEU C 86 -23.98 -20.23 18.59
CA LEU C 86 -22.79 -19.73 17.91
C LEU C 86 -22.18 -18.57 18.67
N PHE C 87 -23.02 -17.71 19.24
CA PHE C 87 -22.62 -16.50 19.92
C PHE C 87 -22.74 -16.64 21.44
N HIS C 88 -21.89 -15.92 22.15
CA HIS C 88 -22.14 -15.69 23.57
C HIS C 88 -23.31 -14.73 23.73
N PRO C 89 -24.13 -14.90 24.76
CA PRO C 89 -25.32 -14.03 24.92
C PRO C 89 -24.98 -12.56 25.15
N GLU C 90 -23.76 -12.25 25.57
CA GLU C 90 -23.36 -10.88 25.85
C GLU C 90 -22.99 -10.12 24.59
N GLN C 91 -22.72 -10.84 23.50
CA GLN C 91 -22.56 -10.20 22.20
C GLN C 91 -23.91 -9.79 21.59
N LEU C 92 -25.02 -10.37 22.04
CA LEU C 92 -26.34 -10.06 21.45
C LEU C 92 -27.06 -9.08 22.35
N ILE C 93 -26.99 -7.79 21.99
CA ILE C 93 -27.41 -6.69 22.85
C ILE C 93 -28.70 -6.11 22.29
N THR C 94 -29.74 -6.01 23.14
CA THR C 94 -31.02 -5.42 22.77
C THR C 94 -31.56 -4.56 23.91
N GLY C 95 -32.31 -3.53 23.55
CA GLY C 95 -33.13 -2.79 24.48
C GLY C 95 -34.57 -3.24 24.39
N LYS C 96 -35.48 -2.36 24.79
CA LYS C 96 -36.91 -2.69 24.78
C LYS C 96 -37.73 -1.90 23.76
N GLU C 97 -37.26 -0.73 23.32
CA GLU C 97 -38.03 0.18 22.49
C GLU C 97 -37.20 0.53 21.27
N ASP C 98 -37.76 0.38 20.07
CA ASP C 98 -36.97 0.77 18.92
C ASP C 98 -37.03 2.30 18.77
N ALA C 99 -36.38 2.79 17.72
CA ALA C 99 -36.28 4.23 17.51
C ALA C 99 -37.44 4.79 16.70
N ALA C 100 -38.49 3.98 16.51
CA ALA C 100 -39.67 4.33 15.71
C ALA C 100 -39.30 5.14 14.47
N ASN C 101 -38.43 4.55 13.66
CA ASN C 101 -38.00 5.10 12.38
C ASN C 101 -37.44 6.53 12.50
N ASN C 102 -36.90 6.90 13.66
CA ASN C 102 -36.55 8.29 13.94
C ASN C 102 -35.06 8.37 14.32
N TYR C 103 -34.25 8.95 13.42
CA TYR C 103 -32.85 9.16 13.73
C TYR C 103 -32.66 9.75 15.13
N ALA C 104 -33.34 10.87 15.40
CA ALA C 104 -33.14 11.55 16.68
C ALA C 104 -33.38 10.63 17.87
N ARG C 105 -34.23 9.60 17.72
CA ARG C 105 -34.41 8.63 18.81
C ARG C 105 -33.32 7.57 18.83
N GLY C 106 -32.75 7.24 17.68
CA GLY C 106 -31.65 6.28 17.68
C GLY C 106 -30.35 6.88 18.16
N HIS C 107 -30.15 8.18 17.91
CA HIS C 107 -28.91 8.85 18.26
C HIS C 107 -28.94 9.41 19.68
N TYR C 108 -30.10 9.87 20.15
CA TYR C 108 -30.16 10.53 21.46
C TYR C 108 -31.07 9.81 22.45
N THR C 109 -32.36 10.12 22.42
CA THR C 109 -33.35 9.63 23.40
C THR C 109 -33.16 8.16 23.76
N ILE C 110 -33.45 7.26 22.83
CA ILE C 110 -33.28 5.84 23.11
C ILE C 110 -31.81 5.42 23.03
N GLY C 111 -31.05 5.96 22.07
CA GLY C 111 -29.72 5.42 21.82
C GLY C 111 -28.78 5.55 22.99
N LYS C 112 -28.84 6.69 23.70
CA LYS C 112 -27.92 6.98 24.80
C LYS C 112 -28.03 5.99 25.95
N GLU C 113 -29.17 5.31 26.10
CA GLU C 113 -29.40 4.41 27.23
C GLU C 113 -28.67 3.07 27.09
N ILE C 114 -28.25 2.70 25.88
CA ILE C 114 -27.57 1.43 25.64
C ILE C 114 -26.18 1.60 25.05
N ILE C 115 -25.75 2.84 24.78
CA ILE C 115 -24.46 3.06 24.09
C ILE C 115 -23.29 2.60 24.97
N ASP C 116 -23.32 2.94 26.27
CA ASP C 116 -22.24 2.50 27.17
C ASP C 116 -22.12 0.98 27.19
N LEU C 117 -23.25 0.27 27.19
CA LEU C 117 -23.18 -1.19 27.27
C LEU C 117 -22.49 -1.76 26.03
N VAL C 118 -22.83 -1.22 24.86
CA VAL C 118 -22.28 -1.70 23.60
C VAL C 118 -20.77 -1.45 23.52
N LEU C 119 -20.31 -0.29 23.99
CA LEU C 119 -18.88 0.01 23.93
C LEU C 119 -18.10 -0.88 24.88
N ASP C 120 -18.68 -1.18 26.04
CA ASP C 120 -18.01 -2.11 26.95
C ASP C 120 -17.87 -3.48 26.30
N ARG C 121 -18.89 -3.96 25.58
CA ARG C 121 -18.74 -5.26 24.94
C ARG C 121 -17.75 -5.21 23.80
N ILE C 122 -17.70 -4.09 23.09
CA ILE C 122 -16.69 -3.90 22.06
C ILE C 122 -15.30 -3.88 22.68
N ARG C 123 -15.13 -3.10 23.77
CA ARG C 123 -13.85 -3.06 24.46
C ARG C 123 -13.35 -4.46 24.80
N LYS C 124 -14.25 -5.33 25.28
CA LYS C 124 -13.86 -6.70 25.62
C LYS C 124 -13.48 -7.52 24.39
N LEU C 125 -14.12 -7.30 23.26
CA LEU C 125 -13.70 -7.94 22.02
C LEU C 125 -12.32 -7.46 21.57
N ALA C 126 -12.04 -6.17 21.77
CA ALA C 126 -10.72 -5.64 21.43
C ALA C 126 -9.65 -6.20 22.34
N ASP C 127 -10.01 -6.59 23.56
CA ASP C 127 -9.03 -7.16 24.46
C ASP C 127 -8.56 -8.53 23.99
N GLN C 128 -9.40 -9.26 23.25
CA GLN C 128 -9.05 -10.58 22.73
C GLN C 128 -8.31 -10.50 21.39
N CYS C 129 -7.85 -9.32 21.01
CA CYS C 129 -7.15 -9.09 19.74
C CYS C 129 -5.71 -8.66 19.99
N THR C 130 -4.78 -9.25 19.22
CA THR C 130 -3.39 -8.84 19.30
C THR C 130 -2.94 -8.00 18.11
N GLY C 131 -3.74 -7.92 17.06
CA GLY C 131 -3.41 -7.10 15.92
C GLY C 131 -4.62 -6.56 15.21
N LEU C 132 -5.45 -5.82 15.94
CA LEU C 132 -6.74 -5.32 15.45
C LEU C 132 -6.61 -4.42 14.21
N GLN C 133 -7.14 -4.90 13.07
CA GLN C 133 -7.17 -4.08 11.86
C GLN C 133 -8.21 -2.95 11.97
N GLY C 134 -9.44 -3.28 12.31
CA GLY C 134 -10.46 -2.25 12.41
C GLY C 134 -11.85 -2.83 12.60
N PHE C 135 -12.84 -2.02 12.26
CA PHE C 135 -14.25 -2.33 12.49
C PHE C 135 -15.00 -2.31 11.18
N LEU C 136 -15.83 -3.32 10.97
CA LEU C 136 -16.84 -3.33 9.93
C LEU C 136 -18.21 -3.11 10.57
N VAL C 137 -18.96 -2.14 10.07
CA VAL C 137 -20.24 -1.75 10.66
C VAL C 137 -21.35 -1.95 9.62
N PHE C 138 -22.31 -2.82 9.92
CA PHE C 138 -23.43 -3.11 9.03
C PHE C 138 -24.69 -2.41 9.53
N HIS C 139 -25.32 -1.60 8.67
CA HIS C 139 -26.52 -0.89 9.09
C HIS C 139 -27.33 -0.46 7.87
N SER C 140 -28.59 -0.10 8.14
CA SER C 140 -29.42 0.55 7.12
C SER C 140 -29.25 2.07 7.20
N PHE C 141 -29.52 2.74 6.08
CA PHE C 141 -29.60 4.20 6.13
C PHE C 141 -30.94 4.66 6.72
N GLY C 142 -32.02 3.95 6.39
CA GLY C 142 -33.36 4.47 6.62
C GLY C 142 -33.93 4.18 7.99
N GLY C 143 -33.55 3.04 8.59
CA GLY C 143 -34.02 2.72 9.92
C GLY C 143 -33.65 3.77 10.92
N GLY C 144 -34.42 3.89 11.99
CA GLY C 144 -34.10 4.86 13.03
C GLY C 144 -32.93 4.42 13.86
N THR C 145 -32.70 3.10 13.95
CA THR C 145 -31.52 2.58 14.61
C THR C 145 -30.34 2.51 13.63
N GLY C 146 -30.56 1.90 12.47
CA GLY C 146 -29.58 1.95 11.39
C GLY C 146 -28.95 3.32 11.22
N SER C 147 -29.77 4.38 11.27
CA SER C 147 -29.17 5.71 11.12
C SER C 147 -28.57 6.22 12.45
N GLY C 148 -29.41 6.58 13.41
CA GLY C 148 -28.95 7.39 14.53
C GLY C 148 -28.07 6.67 15.52
N PHE C 149 -28.26 5.36 15.70
CA PHE C 149 -27.42 4.65 16.64
C PHE C 149 -26.07 4.30 16.04
N THR C 150 -26.02 4.14 14.73
CA THR C 150 -24.74 3.93 14.07
C THR C 150 -23.91 5.21 14.11
N SER C 151 -24.52 6.35 13.83
CA SER C 151 -23.82 7.62 14.01
C SER C 151 -23.24 7.71 15.41
N LEU C 152 -24.10 7.52 16.42
CA LEU C 152 -23.61 7.60 17.79
C LEU C 152 -22.48 6.60 18.01
N LEU C 153 -22.61 5.40 17.47
CA LEU C 153 -21.58 4.38 17.63
C LEU C 153 -20.28 4.79 16.95
N MET C 154 -20.37 5.26 15.71
CA MET C 154 -19.18 5.73 14.99
C MET C 154 -18.47 6.82 15.76
N GLU C 155 -19.22 7.85 16.20
CA GLU C 155 -18.64 8.90 17.02
C GLU C 155 -17.99 8.34 18.28
N ARG C 156 -18.65 7.38 18.90
CA ARG C 156 -18.07 6.82 20.11
C ARG C 156 -16.89 5.91 19.78
N LEU C 157 -16.87 5.30 18.59
CA LEU C 157 -15.72 4.47 18.24
C LEU C 157 -14.50 5.32 17.93
N SER C 158 -14.70 6.52 17.39
CA SER C 158 -13.56 7.38 17.11
C SER C 158 -12.95 7.92 18.41
N VAL C 159 -13.73 8.10 19.47
CA VAL C 159 -13.09 8.53 20.70
C VAL C 159 -12.33 7.37 21.35
N ASP C 160 -12.91 6.17 21.36
CA ASP C 160 -12.24 5.05 22.01
C ASP C 160 -11.03 4.54 21.22
N TYR C 161 -11.06 4.59 19.90
CA TYR C 161 -10.02 3.91 19.12
C TYR C 161 -9.32 4.83 18.12
N GLY C 162 -9.45 6.15 18.28
CA GLY C 162 -8.81 7.09 17.40
C GLY C 162 -9.07 6.82 15.93
N LYS C 163 -8.02 6.93 15.13
CA LYS C 163 -8.09 6.81 13.68
C LYS C 163 -8.13 5.36 13.20
N LYS C 164 -8.25 4.40 14.13
CA LYS C 164 -8.30 2.99 13.73
C LYS C 164 -9.40 2.78 12.71
N SER C 165 -9.10 1.96 11.69
CA SER C 165 -9.94 1.81 10.52
C SER C 165 -11.40 1.52 10.86
N LYS C 166 -12.32 2.22 10.19
CA LYS C 166 -13.75 1.97 10.33
C LYS C 166 -14.37 1.90 8.95
N LEU C 167 -14.90 0.73 8.58
CA LEU C 167 -15.55 0.56 7.29
C LEU C 167 -17.01 0.15 7.48
N GLU C 168 -17.86 0.66 6.59
CA GLU C 168 -19.29 0.44 6.64
C GLU C 168 -19.71 -0.45 5.48
N PHE C 169 -20.77 -1.23 5.71
CA PHE C 169 -21.66 -1.76 4.67
C PHE C 169 -23.05 -1.20 4.93
N SER C 170 -23.53 -0.36 4.02
CA SER C 170 -24.73 0.44 4.24
C SER C 170 -25.78 0.07 3.21
N ILE C 171 -27.03 -0.07 3.67
CA ILE C 171 -28.18 -0.31 2.81
C ILE C 171 -28.74 1.05 2.42
N TYR C 172 -28.75 1.34 1.09
CA TYR C 172 -29.35 2.55 0.51
C TYR C 172 -30.85 2.27 0.27
N PRO C 173 -31.75 3.22 0.60
CA PRO C 173 -33.18 2.87 0.61
C PRO C 173 -33.80 2.81 -0.77
N ALA C 174 -34.85 2.02 -0.86
CA ALA C 174 -35.61 1.80 -2.09
C ALA C 174 -37.10 1.96 -1.83
N PRO C 175 -37.85 2.55 -2.77
CA PRO C 175 -39.32 2.62 -2.58
C PRO C 175 -39.95 1.24 -2.45
N GLN C 176 -39.62 0.32 -3.36
CA GLN C 176 -40.25 -1.01 -3.40
C GLN C 176 -40.22 -1.69 -2.05
N VAL C 177 -39.12 -1.55 -1.32
CA VAL C 177 -38.93 -2.30 -0.09
C VAL C 177 -38.77 -1.39 1.12
N SER C 178 -38.97 -0.08 0.97
CA SER C 178 -38.94 0.82 2.11
C SER C 178 -39.91 0.35 3.19
N THR C 179 -39.67 0.78 4.42
CA THR C 179 -40.64 0.63 5.49
C THR C 179 -41.01 1.96 6.13
N ALA C 180 -40.46 3.07 5.65
CA ALA C 180 -40.74 4.34 6.31
C ALA C 180 -40.58 5.47 5.32
N VAL C 181 -41.31 6.54 5.59
CA VAL C 181 -41.40 7.65 4.66
C VAL C 181 -40.40 8.72 5.05
N VAL C 182 -39.93 8.73 6.29
CA VAL C 182 -38.88 9.66 6.72
C VAL C 182 -37.49 9.14 6.39
N GLU C 183 -37.38 8.06 5.61
CA GLU C 183 -36.08 7.46 5.36
C GLU C 183 -35.07 8.42 4.73
N PRO C 184 -35.43 9.30 3.79
CA PRO C 184 -34.43 10.28 3.31
C PRO C 184 -33.93 11.23 4.39
N TYR C 185 -34.74 11.55 5.39
CA TYR C 185 -34.23 12.34 6.51
C TYR C 185 -33.21 11.55 7.30
N ASN C 186 -33.49 10.28 7.52
CA ASN C 186 -32.56 9.45 8.28
C ASN C 186 -31.25 9.28 7.55
N SER C 187 -31.32 9.14 6.22
CA SER C 187 -30.14 8.89 5.41
C SER C 187 -29.21 10.09 5.40
N ILE C 188 -29.75 11.28 5.09
CA ILE C 188 -28.92 12.48 5.07
C ILE C 188 -28.35 12.79 6.46
N LEU C 189 -29.13 12.57 7.52
CA LEU C 189 -28.66 12.90 8.87
C LEU C 189 -27.47 12.03 9.28
N THR C 190 -27.59 10.71 9.10
CA THR C 190 -26.51 9.83 9.52
C THR C 190 -25.28 9.97 8.64
N THR C 191 -25.47 10.36 7.38
CA THR C 191 -24.33 10.54 6.50
C THR C 191 -23.51 11.76 6.89
N HIS C 192 -24.18 12.86 7.23
CA HIS C 192 -23.47 14.03 7.73
C HIS C 192 -22.65 13.69 8.96
N THR C 193 -23.25 13.00 9.94
CA THR C 193 -22.57 12.82 11.21
C THR C 193 -21.53 11.72 11.14
N THR C 194 -21.71 10.73 10.27
CA THR C 194 -20.78 9.62 10.14
C THR C 194 -19.62 9.93 9.19
N LEU C 195 -19.74 10.98 8.37
CA LEU C 195 -18.78 11.17 7.28
C LEU C 195 -17.35 11.27 7.81
N GLU C 196 -17.12 12.10 8.83
CA GLU C 196 -15.81 12.31 9.43
C GLU C 196 -15.24 11.09 10.11
N HIS C 197 -16.03 10.04 10.30
CA HIS C 197 -15.64 8.93 11.17
C HIS C 197 -15.50 7.63 10.43
N SER C 198 -15.76 7.61 9.14
CA SER C 198 -15.70 6.36 8.39
C SER C 198 -14.62 6.48 7.35
N ASP C 199 -13.74 5.47 7.31
CA ASP C 199 -12.65 5.47 6.36
C ASP C 199 -13.12 5.06 4.97
N CYS C 200 -14.20 4.26 4.87
CA CYS C 200 -14.66 3.72 3.60
C CYS C 200 -16.05 3.10 3.76
N ALA C 201 -17.00 3.44 2.89
CA ALA C 201 -18.37 2.95 3.06
C ALA C 201 -18.83 2.25 1.79
N PHE C 202 -19.19 0.98 1.91
CA PHE C 202 -19.70 0.22 0.77
C PHE C 202 -21.21 0.32 0.75
N MET C 203 -21.76 0.94 -0.30
CA MET C 203 -23.19 1.18 -0.40
C MET C 203 -23.88 0.13 -1.27
N VAL C 204 -25.06 -0.29 -0.82
CA VAL C 204 -25.87 -1.33 -1.45
C VAL C 204 -27.30 -0.81 -1.59
N ASP C 205 -27.76 -0.70 -2.83
CA ASP C 205 -29.09 -0.20 -3.16
C ASP C 205 -30.08 -1.36 -3.09
N ASN C 206 -31.04 -1.30 -2.17
CA ASN C 206 -32.04 -2.37 -2.12
C ASN C 206 -32.79 -2.50 -3.44
N GLU C 207 -33.00 -1.39 -4.14
CA GLU C 207 -33.66 -1.47 -5.45
C GLU C 207 -32.81 -2.27 -6.43
N ALA C 208 -31.49 -2.06 -6.41
CA ALA C 208 -30.63 -2.78 -7.35
C ALA C 208 -30.61 -4.26 -7.03
N ILE C 209 -30.39 -4.61 -5.76
CA ILE C 209 -30.44 -6.03 -5.38
C ILE C 209 -31.78 -6.63 -5.81
N TYR C 210 -32.87 -5.89 -5.55
CA TYR C 210 -34.21 -6.37 -5.89
C TYR C 210 -34.32 -6.68 -7.38
N ASP C 211 -33.88 -5.75 -8.23
CA ASP C 211 -33.99 -5.93 -9.68
C ASP C 211 -33.08 -7.05 -10.18
N ILE C 212 -32.00 -7.36 -9.46
CA ILE C 212 -31.13 -8.47 -9.86
C ILE C 212 -31.80 -9.80 -9.55
N CYS C 213 -32.31 -9.96 -8.32
CA CYS C 213 -33.01 -11.18 -7.93
C CYS C 213 -34.24 -11.44 -8.79
N ARG C 214 -34.76 -10.42 -9.47
CA ARG C 214 -35.91 -10.59 -10.33
C ARG C 214 -35.52 -10.99 -11.76
N ARG C 215 -34.45 -10.39 -12.30
CA ARG C 215 -34.03 -10.69 -13.67
C ARG C 215 -33.11 -11.91 -13.74
N ASN C 216 -32.12 -12.00 -12.84
CA ASN C 216 -31.14 -13.06 -12.96
C ASN C 216 -31.57 -14.35 -12.28
N LEU C 217 -32.46 -14.26 -11.29
CA LEU C 217 -32.87 -15.42 -10.50
C LEU C 217 -34.34 -15.78 -10.67
N ASP C 218 -35.14 -14.91 -11.30
CA ASP C 218 -36.55 -15.17 -11.60
C ASP C 218 -37.38 -15.44 -10.33
N ILE C 219 -37.18 -14.59 -9.33
CA ILE C 219 -38.03 -14.53 -8.14
C ILE C 219 -38.95 -13.34 -8.31
N GLU C 220 -40.27 -13.58 -8.29
CA GLU C 220 -41.22 -12.52 -8.61
C GLU C 220 -41.20 -11.41 -7.56
N ARG C 221 -41.34 -11.76 -6.28
CA ARG C 221 -41.38 -10.78 -5.20
C ARG C 221 -40.33 -11.18 -4.18
N PRO C 222 -39.09 -10.71 -4.33
CA PRO C 222 -38.01 -11.14 -3.43
C PRO C 222 -38.27 -10.75 -1.98
N THR C 223 -38.01 -11.69 -1.07
CA THR C 223 -38.06 -11.40 0.35
C THR C 223 -36.70 -10.89 0.81
N TYR C 224 -36.68 -10.37 2.04
CA TYR C 224 -35.41 -9.96 2.65
C TYR C 224 -34.41 -11.11 2.64
N THR C 225 -34.86 -12.33 2.96
CA THR C 225 -33.95 -13.47 2.91
C THR C 225 -33.36 -13.64 1.51
N ASN C 226 -34.15 -13.37 0.47
CA ASN C 226 -33.63 -13.40 -0.89
C ASN C 226 -32.59 -12.30 -1.10
N LEU C 227 -32.97 -11.07 -0.79
CA LEU C 227 -32.02 -9.96 -0.91
C LEU C 227 -30.77 -10.22 -0.08
N ASN C 228 -30.97 -10.60 1.18
CA ASN C 228 -29.86 -10.67 2.11
C ASN C 228 -28.86 -11.75 1.70
N ARG C 229 -29.34 -12.90 1.22
CA ARG C 229 -28.39 -13.95 0.86
C ARG C 229 -27.57 -13.59 -0.38
N LEU C 230 -28.08 -12.73 -1.25
CA LEU C 230 -27.21 -12.26 -2.35
C LEU C 230 -26.22 -11.22 -1.84
N ILE C 231 -26.67 -10.37 -0.93
CA ILE C 231 -25.78 -9.39 -0.30
C ILE C 231 -24.68 -10.09 0.48
N SER C 232 -24.96 -11.27 1.03
CA SER C 232 -23.94 -12.02 1.76
C SER C 232 -22.79 -12.44 0.85
N GLN C 233 -23.12 -13.01 -0.32
CA GLN C 233 -22.10 -13.45 -1.26
C GLN C 233 -21.09 -12.35 -1.54
N ILE C 234 -21.57 -11.11 -1.61
CA ILE C 234 -20.69 -9.97 -1.89
C ILE C 234 -19.79 -9.70 -0.69
N VAL C 235 -20.38 -9.65 0.50
CA VAL C 235 -19.61 -9.41 1.71
C VAL C 235 -18.53 -10.47 1.88
N SER C 236 -18.87 -11.72 1.54
CA SER C 236 -17.89 -12.81 1.64
C SER C 236 -16.69 -12.57 0.74
N SER C 237 -16.94 -12.13 -0.50
CA SER C 237 -15.84 -11.82 -1.41
C SER C 237 -14.92 -10.76 -0.83
N ILE C 238 -15.49 -9.72 -0.21
CA ILE C 238 -14.67 -8.66 0.37
C ILE C 238 -13.82 -9.20 1.53
N THR C 239 -14.43 -9.98 2.41
CA THR C 239 -13.74 -10.45 3.61
C THR C 239 -12.97 -11.76 3.42
N ALA C 240 -13.16 -12.45 2.28
CA ALA C 240 -12.42 -13.69 2.05
C ALA C 240 -10.92 -13.46 2.04
N SER C 241 -10.50 -12.30 1.53
CA SER C 241 -9.09 -11.95 1.49
C SER C 241 -8.47 -11.85 2.88
N LEU C 242 -9.30 -11.69 3.91
CA LEU C 242 -8.90 -11.68 5.31
C LEU C 242 -9.15 -12.99 6.03
N ARG C 243 -10.19 -13.73 5.62
CA ARG C 243 -10.53 -15.00 6.27
C ARG C 243 -9.82 -16.19 5.66
N PHE C 244 -9.23 -16.04 4.48
CA PHE C 244 -8.56 -17.16 3.80
C PHE C 244 -7.14 -16.76 3.45
N ASP C 245 -6.29 -17.75 3.24
CA ASP C 245 -4.98 -17.53 2.65
C ASP C 245 -5.05 -17.85 1.16
N GLY C 246 -4.94 -16.80 0.34
CA GLY C 246 -4.92 -16.95 -1.10
C GLY C 246 -3.64 -16.38 -1.69
N ALA C 247 -3.54 -16.50 -3.03
CA ALA C 247 -2.37 -16.02 -3.75
C ALA C 247 -2.18 -14.52 -3.56
N LEU C 248 -3.21 -13.74 -3.86
CA LEU C 248 -3.22 -12.29 -3.69
C LEU C 248 -4.28 -11.90 -2.65
N ASN C 249 -3.82 -11.35 -1.53
CA ASN C 249 -4.66 -10.98 -0.41
C ASN C 249 -4.72 -9.46 -0.30
N VAL C 250 -5.84 -8.94 0.23
CA VAL C 250 -6.04 -7.52 0.49
C VAL C 250 -6.51 -7.34 1.92
N ASP C 251 -5.74 -6.63 2.73
CA ASP C 251 -6.21 -6.39 4.08
C ASP C 251 -7.04 -5.11 4.11
N LEU C 252 -7.51 -4.74 5.29
CA LEU C 252 -8.40 -3.58 5.40
C LEU C 252 -7.70 -2.31 4.97
N THR C 253 -6.43 -2.16 5.33
CA THR C 253 -5.71 -0.92 5.03
C THR C 253 -5.51 -0.76 3.53
N GLU C 254 -5.23 -1.86 2.84
CA GLU C 254 -5.09 -1.85 1.39
C GLU C 254 -6.41 -1.49 0.71
N PHE C 255 -7.54 -1.83 1.32
CA PHE C 255 -8.83 -1.39 0.82
C PHE C 255 -8.94 0.13 0.84
N GLN C 256 -8.70 0.73 2.01
CA GLN C 256 -8.85 2.18 2.14
C GLN C 256 -7.85 2.91 1.24
N THR C 257 -6.62 2.41 1.16
CA THR C 257 -5.59 3.17 0.47
C THR C 257 -5.79 3.14 -1.04
N ASN C 258 -6.27 2.00 -1.57
CA ASN C 258 -6.44 1.82 -3.01
C ASN C 258 -7.80 2.24 -3.54
N LEU C 259 -8.75 2.57 -2.67
CA LEU C 259 -10.06 2.98 -3.15
C LEU C 259 -10.45 4.39 -2.73
N VAL C 260 -9.72 5.03 -1.84
CA VAL C 260 -10.22 6.32 -1.37
C VAL C 260 -9.28 7.46 -1.71
N PRO C 261 -9.44 8.12 -2.86
CA PRO C 261 -8.52 9.20 -3.24
C PRO C 261 -8.61 10.41 -2.34
N TYR C 262 -9.76 10.68 -1.75
CA TYR C 262 -9.93 11.79 -0.83
C TYR C 262 -10.80 11.32 0.32
N PRO C 263 -10.57 11.83 1.53
CA PRO C 263 -11.31 11.32 2.69
C PRO C 263 -12.83 11.36 2.53
N ARG C 264 -13.41 12.38 1.91
CA ARG C 264 -14.86 12.37 1.77
C ARG C 264 -15.32 11.46 0.65
N ILE C 265 -14.50 11.30 -0.40
CA ILE C 265 -14.84 10.47 -1.55
C ILE C 265 -14.61 9.00 -1.22
N HIS C 266 -15.36 8.45 -0.26
CA HIS C 266 -15.01 7.12 0.25
C HIS C 266 -16.15 6.12 0.10
N PHE C 267 -16.87 6.17 -1.02
CA PHE C 267 -18.07 5.37 -1.22
C PHE C 267 -17.94 4.50 -2.47
N PRO C 268 -17.18 3.41 -2.39
CA PRO C 268 -16.99 2.54 -3.55
C PRO C 268 -18.29 1.95 -4.04
N LEU C 269 -18.29 1.57 -5.31
CA LEU C 269 -19.44 0.97 -5.98
C LEU C 269 -19.21 -0.53 -6.18
N ALA C 270 -20.11 -1.35 -5.61
CA ALA C 270 -19.96 -2.80 -5.65
C ALA C 270 -20.69 -3.45 -6.83
N THR C 271 -20.06 -4.49 -7.39
CA THR C 271 -20.60 -5.27 -8.51
C THR C 271 -20.22 -6.73 -8.25
N TYR C 272 -20.99 -7.65 -8.83
CA TYR C 272 -20.75 -9.06 -8.57
C TYR C 272 -21.25 -9.89 -9.74
N ALA C 273 -20.54 -10.97 -10.04
CA ALA C 273 -20.86 -11.87 -11.13
C ALA C 273 -20.11 -13.17 -10.89
N PRO C 274 -20.66 -14.31 -11.35
CA PRO C 274 -21.96 -14.38 -12.02
C PRO C 274 -23.08 -14.55 -11.00
N VAL C 275 -24.26 -14.05 -11.35
CA VAL C 275 -25.48 -14.25 -10.59
C VAL C 275 -26.41 -15.05 -11.50
N ILE C 276 -26.46 -16.35 -11.30
CA ILE C 276 -27.26 -17.19 -12.17
C ILE C 276 -28.17 -18.08 -11.34
N SER C 277 -29.34 -18.38 -11.91
CA SER C 277 -30.36 -19.16 -11.22
C SER C 277 -29.91 -20.60 -11.00
N ALA C 278 -30.08 -21.10 -9.77
CA ALA C 278 -29.70 -22.47 -9.46
C ALA C 278 -30.38 -23.47 -10.39
N GLU C 279 -31.65 -23.23 -10.74
CA GLU C 279 -32.40 -24.24 -11.48
C GLU C 279 -32.03 -24.27 -12.95
N LYS C 280 -31.59 -23.14 -13.52
CA LYS C 280 -31.31 -23.07 -14.96
C LYS C 280 -30.13 -23.98 -15.31
N ALA C 281 -30.20 -24.58 -16.50
CA ALA C 281 -29.18 -25.52 -16.95
C ALA C 281 -28.21 -24.87 -17.93
N GLN C 285 -19.92 -23.29 -17.57
CA GLN C 285 -19.19 -22.36 -16.72
C GLN C 285 -18.79 -21.12 -17.50
N LEU C 286 -18.51 -20.04 -16.77
CA LEU C 286 -18.17 -18.75 -17.36
C LEU C 286 -16.71 -18.44 -17.11
N SER C 287 -16.03 -17.91 -18.14
CA SER C 287 -14.59 -17.68 -18.10
C SER C 287 -14.26 -16.44 -17.28
N VAL C 288 -12.97 -16.30 -16.98
CA VAL C 288 -12.51 -15.12 -16.25
C VAL C 288 -12.88 -13.85 -16.99
N ALA C 289 -12.72 -13.86 -18.32
CA ALA C 289 -13.05 -12.68 -19.11
C ALA C 289 -14.53 -12.31 -18.96
N GLU C 290 -15.40 -13.30 -19.09
CA GLU C 290 -16.83 -13.04 -19.10
C GLU C 290 -17.30 -12.41 -17.80
N ILE C 291 -16.81 -12.90 -16.66
CA ILE C 291 -17.29 -12.37 -15.39
C ILE C 291 -16.64 -11.02 -15.10
N THR C 292 -15.44 -10.78 -15.65
CA THR C 292 -14.79 -9.48 -15.53
C THR C 292 -15.48 -8.43 -16.38
N ASN C 293 -15.78 -8.78 -17.64
CA ASN C 293 -16.55 -7.87 -18.46
C ASN C 293 -17.89 -7.56 -17.82
N ALA C 294 -18.46 -8.51 -17.08
CA ALA C 294 -19.79 -8.34 -16.47
C ALA C 294 -19.78 -7.39 -15.28
N CYS C 295 -18.60 -7.06 -14.73
CA CYS C 295 -18.51 -6.10 -13.63
C CYS C 295 -18.74 -4.67 -14.10
N PHE C 296 -18.50 -4.37 -15.38
CA PHE C 296 -18.64 -3.03 -15.91
C PHE C 296 -19.95 -2.81 -16.66
N GLU C 297 -20.77 -3.86 -16.79
CA GLU C 297 -22.14 -3.73 -17.29
C GLU C 297 -23.05 -3.22 -16.18
N PRO C 298 -23.87 -2.20 -16.42
CA PRO C 298 -24.69 -1.62 -15.34
C PRO C 298 -25.76 -2.56 -14.76
N ALA C 299 -26.07 -3.68 -15.40
CA ALA C 299 -27.11 -4.56 -14.87
C ALA C 299 -26.70 -5.17 -13.54
N ASN C 300 -25.45 -5.61 -13.42
CA ASN C 300 -24.98 -6.30 -12.23
C ASN C 300 -24.42 -5.35 -11.17
N GLN C 301 -24.75 -4.05 -11.23
CA GLN C 301 -24.33 -3.10 -10.21
C GLN C 301 -25.11 -3.32 -8.92
N MET C 302 -24.46 -3.07 -7.78
CA MET C 302 -25.15 -3.06 -6.49
C MET C 302 -25.80 -1.72 -6.18
N VAL C 303 -25.45 -0.67 -6.91
CA VAL C 303 -26.17 0.60 -6.85
C VAL C 303 -26.60 1.00 -8.25
N LYS C 304 -27.80 1.59 -8.34
CA LYS C 304 -28.33 2.08 -9.62
C LYS C 304 -27.64 3.39 -9.97
N CYS C 305 -26.85 3.37 -11.04
CA CYS C 305 -26.15 4.55 -11.60
C CYS C 305 -25.51 4.13 -12.90
N ASP C 306 -25.17 5.12 -13.73
CA ASP C 306 -24.52 4.85 -15.01
C ASP C 306 -23.03 5.18 -14.96
N PRO C 307 -22.15 4.19 -14.79
CA PRO C 307 -20.72 4.48 -14.79
C PRO C 307 -20.21 4.95 -16.14
N ARG C 308 -20.90 4.62 -17.23
CA ARG C 308 -20.54 5.13 -18.54
C ARG C 308 -20.62 6.65 -18.58
N HIS C 309 -21.50 7.25 -17.77
CA HIS C 309 -21.56 8.69 -17.64
C HIS C 309 -20.67 9.22 -16.53
N GLY C 310 -19.74 8.40 -16.02
CA GLY C 310 -18.85 8.80 -14.95
C GLY C 310 -17.42 8.41 -15.23
N LYS C 311 -16.54 8.86 -14.35
CA LYS C 311 -15.13 8.56 -14.49
C LYS C 311 -14.70 7.66 -13.35
N TYR C 312 -13.97 6.60 -13.68
CA TYR C 312 -13.39 5.72 -12.68
C TYR C 312 -12.18 6.37 -12.03
N MET C 313 -12.11 6.31 -10.70
CA MET C 313 -10.91 6.74 -9.96
C MET C 313 -10.14 5.59 -9.32
N ALA C 314 -10.65 4.35 -9.36
CA ALA C 314 -10.02 3.22 -8.67
C ALA C 314 -10.88 1.96 -8.75
N CYS C 315 -10.36 0.87 -9.34
CA CYS C 315 -11.12 -0.38 -9.46
C CYS C 315 -10.40 -1.50 -8.73
N CYS C 316 -11.07 -2.09 -7.74
CA CYS C 316 -10.54 -3.21 -6.99
C CYS C 316 -11.35 -4.46 -7.35
N LEU C 317 -10.70 -5.44 -7.99
CA LEU C 317 -11.34 -6.68 -8.40
C LEU C 317 -10.89 -7.82 -7.49
N LEU C 318 -11.85 -8.49 -6.86
CA LEU C 318 -11.58 -9.57 -5.91
C LEU C 318 -12.13 -10.88 -6.47
N TYR C 319 -11.26 -11.69 -7.07
CA TYR C 319 -11.67 -12.96 -7.64
C TYR C 319 -11.59 -14.05 -6.60
N ARG C 320 -12.41 -15.07 -6.79
CA ARG C 320 -12.41 -16.24 -5.92
C ARG C 320 -12.69 -17.46 -6.79
N GLY C 321 -12.14 -18.59 -6.36
CA GLY C 321 -12.40 -19.85 -7.00
C GLY C 321 -11.27 -20.33 -7.87
N ASP C 322 -11.60 -20.87 -9.04
CA ASP C 322 -10.61 -21.35 -10.00
C ASP C 322 -10.31 -20.23 -10.98
N VAL C 323 -9.31 -19.42 -10.63
CA VAL C 323 -8.92 -18.22 -11.39
C VAL C 323 -7.41 -18.13 -11.38
N VAL C 324 -6.79 -18.14 -12.57
CA VAL C 324 -5.32 -18.05 -12.69
C VAL C 324 -4.88 -16.62 -13.03
N PRO C 325 -3.75 -16.16 -12.48
CA PRO C 325 -3.35 -14.75 -12.68
C PRO C 325 -3.15 -14.32 -14.13
N LYS C 326 -2.70 -15.22 -15.01
CA LYS C 326 -2.58 -14.87 -16.43
C LYS C 326 -3.92 -14.40 -16.99
N ASP C 327 -5.00 -15.16 -16.73
CA ASP C 327 -6.27 -14.83 -17.36
C ASP C 327 -6.93 -13.60 -16.74
N VAL C 328 -6.59 -13.24 -15.50
CA VAL C 328 -6.99 -11.95 -14.97
C VAL C 328 -6.33 -10.82 -15.75
N ASN C 329 -5.00 -10.88 -15.89
CA ASN C 329 -4.25 -9.83 -16.59
C ASN C 329 -4.68 -9.70 -18.04
N ALA C 330 -5.08 -10.81 -18.67
CA ALA C 330 -5.65 -10.76 -20.01
C ALA C 330 -7.01 -10.09 -20.00
N ALA C 331 -7.86 -10.42 -19.01
CA ALA C 331 -9.15 -9.75 -18.91
C ALA C 331 -8.96 -8.27 -18.58
N ILE C 332 -8.03 -7.95 -17.68
CA ILE C 332 -7.77 -6.55 -17.35
C ILE C 332 -7.19 -5.80 -18.54
N ALA C 333 -6.37 -6.47 -19.36
CA ALA C 333 -5.84 -5.84 -20.56
C ALA C 333 -6.97 -5.34 -21.45
N THR C 334 -7.99 -6.18 -21.66
CA THR C 334 -9.11 -5.81 -22.51
C THR C 334 -9.86 -4.61 -21.94
N ILE C 335 -10.02 -4.56 -20.62
CA ILE C 335 -10.78 -3.50 -19.99
C ILE C 335 -10.15 -2.13 -20.26
N LYS C 336 -8.82 -2.03 -20.14
CA LYS C 336 -8.25 -0.70 -20.28
C LYS C 336 -8.16 -0.24 -21.73
N THR C 337 -8.58 -1.08 -22.70
CA THR C 337 -8.77 -0.64 -24.07
C THR C 337 -10.16 -0.10 -24.34
N LYS C 338 -11.13 -0.33 -23.45
CA LYS C 338 -12.50 0.14 -23.66
C LYS C 338 -12.57 1.63 -23.39
N ARG C 339 -12.77 2.43 -24.45
CA ARG C 339 -12.99 3.86 -24.30
C ARG C 339 -14.25 4.15 -23.49
N SER C 340 -15.25 3.24 -23.54
CA SER C 340 -16.45 3.36 -22.73
C SER C 340 -16.13 3.42 -21.24
N ILE C 341 -14.99 2.86 -20.83
CA ILE C 341 -14.57 2.86 -19.44
C ILE C 341 -13.50 3.94 -19.27
N GLN C 342 -13.86 5.07 -18.67
CA GLN C 342 -13.00 6.24 -18.60
C GLN C 342 -12.48 6.46 -17.19
N PHE C 343 -11.16 6.65 -17.05
CA PHE C 343 -10.51 7.02 -15.81
C PHE C 343 -10.18 8.51 -15.81
N VAL C 344 -9.82 9.02 -14.65
CA VAL C 344 -9.51 10.44 -14.52
C VAL C 344 -8.08 10.70 -14.99
N ASP C 345 -7.84 11.94 -15.43
CA ASP C 345 -6.48 12.40 -15.75
C ASP C 345 -5.47 11.93 -14.74
N TRP C 346 -5.77 12.19 -13.49
CA TRP C 346 -4.80 12.02 -12.44
C TRP C 346 -4.68 10.58 -11.96
N CYS C 347 -5.13 9.57 -12.71
CA CYS C 347 -4.97 8.18 -12.28
C CYS C 347 -4.18 7.40 -13.31
N PRO C 348 -2.86 7.30 -13.17
CA PRO C 348 -2.09 6.47 -14.11
C PRO C 348 -2.33 4.98 -13.91
N THR C 349 -2.41 4.55 -12.65
CA THR C 349 -2.66 3.16 -12.28
C THR C 349 -3.97 3.10 -11.53
N GLY C 350 -4.93 2.33 -12.05
CA GLY C 350 -6.24 2.33 -11.44
C GLY C 350 -6.71 1.01 -10.86
N PHE C 351 -6.00 -0.08 -11.16
CA PHE C 351 -6.46 -1.43 -10.86
C PHE C 351 -5.74 -2.06 -9.67
N LYS C 352 -6.50 -2.71 -8.80
CA LYS C 352 -5.97 -3.60 -7.77
C LYS C 352 -6.70 -4.93 -7.86
N VAL C 353 -5.94 -6.03 -7.80
CA VAL C 353 -6.47 -7.35 -8.03
C VAL C 353 -6.09 -8.27 -6.86
N GLY C 354 -7.05 -9.07 -6.40
CA GLY C 354 -6.78 -10.13 -5.46
C GLY C 354 -7.46 -11.39 -5.94
N ILE C 355 -6.92 -12.54 -5.52
CA ILE C 355 -7.44 -13.83 -5.95
C ILE C 355 -7.35 -14.80 -4.78
N ASN C 356 -8.51 -15.23 -4.27
CA ASN C 356 -8.61 -16.32 -3.30
C ASN C 356 -9.16 -17.55 -4.01
N TYR C 357 -8.75 -18.73 -3.55
CA TYR C 357 -8.94 -19.93 -4.36
C TYR C 357 -10.03 -20.87 -3.87
N GLN C 358 -10.84 -20.47 -2.90
CA GLN C 358 -11.94 -21.32 -2.48
C GLN C 358 -13.22 -20.92 -3.19
N PRO C 359 -13.84 -21.79 -3.98
CA PRO C 359 -15.01 -21.39 -4.77
C PRO C 359 -16.09 -20.79 -3.89
N PRO C 360 -16.99 -20.01 -4.47
CA PRO C 360 -18.04 -19.39 -3.64
C PRO C 360 -18.99 -20.45 -3.11
N THR C 361 -19.24 -20.39 -1.80
CA THR C 361 -20.08 -21.35 -1.13
C THR C 361 -21.52 -20.87 -1.17
N VAL C 362 -22.45 -21.78 -1.46
CA VAL C 362 -23.86 -21.46 -1.56
C VAL C 362 -24.60 -22.19 -0.45
N VAL C 363 -25.52 -21.47 0.19
CA VAL C 363 -26.37 -22.06 1.22
C VAL C 363 -27.38 -23.00 0.57
N PRO C 364 -27.34 -24.30 0.87
CA PRO C 364 -28.33 -25.21 0.29
C PRO C 364 -29.74 -24.84 0.71
N GLY C 365 -30.69 -25.15 -0.16
CA GLY C 365 -32.02 -24.60 -0.01
C GLY C 365 -32.11 -23.13 -0.38
N GLY C 366 -31.03 -22.56 -0.93
CA GLY C 366 -31.04 -21.23 -1.47
C GLY C 366 -31.21 -21.24 -2.98
N ASP C 367 -31.27 -20.02 -3.54
CA ASP C 367 -31.63 -19.84 -4.94
C ASP C 367 -30.44 -19.66 -5.87
N LEU C 368 -29.25 -19.33 -5.35
CA LEU C 368 -28.07 -19.14 -6.19
C LEU C 368 -27.42 -20.47 -6.52
N ALA C 369 -26.79 -20.53 -7.70
CA ALA C 369 -26.10 -21.72 -8.15
C ALA C 369 -24.64 -21.71 -7.70
N LYS C 370 -24.09 -22.91 -7.52
CA LYS C 370 -22.68 -23.02 -7.21
C LYS C 370 -21.88 -22.85 -8.50
N VAL C 371 -20.92 -21.94 -8.48
CA VAL C 371 -20.09 -21.67 -9.63
C VAL C 371 -18.64 -21.97 -9.28
N GLN C 372 -17.85 -22.23 -10.32
CA GLN C 372 -16.42 -22.47 -10.12
C GLN C 372 -15.71 -21.17 -9.77
N ARG C 373 -15.91 -20.13 -10.58
CA ARG C 373 -15.26 -18.84 -10.37
C ARG C 373 -16.28 -17.72 -10.35
N ALA C 374 -16.04 -16.73 -9.50
CA ALA C 374 -16.84 -15.51 -9.46
C ALA C 374 -15.93 -14.36 -9.07
N VAL C 375 -16.43 -13.13 -9.26
CA VAL C 375 -15.64 -11.94 -8.95
C VAL C 375 -16.56 -10.85 -8.44
N CYS C 376 -16.04 -10.03 -7.52
CA CYS C 376 -16.72 -8.83 -7.04
C CYS C 376 -15.79 -7.62 -7.20
N MET C 377 -16.22 -6.63 -7.98
CA MET C 377 -15.44 -5.42 -8.19
C MET C 377 -15.96 -4.29 -7.32
N LEU C 378 -15.03 -3.55 -6.74
CA LEU C 378 -15.33 -2.29 -6.07
C LEU C 378 -14.65 -1.19 -6.87
N SER C 379 -15.45 -0.24 -7.34
CA SER C 379 -14.93 0.83 -8.17
C SER C 379 -15.41 2.14 -7.59
N ASN C 380 -14.51 3.11 -7.53
CA ASN C 380 -14.86 4.45 -7.12
C ASN C 380 -15.03 5.27 -8.40
N THR C 381 -16.29 5.42 -8.83
CA THR C 381 -16.65 6.24 -9.97
C THR C 381 -17.39 7.49 -9.49
N THR C 382 -17.19 8.59 -10.21
CA THR C 382 -17.99 9.79 -9.93
C THR C 382 -19.46 9.53 -10.21
N ALA C 383 -19.79 8.38 -10.80
CA ALA C 383 -21.18 8.09 -11.15
C ALA C 383 -22.04 7.89 -9.90
N ILE C 384 -21.46 7.43 -8.79
CA ILE C 384 -22.27 7.22 -7.60
C ILE C 384 -22.90 8.51 -7.08
N ALA C 385 -22.47 9.68 -7.56
CA ALA C 385 -23.10 10.92 -7.12
C ALA C 385 -24.58 10.99 -7.53
N GLU C 386 -24.95 10.32 -8.62
CA GLU C 386 -26.36 10.22 -9.01
C GLU C 386 -27.20 9.66 -7.85
N ALA C 387 -26.68 8.66 -7.14
CA ALA C 387 -27.40 8.11 -6.00
C ALA C 387 -27.52 9.13 -4.88
N TRP C 388 -26.51 10.00 -4.68
CA TRP C 388 -26.67 11.04 -3.67
C TRP C 388 -27.67 12.09 -4.12
N ALA C 389 -27.70 12.38 -5.42
CA ALA C 389 -28.64 13.34 -5.96
C ALA C 389 -30.08 12.88 -5.75
N ARG C 390 -30.35 11.57 -5.89
CA ARG C 390 -31.70 11.05 -5.72
C ARG C 390 -32.18 11.16 -4.27
N LEU C 391 -31.32 10.81 -3.31
CA LEU C 391 -31.69 10.99 -1.90
C LEU C 391 -31.87 12.46 -1.57
N ASP C 392 -31.00 13.31 -2.10
CA ASP C 392 -31.05 14.72 -1.73
C ASP C 392 -32.35 15.34 -2.18
N HIS C 393 -32.85 14.90 -3.33
CA HIS C 393 -34.06 15.51 -3.86
C HIS C 393 -35.29 15.06 -3.05
N LYS C 394 -35.35 13.80 -2.64
CA LYS C 394 -36.43 13.40 -1.76
C LYS C 394 -36.39 14.20 -0.47
N PHE C 395 -35.18 14.46 0.04
CA PHE C 395 -35.02 15.28 1.25
C PHE C 395 -35.59 16.69 1.04
N ASP C 396 -35.33 17.29 -0.12
CA ASP C 396 -35.73 18.68 -0.32
C ASP C 396 -37.23 18.83 -0.49
N LEU C 397 -37.87 17.84 -1.13
CA LEU C 397 -39.32 17.80 -1.21
C LEU C 397 -39.93 17.97 0.18
N MET C 398 -39.53 17.13 1.12
CA MET C 398 -40.15 17.16 2.43
C MET C 398 -39.68 18.35 3.24
N TYR C 399 -38.39 18.68 3.12
CA TYR C 399 -37.82 19.69 4.00
C TYR C 399 -38.31 21.09 3.65
N ALA C 400 -38.67 21.33 2.38
CA ALA C 400 -39.21 22.62 1.98
C ALA C 400 -40.47 22.98 2.77
N LYS C 401 -41.29 21.98 3.13
CA LYS C 401 -42.48 22.21 3.93
C LYS C 401 -42.26 21.84 5.38
N ARG C 402 -41.04 21.43 5.75
CA ARG C 402 -40.75 20.99 7.12
C ARG C 402 -41.59 19.79 7.52
N ALA C 403 -42.03 19.03 6.52
CA ALA C 403 -42.78 17.80 6.75
C ALA C 403 -42.02 16.87 7.67
N PHE C 404 -42.67 16.48 8.78
CA PHE C 404 -42.21 15.44 9.69
C PHE C 404 -41.12 15.96 10.63
N VAL C 405 -40.66 17.18 10.43
CA VAL C 405 -39.49 17.67 11.17
C VAL C 405 -39.80 17.80 12.65
N HIS C 406 -41.07 18.02 12.99
CA HIS C 406 -41.42 18.21 14.40
C HIS C 406 -41.03 16.97 15.22
N TRP C 407 -41.14 15.78 14.62
CA TRP C 407 -40.80 14.54 15.33
C TRP C 407 -39.35 14.55 15.78
N TYR C 408 -38.45 15.11 14.95
CA TYR C 408 -37.04 15.17 15.34
C TYR C 408 -36.79 16.31 16.33
N VAL C 409 -37.41 17.47 16.11
CA VAL C 409 -37.26 18.56 17.07
C VAL C 409 -37.75 18.13 18.45
N GLY C 410 -38.83 17.34 18.49
CA GLY C 410 -39.40 16.92 19.77
C GLY C 410 -38.45 16.04 20.55
N GLU C 411 -37.66 15.23 19.87
CA GLU C 411 -36.63 14.43 20.52
C GLU C 411 -35.34 15.22 20.83
N GLY C 412 -35.34 16.57 20.75
CA GLY C 412 -34.22 17.38 21.15
C GLY C 412 -33.35 17.95 20.03
N MET C 413 -33.50 17.46 18.79
CA MET C 413 -32.73 18.02 17.69
C MET C 413 -33.15 19.45 17.40
N GLU C 414 -32.37 20.12 16.58
CA GLU C 414 -32.67 21.46 16.10
C GLU C 414 -32.79 21.41 14.59
N GLU C 415 -33.54 22.37 14.04
CA GLU C 415 -33.63 22.49 12.59
C GLU C 415 -32.27 22.74 11.97
N GLY C 416 -31.40 23.46 12.68
CA GLY C 416 -30.05 23.71 12.18
C GLY C 416 -29.33 22.44 11.75
N GLU C 417 -29.52 21.34 12.49
CA GLU C 417 -28.82 20.11 12.12
C GLU C 417 -29.28 19.60 10.75
N PHE C 418 -30.54 19.84 10.41
CA PHE C 418 -31.05 19.47 9.08
C PHE C 418 -30.33 20.23 7.98
N SER C 419 -30.33 21.56 8.04
CA SER C 419 -29.69 22.35 7.02
C SER C 419 -28.19 22.06 6.92
N GLU C 420 -27.48 21.98 8.06
CA GLU C 420 -26.06 21.63 8.03
C GLU C 420 -25.82 20.30 7.31
N ALA C 421 -26.57 19.26 7.69
CA ALA C 421 -26.45 17.97 7.02
C ALA C 421 -26.73 18.09 5.52
N ARG C 422 -27.70 18.91 5.14
CA ARG C 422 -28.00 19.04 3.71
C ARG C 422 -26.92 19.83 2.99
N GLU C 423 -26.36 20.84 3.66
CA GLU C 423 -25.29 21.63 3.07
C GLU C 423 -24.04 20.77 2.89
N ASP C 424 -23.77 19.88 3.85
CA ASP C 424 -22.64 18.95 3.71
C ASP C 424 -22.86 17.99 2.54
N MET C 425 -24.09 17.49 2.39
CA MET C 425 -24.42 16.71 1.20
C MET C 425 -24.25 17.54 -0.07
N ALA C 426 -24.52 18.83 0.02
CA ALA C 426 -24.36 19.67 -1.18
C ALA C 426 -22.89 19.82 -1.53
N ALA C 427 -22.05 20.08 -0.53
CA ALA C 427 -20.61 20.06 -0.75
C ALA C 427 -20.16 18.75 -1.37
N LEU C 428 -20.59 17.62 -0.78
CA LEU C 428 -20.19 16.32 -1.30
C LEU C 428 -20.54 16.16 -2.78
N GLU C 429 -21.77 16.56 -3.16
CA GLU C 429 -22.17 16.53 -4.55
C GLU C 429 -21.22 17.36 -5.42
N LYS C 430 -20.85 18.55 -4.94
CA LYS C 430 -19.92 19.42 -5.65
C LYS C 430 -18.51 18.84 -5.68
N ASP C 431 -18.12 18.12 -4.64
CA ASP C 431 -16.82 17.45 -4.61
C ASP C 431 -16.72 16.36 -5.67
N TYR C 432 -17.77 15.54 -5.83
CA TYR C 432 -17.78 14.56 -6.92
C TYR C 432 -17.72 15.22 -8.30
N GLU C 433 -18.10 16.49 -8.40
CA GLU C 433 -17.98 17.22 -9.66
C GLU C 433 -16.54 17.64 -9.90
N GLU C 434 -15.90 18.19 -8.87
CA GLU C 434 -14.56 18.73 -9.00
C GLU C 434 -13.53 17.66 -9.33
N VAL C 435 -13.67 16.47 -8.74
CA VAL C 435 -12.66 15.41 -8.96
C VAL C 435 -12.74 14.81 -10.36
N GLY C 436 -13.87 14.99 -11.07
CA GLY C 436 -13.99 14.48 -12.42
C GLY C 436 -13.49 15.43 -13.50
N VAL C 437 -13.17 16.67 -13.12
CA VAL C 437 -12.60 17.60 -14.07
C VAL C 437 -11.28 17.05 -14.59
N ASP C 438 -11.06 17.22 -15.88
CA ASP C 438 -9.82 16.81 -16.55
C ASP C 438 -8.68 17.79 -16.26
N MET D 1 -42.29 -1.51 23.21
CA MET D 1 -43.52 -1.23 22.46
C MET D 1 -44.42 -2.47 22.32
N ARG D 2 -45.21 -2.76 23.35
CA ARG D 2 -46.16 -3.86 23.27
C ARG D 2 -47.53 -3.46 23.80
N GLU D 3 -47.61 -3.19 25.10
CA GLU D 3 -48.91 -3.08 25.78
C GLU D 3 -49.61 -1.77 25.43
N ILE D 4 -50.92 -1.86 25.18
CA ILE D 4 -51.81 -0.72 25.03
C ILE D 4 -52.83 -0.75 26.15
N VAL D 5 -53.14 0.42 26.69
CA VAL D 5 -54.17 0.58 27.70
C VAL D 5 -55.37 1.24 27.05
N HIS D 6 -56.53 0.60 27.17
CA HIS D 6 -57.73 1.02 26.44
C HIS D 6 -58.72 1.66 27.39
N ILE D 7 -59.31 2.77 26.96
CA ILE D 7 -60.29 3.48 27.76
C ILE D 7 -61.53 3.76 26.91
N GLN D 8 -62.70 3.51 27.48
CA GLN D 8 -63.97 3.83 26.84
C GLN D 8 -64.86 4.64 27.78
N ALA D 9 -65.36 5.76 27.30
CA ALA D 9 -66.03 6.73 28.14
C ALA D 9 -67.37 7.15 27.54
N GLY D 10 -68.44 7.11 28.36
CA GLY D 10 -69.77 7.49 27.94
C GLY D 10 -70.49 6.41 27.14
N GLN D 11 -71.71 6.74 26.70
CA GLN D 11 -72.57 5.75 26.06
C GLN D 11 -71.96 5.27 24.75
N CYS D 12 -71.73 6.19 23.83
CA CYS D 12 -71.10 5.83 22.56
C CYS D 12 -69.74 5.15 22.80
N GLY D 13 -68.90 5.74 23.65
CA GLY D 13 -67.62 5.14 23.97
C GLY D 13 -67.74 3.70 24.43
N ASN D 14 -68.64 3.44 25.38
CA ASN D 14 -68.69 2.09 25.93
C ASN D 14 -69.36 1.13 24.97
N GLN D 15 -70.26 1.62 24.12
CA GLN D 15 -70.90 0.67 23.23
C GLN D 15 -70.02 0.32 22.05
N ILE D 16 -69.31 1.29 21.47
CA ILE D 16 -68.39 0.86 20.42
C ILE D 16 -67.19 0.14 21.05
N GLY D 17 -66.81 0.51 22.28
CA GLY D 17 -65.72 -0.21 22.94
C GLY D 17 -66.06 -1.66 23.19
N ALA D 18 -67.26 -1.92 23.71
CA ALA D 18 -67.76 -3.28 23.85
C ALA D 18 -67.60 -4.06 22.54
N LYS D 19 -68.12 -3.52 21.44
CA LYS D 19 -68.14 -4.29 20.20
C LYS D 19 -66.73 -4.56 19.71
N PHE D 20 -65.80 -3.61 19.92
CA PHE D 20 -64.39 -3.85 19.64
C PHE D 20 -63.89 -5.08 20.38
N TRP D 21 -64.19 -5.18 21.67
CA TRP D 21 -63.67 -6.30 22.45
C TRP D 21 -64.31 -7.62 22.06
N GLU D 22 -65.60 -7.64 21.73
CA GLU D 22 -66.18 -8.86 21.17
C GLU D 22 -65.45 -9.27 19.90
N VAL D 23 -65.26 -8.32 18.99
CA VAL D 23 -64.77 -8.65 17.65
C VAL D 23 -63.35 -9.20 17.70
N ILE D 24 -62.43 -8.49 18.37
CA ILE D 24 -61.04 -8.97 18.37
C ILE D 24 -60.90 -10.20 19.25
N SER D 25 -61.80 -10.38 20.20
CA SER D 25 -61.81 -11.62 20.96
C SER D 25 -62.08 -12.81 20.05
N ASP D 26 -63.13 -12.74 19.23
CA ASP D 26 -63.39 -13.82 18.27
C ASP D 26 -62.20 -14.03 17.35
N GLU D 27 -61.57 -12.94 16.89
CA GLU D 27 -60.40 -13.07 16.04
C GLU D 27 -59.29 -13.79 16.78
N HIS D 28 -59.16 -13.52 18.08
CA HIS D 28 -58.06 -14.06 18.88
C HIS D 28 -58.44 -15.33 19.64
N GLY D 29 -59.59 -15.91 19.33
CA GLY D 29 -59.96 -17.17 19.96
C GLY D 29 -60.13 -17.09 21.46
N ILE D 30 -60.73 -16.01 21.96
CA ILE D 30 -61.02 -15.85 23.38
C ILE D 30 -62.54 -15.81 23.55
N ASP D 31 -63.06 -16.64 24.48
CA ASP D 31 -64.49 -16.69 24.77
C ASP D 31 -64.81 -15.73 25.92
N PRO D 32 -66.08 -15.56 26.28
CA PRO D 32 -66.36 -14.56 27.33
C PRO D 32 -65.80 -14.92 28.70
N THR D 33 -65.56 -16.21 28.97
CA THR D 33 -64.89 -16.58 30.21
C THR D 33 -63.47 -16.06 30.29
N GLY D 34 -62.87 -15.71 29.14
CA GLY D 34 -61.49 -15.31 29.07
C GLY D 34 -60.54 -16.39 28.61
N SER D 35 -61.05 -17.53 28.15
CA SER D 35 -60.20 -18.67 27.82
C SER D 35 -59.88 -18.70 26.34
N TYR D 36 -58.66 -19.13 26.01
CA TYR D 36 -58.26 -19.29 24.61
C TYR D 36 -58.79 -20.60 24.07
N HIS D 37 -59.51 -20.54 22.95
CA HIS D 37 -60.04 -21.74 22.32
C HIS D 37 -59.69 -21.80 20.83
N GLY D 38 -58.72 -20.99 20.38
CA GLY D 38 -58.41 -20.90 18.97
C GLY D 38 -57.47 -22.00 18.49
N ASP D 39 -57.11 -21.92 17.21
CA ASP D 39 -56.33 -22.96 16.57
C ASP D 39 -54.96 -22.50 16.07
N SER D 40 -54.61 -21.23 16.28
CA SER D 40 -53.34 -20.71 15.77
C SER D 40 -52.60 -19.97 16.87
N ASP D 41 -51.30 -20.25 16.99
CA ASP D 41 -50.45 -19.46 17.89
C ASP D 41 -50.42 -18.00 17.47
N LEU D 42 -50.65 -17.71 16.17
CA LEU D 42 -50.70 -16.32 15.70
C LEU D 42 -51.73 -15.49 16.45
N GLN D 43 -52.83 -16.11 16.88
CA GLN D 43 -53.81 -15.39 17.68
C GLN D 43 -53.26 -15.03 19.04
N LEU D 44 -52.25 -15.78 19.53
CA LEU D 44 -51.68 -15.55 20.85
C LEU D 44 -50.35 -14.82 20.82
N GLU D 45 -49.69 -14.73 19.66
CA GLU D 45 -48.35 -14.17 19.62
C GLU D 45 -48.30 -12.77 20.22
N ARG D 46 -49.15 -11.87 19.75
CA ARG D 46 -49.08 -10.48 20.20
C ARG D 46 -50.26 -10.12 21.10
N ILE D 47 -50.91 -11.13 21.68
CA ILE D 47 -52.07 -10.93 22.55
C ILE D 47 -51.79 -10.02 23.74
N ASN D 48 -50.51 -9.87 24.14
CA ASN D 48 -50.18 -8.99 25.26
C ASN D 48 -50.47 -7.53 24.95
N VAL D 49 -50.72 -7.18 23.69
CA VAL D 49 -50.93 -5.78 23.32
C VAL D 49 -52.19 -5.24 23.97
N TYR D 50 -53.26 -6.05 23.99
CA TYR D 50 -54.55 -5.66 24.51
C TYR D 50 -55.01 -6.44 25.74
N TYR D 51 -54.48 -7.63 26.00
CA TYR D 51 -54.95 -8.49 27.09
C TYR D 51 -53.85 -8.73 28.11
N ASN D 52 -54.21 -8.70 29.40
CA ASN D 52 -53.30 -9.14 30.46
C ASN D 52 -53.40 -10.65 30.62
N GLU D 53 -52.26 -11.30 30.79
CA GLU D 53 -52.25 -12.73 31.08
C GLU D 53 -52.73 -12.95 32.52
N ALA D 54 -53.62 -13.94 32.69
CA ALA D 54 -54.31 -14.12 33.97
C ALA D 54 -54.17 -15.54 34.49
N THR D 55 -54.57 -15.70 35.76
CA THR D 55 -54.60 -16.99 36.41
C THR D 55 -55.68 -17.87 35.80
N GLY D 56 -55.40 -19.16 35.73
CA GLY D 56 -56.24 -20.10 35.01
C GLY D 56 -56.01 -20.10 33.52
N ASN D 57 -54.88 -19.56 33.06
CA ASN D 57 -54.62 -19.33 31.63
C ASN D 57 -55.75 -18.54 30.97
N LYS D 58 -56.29 -17.60 31.74
CA LYS D 58 -57.31 -16.67 31.29
C LYS D 58 -56.65 -15.44 30.66
N TYR D 59 -57.48 -14.60 30.05
CA TYR D 59 -57.04 -13.36 29.45
C TYR D 59 -58.10 -12.30 29.74
N VAL D 60 -57.67 -11.14 30.24
CA VAL D 60 -58.56 -10.07 30.65
C VAL D 60 -58.19 -8.81 29.87
N PRO D 61 -59.13 -8.16 29.19
CA PRO D 61 -58.78 -6.99 28.39
C PRO D 61 -58.21 -5.87 29.24
N ARG D 62 -57.06 -5.35 28.81
CA ARG D 62 -56.46 -4.20 29.47
C ARG D 62 -57.33 -2.99 29.19
N ALA D 63 -58.45 -2.92 29.91
CA ALA D 63 -59.54 -2.06 29.50
C ALA D 63 -60.15 -1.39 30.72
N ILE D 64 -60.40 -0.09 30.61
CA ILE D 64 -60.99 0.72 31.66
C ILE D 64 -62.27 1.35 31.13
N LEU D 65 -63.38 1.12 31.84
CA LEU D 65 -64.70 1.50 31.38
C LEU D 65 -65.22 2.61 32.29
N VAL D 66 -65.71 3.69 31.71
CA VAL D 66 -65.91 4.96 32.40
C VAL D 66 -67.22 5.57 31.94
N ASP D 67 -68.04 6.05 32.88
CA ASP D 67 -69.21 6.86 32.50
C ASP D 67 -69.75 7.59 33.73
N LEU D 68 -70.25 8.79 33.49
CA LEU D 68 -70.92 9.52 34.57
C LEU D 68 -72.27 8.90 34.90
N GLU D 69 -72.97 8.35 33.89
CA GLU D 69 -74.25 7.66 34.00
C GLU D 69 -74.04 6.22 34.45
N PRO D 70 -74.69 5.78 35.53
CA PRO D 70 -74.45 4.42 36.02
C PRO D 70 -75.00 3.32 35.11
N GLY D 71 -75.89 3.67 34.17
CA GLY D 71 -76.62 2.64 33.46
C GLY D 71 -75.78 1.89 32.44
N THR D 72 -74.88 2.60 31.75
CA THR D 72 -74.13 1.96 30.67
C THR D 72 -73.25 0.83 31.18
N MET D 73 -72.81 0.89 32.45
CA MET D 73 -71.97 -0.17 32.97
C MET D 73 -72.76 -1.47 33.11
N ASP D 74 -73.96 -1.37 33.67
CA ASP D 74 -74.86 -2.52 33.73
C ASP D 74 -75.15 -3.05 32.33
N SER D 75 -75.37 -2.17 31.35
CA SER D 75 -75.63 -2.64 29.99
C SER D 75 -74.41 -3.37 29.42
N VAL D 76 -73.20 -2.93 29.75
CA VAL D 76 -72.00 -3.63 29.29
C VAL D 76 -71.86 -4.99 29.96
N ARG D 77 -71.97 -5.02 31.30
CA ARG D 77 -71.90 -6.30 32.02
C ARG D 77 -72.99 -7.26 31.56
N SER D 78 -74.16 -6.73 31.19
CA SER D 78 -75.21 -7.57 30.62
C SER D 78 -74.85 -8.02 29.20
N GLY D 79 -74.15 -7.18 28.46
CA GLY D 79 -73.79 -7.48 27.10
C GLY D 79 -72.93 -8.72 26.96
N PRO D 80 -72.92 -9.31 25.76
CA PRO D 80 -72.01 -10.44 25.51
C PRO D 80 -70.57 -9.98 25.67
N PHE D 81 -69.80 -10.79 26.40
CA PHE D 81 -68.44 -10.53 26.87
C PHE D 81 -68.41 -9.50 28.00
N GLY D 82 -69.54 -9.23 28.66
CA GLY D 82 -69.52 -8.31 29.79
C GLY D 82 -68.71 -8.84 30.97
N GLN D 83 -68.64 -10.16 31.12
CA GLN D 83 -67.93 -10.75 32.25
C GLN D 83 -66.43 -10.77 32.06
N ILE D 84 -65.95 -10.55 30.83
CA ILE D 84 -64.52 -10.66 30.54
C ILE D 84 -63.77 -9.51 31.17
N PHE D 85 -64.45 -8.39 31.43
CA PHE D 85 -63.76 -7.19 31.90
C PHE D 85 -63.47 -7.30 33.38
N ARG D 86 -62.28 -6.84 33.76
CA ARG D 86 -61.93 -6.74 35.16
C ARG D 86 -63.02 -5.95 35.90
N PRO D 87 -63.62 -6.51 36.95
CA PRO D 87 -64.75 -5.81 37.62
C PRO D 87 -64.33 -4.54 38.34
N ASP D 88 -63.05 -4.43 38.70
CA ASP D 88 -62.53 -3.23 39.35
C ASP D 88 -62.12 -2.14 38.36
N ASN D 89 -62.17 -2.41 37.05
CA ASN D 89 -61.93 -1.37 36.06
C ASN D 89 -63.23 -0.70 35.60
N PHE D 90 -64.33 -0.96 36.29
CA PHE D 90 -65.59 -0.29 36.04
C PHE D 90 -65.64 0.93 36.93
N VAL D 91 -65.50 2.13 36.36
CA VAL D 91 -65.64 3.36 37.11
C VAL D 91 -66.87 4.09 36.60
N PHE D 92 -67.81 4.35 37.50
CA PHE D 92 -69.10 4.92 37.15
C PHE D 92 -69.45 5.94 38.21
N GLY D 93 -70.39 6.82 37.88
CA GLY D 93 -70.76 7.90 38.77
C GLY D 93 -72.25 8.00 38.93
N GLN D 94 -72.72 9.09 39.53
CA GLN D 94 -74.10 9.16 39.99
C GLN D 94 -75.07 9.62 38.90
N SER D 95 -74.79 10.72 38.22
CA SER D 95 -75.70 11.18 37.17
C SER D 95 -74.93 11.51 35.91
N GLY D 96 -75.60 11.37 34.78
CA GLY D 96 -75.05 11.78 33.49
C GLY D 96 -74.59 13.22 33.42
N ALA D 97 -74.07 13.62 32.26
CA ALA D 97 -73.62 14.98 32.03
C ALA D 97 -74.67 15.80 31.32
N GLY D 98 -75.83 15.21 31.06
CA GLY D 98 -76.89 15.94 30.36
C GLY D 98 -76.46 16.46 29.02
N ASN D 99 -75.66 15.68 28.28
CA ASN D 99 -75.12 16.08 26.97
C ASN D 99 -74.41 17.43 27.07
N ASN D 100 -73.70 17.68 28.17
CA ASN D 100 -73.09 18.98 28.44
C ASN D 100 -71.58 18.83 28.61
N TRP D 101 -70.81 19.33 27.61
CA TRP D 101 -69.36 19.22 27.64
C TRP D 101 -68.77 19.75 28.95
N ALA D 102 -69.23 20.93 29.39
CA ALA D 102 -68.70 21.53 30.61
C ALA D 102 -69.03 20.71 31.84
N LYS D 103 -70.13 19.98 31.84
CA LYS D 103 -70.38 19.09 32.97
C LYS D 103 -69.34 17.98 32.99
N GLY D 104 -69.06 17.38 31.84
CA GLY D 104 -68.07 16.31 31.80
C GLY D 104 -66.63 16.79 31.99
N HIS D 105 -66.29 17.95 31.43
CA HIS D 105 -64.91 18.42 31.44
C HIS D 105 -64.53 19.16 32.71
N TYR D 106 -65.48 19.83 33.36
CA TYR D 106 -65.16 20.80 34.41
C TYR D 106 -65.75 20.48 35.77
N THR D 107 -67.01 20.05 35.84
CA THR D 107 -67.60 19.83 37.15
C THR D 107 -67.65 18.35 37.53
N GLU D 108 -68.74 17.68 37.18
CA GLU D 108 -68.95 16.29 37.60
C GLU D 108 -67.84 15.37 37.10
N GLY D 109 -67.40 15.56 35.85
CA GLY D 109 -66.37 14.69 35.33
C GLY D 109 -65.08 14.79 36.10
N ALA D 110 -64.81 15.97 36.65
CA ALA D 110 -63.57 16.19 37.40
C ALA D 110 -63.63 15.50 38.76
N GLU D 111 -64.82 15.30 39.32
CA GLU D 111 -64.92 14.54 40.56
C GLU D 111 -64.48 13.10 40.33
N LEU D 112 -64.95 12.48 39.25
CA LEU D 112 -64.64 11.08 38.97
C LEU D 112 -63.23 10.86 38.40
N VAL D 113 -62.57 11.90 37.88
CA VAL D 113 -61.41 11.68 37.02
C VAL D 113 -60.23 11.11 37.81
N ASP D 114 -60.06 11.54 39.06
CA ASP D 114 -58.99 10.99 39.88
C ASP D 114 -59.14 9.49 40.06
N SER D 115 -60.37 9.03 40.27
CA SER D 115 -60.62 7.60 40.40
C SER D 115 -60.24 6.86 39.13
N VAL D 116 -60.58 7.42 37.97
CA VAL D 116 -60.15 6.82 36.70
C VAL D 116 -58.63 6.74 36.63
N LEU D 117 -57.94 7.80 37.07
CA LEU D 117 -56.48 7.83 36.98
C LEU D 117 -55.86 6.76 37.85
N ASP D 118 -56.53 6.33 38.92
CA ASP D 118 -56.02 5.25 39.74
C ASP D 118 -56.04 3.93 38.98
N VAL D 119 -57.18 3.56 38.37
CA VAL D 119 -57.25 2.36 37.54
C VAL D 119 -56.24 2.41 36.40
N VAL D 120 -56.01 3.59 35.82
CA VAL D 120 -55.04 3.70 34.73
C VAL D 120 -53.64 3.48 35.26
N ARG D 121 -53.31 4.04 36.42
CA ARG D 121 -51.99 3.85 36.99
C ARG D 121 -51.67 2.38 37.17
N LYS D 122 -52.62 1.61 37.73
CA LYS D 122 -52.41 0.17 37.91
C LYS D 122 -52.15 -0.51 36.58
N GLU D 123 -53.07 -0.39 35.61
CA GLU D 123 -52.92 -1.16 34.38
C GLU D 123 -51.63 -0.81 33.64
N SER D 124 -51.13 0.42 33.80
CA SER D 124 -49.95 0.86 33.05
C SER D 124 -48.64 0.56 33.77
N GLU D 125 -48.65 0.50 35.11
CA GLU D 125 -47.47 0.06 35.84
C GLU D 125 -47.27 -1.45 35.76
N SER D 126 -48.32 -2.21 35.47
CA SER D 126 -48.20 -3.65 35.23
C SER D 126 -47.68 -3.96 33.84
N CYS D 127 -47.19 -2.97 33.10
CA CYS D 127 -46.80 -3.13 31.71
C CYS D 127 -45.29 -3.17 31.58
N ASP D 128 -44.78 -4.13 30.81
CA ASP D 128 -43.35 -4.15 30.52
C ASP D 128 -42.95 -2.92 29.70
N CYS D 129 -43.56 -2.71 28.54
CA CYS D 129 -43.18 -1.59 27.68
C CYS D 129 -44.44 -1.00 27.08
N LEU D 130 -44.90 0.10 27.68
CA LEU D 130 -46.20 0.69 27.40
C LEU D 130 -46.12 1.54 26.13
N GLN D 131 -46.77 1.08 25.06
CA GLN D 131 -46.93 1.93 23.88
C GLN D 131 -47.65 3.22 24.25
N GLY D 132 -48.82 3.09 24.89
CA GLY D 132 -49.68 4.22 25.19
C GLY D 132 -51.15 3.79 25.25
N PHE D 133 -52.03 4.76 24.97
CA PHE D 133 -53.44 4.67 25.27
C PHE D 133 -54.30 4.83 24.02
N GLN D 134 -55.42 4.10 23.98
CA GLN D 134 -56.46 4.38 23.01
C GLN D 134 -57.79 4.61 23.72
N LEU D 135 -58.51 5.63 23.26
CA LEU D 135 -59.74 6.09 23.87
C LEU D 135 -60.89 6.03 22.86
N THR D 136 -62.00 5.42 23.24
CA THR D 136 -63.23 5.48 22.46
C THR D 136 -64.25 6.37 23.15
N HIS D 137 -64.89 7.22 22.38
CA HIS D 137 -65.82 8.19 22.92
C HIS D 137 -66.51 8.87 21.74
N SER D 138 -67.51 9.66 22.07
CA SER D 138 -68.20 10.53 21.14
C SER D 138 -67.78 11.96 21.44
N LEU D 139 -67.99 12.84 20.48
CA LEU D 139 -67.73 14.25 20.69
C LEU D 139 -69.01 15.06 20.86
N GLY D 140 -70.17 14.49 20.54
CA GLY D 140 -71.42 15.21 20.64
C GLY D 140 -72.04 15.23 22.03
N GLY D 141 -71.74 14.23 22.84
CA GLY D 141 -72.33 14.10 24.16
C GLY D 141 -71.65 15.00 25.16
N GLY D 142 -71.70 14.58 26.43
CA GLY D 142 -71.10 15.34 27.50
C GLY D 142 -70.00 14.58 28.24
N THR D 143 -70.13 13.26 28.34
CA THR D 143 -69.11 12.52 29.09
C THR D 143 -67.93 12.13 28.20
N GLY D 144 -68.18 11.30 27.19
CA GLY D 144 -67.11 10.91 26.30
C GLY D 144 -66.38 12.09 25.71
N SER D 145 -67.07 13.21 25.54
CA SER D 145 -66.38 14.32 24.93
C SER D 145 -65.71 15.21 25.97
N GLY D 146 -66.43 15.56 27.02
CA GLY D 146 -65.93 16.54 27.97
C GLY D 146 -65.04 15.90 29.03
N MET D 147 -65.53 14.84 29.65
CA MET D 147 -64.63 14.08 30.50
C MET D 147 -63.60 13.29 29.69
N GLY D 148 -63.91 12.96 28.44
CA GLY D 148 -62.94 12.25 27.62
C GLY D 148 -61.68 13.08 27.35
N THR D 149 -61.87 14.36 27.03
CA THR D 149 -60.71 15.20 26.76
C THR D 149 -60.03 15.65 28.06
N LEU D 150 -60.78 15.74 29.16
CA LEU D 150 -60.17 15.96 30.45
C LEU D 150 -59.23 14.82 30.80
N LEU D 151 -59.74 13.59 30.75
CA LEU D 151 -58.93 12.39 30.94
C LEU D 151 -57.69 12.41 30.05
N ILE D 152 -57.85 12.76 28.77
CA ILE D 152 -56.70 12.74 27.87
C ILE D 152 -55.58 13.60 28.42
N SER D 153 -55.89 14.88 28.73
CA SER D 153 -54.85 15.81 29.13
C SER D 153 -54.25 15.44 30.49
N LYS D 154 -55.05 14.84 31.38
CA LYS D 154 -54.50 14.40 32.65
C LYS D 154 -53.58 13.20 32.47
N ILE D 155 -53.91 12.29 31.57
CA ILE D 155 -53.00 11.19 31.24
C ILE D 155 -51.74 11.72 30.56
N ARG D 156 -51.90 12.70 29.67
CA ARG D 156 -50.76 13.40 29.07
C ARG D 156 -49.78 13.88 30.14
N GLU D 157 -50.31 14.48 31.21
CA GLU D 157 -49.49 15.06 32.26
C GLU D 157 -48.66 14.03 33.00
N GLU D 158 -49.12 12.78 33.10
CA GLU D 158 -48.34 11.77 33.78
C GLU D 158 -47.48 10.96 32.83
N TYR D 159 -47.97 10.71 31.62
CA TYR D 159 -47.30 9.85 30.65
C TYR D 159 -47.01 10.64 29.38
N PRO D 160 -46.15 11.66 29.44
CA PRO D 160 -45.97 12.53 28.27
C PRO D 160 -45.22 11.90 27.12
N ASP D 161 -44.57 10.75 27.32
CA ASP D 161 -43.78 10.07 26.29
C ASP D 161 -44.51 8.92 25.62
N ARG D 162 -45.74 8.61 26.02
CA ARG D 162 -46.48 7.55 25.36
C ARG D 162 -47.43 8.16 24.32
N ILE D 163 -47.79 7.35 23.34
CA ILE D 163 -48.65 7.78 22.25
C ILE D 163 -50.08 7.87 22.74
N MET D 164 -50.78 8.94 22.36
CA MET D 164 -52.18 9.14 22.73
C MET D 164 -53.05 9.09 21.47
N ASN D 165 -53.93 8.08 21.41
CA ASN D 165 -54.66 7.67 20.21
C ASN D 165 -56.13 7.56 20.54
N THR D 166 -57.01 8.09 19.67
CA THR D 166 -58.45 8.09 19.98
C THR D 166 -59.27 7.67 18.78
N PHE D 167 -60.35 6.93 19.04
CA PHE D 167 -61.42 6.73 18.07
C PHE D 167 -62.53 7.68 18.46
N SER D 168 -62.77 8.70 17.65
CA SER D 168 -63.67 9.78 18.03
C SER D 168 -64.85 9.88 17.07
N VAL D 169 -66.04 9.59 17.60
CA VAL D 169 -67.27 9.62 16.82
C VAL D 169 -67.80 11.07 16.75
N MET D 170 -67.98 11.58 15.49
CA MET D 170 -68.46 12.92 15.13
C MET D 170 -69.96 12.91 14.97
N PRO D 171 -70.64 13.92 15.51
CA PRO D 171 -72.09 13.95 15.48
C PRO D 171 -72.65 14.39 14.12
N SER D 172 -73.87 13.95 13.87
CA SER D 172 -74.63 14.34 12.70
C SER D 172 -76.10 14.48 13.01
N PRO D 173 -76.71 15.62 12.69
CA PRO D 173 -78.16 15.81 12.92
C PRO D 173 -79.04 14.74 12.27
N LYS D 174 -78.49 13.93 11.37
CA LYS D 174 -79.19 12.78 10.85
C LYS D 174 -79.40 11.70 11.91
N VAL D 175 -78.62 11.72 12.99
CA VAL D 175 -78.54 10.56 13.87
C VAL D 175 -78.91 10.97 15.28
N SER D 176 -78.74 12.24 15.60
CA SER D 176 -79.13 12.75 16.90
C SER D 176 -79.74 14.13 16.73
N ASP D 177 -80.85 14.35 17.45
CA ASP D 177 -81.58 15.61 17.42
C ASP D 177 -81.08 16.61 18.46
N THR D 178 -80.05 16.25 19.25
CA THR D 178 -79.61 17.11 20.34
C THR D 178 -78.86 18.30 19.76
N VAL D 179 -79.35 19.52 20.05
CA VAL D 179 -78.90 20.65 19.26
C VAL D 179 -77.52 21.15 19.65
N VAL D 180 -77.04 20.82 20.85
CA VAL D 180 -75.76 21.40 21.27
C VAL D 180 -74.57 20.53 20.91
N GLU D 181 -74.80 19.49 20.10
CA GLU D 181 -73.67 18.68 19.67
C GLU D 181 -72.60 19.47 18.92
N PRO D 182 -72.91 20.44 18.07
CA PRO D 182 -71.83 21.25 17.46
C PRO D 182 -70.96 21.96 18.48
N TYR D 183 -71.53 22.38 19.60
CA TYR D 183 -70.70 23.00 20.65
C TYR D 183 -69.77 21.96 21.29
N ASN D 184 -70.36 20.87 21.81
CA ASN D 184 -69.57 19.80 22.41
C ASN D 184 -68.46 19.32 21.47
N ALA D 185 -68.74 19.29 20.18
CA ALA D 185 -67.76 18.76 19.23
C ALA D 185 -66.63 19.77 19.00
N THR D 186 -66.96 21.05 18.95
CA THR D 186 -65.96 22.06 18.69
C THR D 186 -65.10 22.29 19.92
N LEU D 187 -65.68 22.14 21.11
CA LEU D 187 -64.89 22.13 22.34
C LEU D 187 -63.92 20.97 22.35
N SER D 188 -64.42 19.76 22.13
CA SER D 188 -63.56 18.58 22.10
C SER D 188 -62.47 18.70 21.04
N VAL D 189 -62.80 19.25 19.87
CA VAL D 189 -61.80 19.27 18.80
C VAL D 189 -60.61 20.10 19.23
N HIS D 190 -60.87 21.20 19.95
CA HIS D 190 -59.83 22.03 20.53
C HIS D 190 -58.83 21.20 21.34
N GLN D 191 -59.34 20.43 22.30
CA GLN D 191 -58.50 19.62 23.17
C GLN D 191 -57.76 18.54 22.40
N LEU D 192 -58.38 17.98 21.36
CA LEU D 192 -57.74 16.92 20.58
C LEU D 192 -56.61 17.46 19.72
N VAL D 193 -56.76 18.67 19.19
CA VAL D 193 -55.72 19.21 18.35
C VAL D 193 -54.45 19.36 19.16
N GLU D 194 -54.60 19.67 20.44
CA GLU D 194 -53.51 20.00 21.35
C GLU D 194 -52.88 18.77 22.01
N ASN D 195 -53.66 17.71 22.25
CA ASN D 195 -53.26 16.71 23.24
C ASN D 195 -53.31 15.25 22.78
N THR D 196 -53.57 14.97 21.51
CA THR D 196 -53.47 13.59 21.05
C THR D 196 -52.56 13.48 19.83
N ASP D 197 -51.99 12.30 19.67
CA ASP D 197 -51.03 12.03 18.62
C ASP D 197 -51.74 11.52 17.35
N GLU D 198 -52.78 10.70 17.50
CA GLU D 198 -53.52 10.12 16.39
C GLU D 198 -55.00 10.05 16.77
N THR D 199 -55.86 10.51 15.87
CA THR D 199 -57.31 10.44 16.08
C THR D 199 -57.95 9.91 14.80
N TYR D 200 -58.57 8.73 14.86
CA TYR D 200 -59.39 8.28 13.75
C TYR D 200 -60.75 8.98 13.79
N CYS D 201 -61.16 9.54 12.65
CA CYS D 201 -62.40 10.31 12.58
C CYS D 201 -63.54 9.41 12.13
N ILE D 202 -64.43 9.09 13.06
CA ILE D 202 -65.56 8.19 12.84
C ILE D 202 -66.78 9.08 12.81
N ASP D 203 -67.33 9.34 11.61
CA ASP D 203 -68.35 10.37 11.43
C ASP D 203 -69.73 9.71 11.40
N ASN D 204 -70.62 10.10 12.34
CA ASN D 204 -71.98 9.56 12.32
C ASN D 204 -72.71 9.88 11.03
N GLU D 205 -72.46 11.06 10.46
CA GLU D 205 -73.02 11.39 9.16
C GLU D 205 -72.63 10.36 8.10
N ALA D 206 -71.36 10.01 8.04
CA ALA D 206 -70.92 9.04 7.05
C ALA D 206 -71.55 7.67 7.32
N LEU D 207 -71.63 7.28 8.60
CA LEU D 207 -72.19 5.99 8.97
C LEU D 207 -73.67 5.89 8.60
N TYR D 208 -74.44 6.92 8.92
CA TYR D 208 -75.83 6.95 8.51
C TYR D 208 -75.96 6.89 6.98
N ASP D 209 -75.15 7.70 6.27
CA ASP D 209 -75.23 7.71 4.81
C ASP D 209 -74.95 6.31 4.25
N ILE D 210 -73.95 5.61 4.78
CA ILE D 210 -73.64 4.27 4.29
C ILE D 210 -74.81 3.33 4.51
N CYS D 211 -75.40 3.36 5.71
CA CYS D 211 -76.50 2.46 6.03
C CYS D 211 -77.72 2.75 5.19
N PHE D 212 -78.02 4.04 5.00
CA PHE D 212 -79.19 4.41 4.22
C PHE D 212 -78.97 4.21 2.72
N ARG D 213 -77.84 4.65 2.20
CA ARG D 213 -77.64 4.61 0.76
C ARG D 213 -77.14 3.24 0.29
N THR D 214 -76.12 2.69 0.93
CA THR D 214 -75.57 1.44 0.42
C THR D 214 -76.20 0.20 1.05
N LEU D 215 -76.67 0.28 2.28
CA LEU D 215 -77.25 -0.86 2.95
C LEU D 215 -78.79 -0.85 2.96
N LYS D 216 -79.41 0.17 2.35
CA LYS D 216 -80.87 0.25 2.16
C LYS D 216 -81.63 0.02 3.46
N LEU D 217 -81.00 0.26 4.60
CA LEU D 217 -81.69 0.34 5.88
C LEU D 217 -82.36 1.72 6.00
N THR D 218 -83.69 1.72 5.93
CA THR D 218 -84.43 2.97 5.99
C THR D 218 -84.26 3.68 7.32
N THR D 219 -84.21 2.94 8.43
CA THR D 219 -84.11 3.53 9.77
C THR D 219 -82.98 2.89 10.56
N PRO D 220 -81.75 3.36 10.37
CA PRO D 220 -80.60 2.67 10.99
C PRO D 220 -80.47 2.96 12.46
N THR D 221 -80.15 1.91 13.21
CA THR D 221 -79.94 2.01 14.64
C THR D 221 -78.46 2.07 14.93
N TYR D 222 -78.14 2.46 16.17
CA TYR D 222 -76.75 2.42 16.63
C TYR D 222 -76.09 1.06 16.41
N GLY D 223 -76.86 -0.02 16.34
CA GLY D 223 -76.26 -1.31 16.06
C GLY D 223 -75.85 -1.45 14.60
N ASP D 224 -76.70 -0.94 13.70
CA ASP D 224 -76.34 -0.84 12.28
C ASP D 224 -75.08 0.00 12.08
N LEU D 225 -74.99 1.13 12.77
CA LEU D 225 -73.81 1.98 12.64
C LEU D 225 -72.58 1.31 13.26
N ASN D 226 -72.72 0.73 14.45
CA ASN D 226 -71.55 0.27 15.19
C ASN D 226 -70.91 -0.94 14.51
N HIS D 227 -71.65 -1.65 13.68
CA HIS D 227 -71.07 -2.71 12.84
C HIS D 227 -69.98 -2.15 11.93
N LEU D 228 -70.25 -0.98 11.33
CA LEU D 228 -69.25 -0.31 10.51
C LEU D 228 -68.07 0.15 11.36
N VAL D 229 -68.33 0.68 12.56
CA VAL D 229 -67.23 1.08 13.43
C VAL D 229 -66.41 -0.13 13.86
N SER D 230 -67.08 -1.20 14.27
CA SER D 230 -66.33 -2.36 14.73
C SER D 230 -65.46 -2.93 13.61
N ALA D 231 -65.93 -2.88 12.36
CA ALA D 231 -65.12 -3.44 11.27
C ALA D 231 -63.86 -2.63 11.08
N THR D 232 -63.97 -1.31 11.16
CA THR D 232 -62.84 -0.42 11.00
C THR D 232 -61.81 -0.63 12.10
N MET D 233 -62.28 -0.72 13.35
CA MET D 233 -61.37 -0.83 14.48
C MET D 233 -60.59 -2.12 14.44
N SER D 234 -61.27 -3.22 14.08
CA SER D 234 -60.54 -4.43 13.74
C SER D 234 -59.48 -4.16 12.66
N GLY D 235 -59.87 -3.46 11.60
CA GLY D 235 -58.98 -3.32 10.46
C GLY D 235 -57.75 -2.48 10.73
N VAL D 236 -57.90 -1.38 11.49
CA VAL D 236 -56.78 -0.48 11.73
C VAL D 236 -55.89 -0.97 12.87
N THR D 237 -56.34 -1.93 13.68
CA THR D 237 -55.47 -2.50 14.69
C THR D 237 -55.01 -3.90 14.32
N THR D 238 -55.23 -4.33 13.07
CA THR D 238 -54.76 -5.66 12.66
C THR D 238 -53.24 -5.78 12.84
N CYS D 239 -52.51 -4.77 12.36
CA CYS D 239 -51.06 -4.86 12.37
C CYS D 239 -50.44 -4.68 13.74
N LEU D 240 -51.20 -4.18 14.73
CA LEU D 240 -50.76 -4.29 16.11
C LEU D 240 -51.04 -5.67 16.67
N ARG D 241 -52.14 -6.27 16.24
CA ARG D 241 -52.60 -7.48 16.90
C ARG D 241 -51.96 -8.72 16.31
N PHE D 242 -51.56 -8.65 15.06
CA PHE D 242 -51.07 -9.85 14.40
C PHE D 242 -49.66 -9.63 13.88
N PRO D 243 -48.85 -10.68 13.86
CA PRO D 243 -47.48 -10.54 13.39
C PRO D 243 -47.45 -10.20 11.91
N GLY D 244 -46.53 -9.29 11.55
CA GLY D 244 -46.33 -8.94 10.16
C GLY D 244 -44.89 -8.61 9.88
N GLN D 245 -44.61 -8.34 8.60
CA GLN D 245 -43.24 -8.05 8.15
C GLN D 245 -42.74 -6.75 8.75
N LEU D 246 -43.62 -5.80 9.01
CA LEU D 246 -43.30 -4.65 9.84
C LEU D 246 -43.89 -4.88 11.22
N ASN D 247 -43.14 -4.53 12.25
CA ASN D 247 -43.63 -4.65 13.62
C ASN D 247 -44.28 -3.32 13.96
N ALA D 248 -45.51 -3.16 13.49
CA ALA D 248 -46.18 -1.88 13.67
C ALA D 248 -46.42 -1.62 15.15
N ASP D 249 -46.25 -0.36 15.53
CA ASP D 249 -46.71 0.13 16.82
C ASP D 249 -47.33 1.50 16.59
N LEU D 250 -47.97 2.00 17.64
CA LEU D 250 -48.64 3.30 17.55
C LEU D 250 -47.68 4.43 17.22
N ARG D 251 -46.45 4.37 17.72
CA ARG D 251 -45.53 5.47 17.44
C ARG D 251 -45.00 5.42 16.01
N LYS D 252 -44.80 4.23 15.46
CA LYS D 252 -44.30 4.19 14.10
C LYS D 252 -45.38 4.68 13.13
N LEU D 253 -46.65 4.44 13.46
CA LEU D 253 -47.73 4.99 12.68
C LEU D 253 -47.75 6.52 12.76
N ALA D 254 -47.65 7.06 13.98
CA ALA D 254 -47.67 8.51 14.13
C ALA D 254 -46.52 9.16 13.35
N VAL D 255 -45.35 8.53 13.35
CA VAL D 255 -44.17 9.15 12.75
C VAL D 255 -44.31 9.17 11.23
N ASN D 256 -44.89 8.12 10.66
CA ASN D 256 -45.00 8.01 9.21
C ASN D 256 -46.27 8.64 8.63
N MET D 257 -47.27 8.95 9.45
CA MET D 257 -48.50 9.49 8.92
C MET D 257 -48.74 10.96 9.24
N VAL D 258 -48.07 11.52 10.25
CA VAL D 258 -48.42 12.86 10.71
C VAL D 258 -47.30 13.84 10.38
N PRO D 259 -47.33 14.47 9.21
CA PRO D 259 -46.21 15.34 8.83
C PRO D 259 -46.15 16.63 9.62
N PHE D 260 -47.23 17.05 10.26
CA PHE D 260 -47.31 18.26 11.06
C PHE D 260 -48.18 17.96 12.27
N PRO D 261 -47.76 18.38 13.46
CA PRO D 261 -48.39 17.84 14.67
C PRO D 261 -49.89 18.01 14.72
N ARG D 262 -50.41 19.15 14.26
CA ARG D 262 -51.85 19.36 14.36
C ARG D 262 -52.64 18.51 13.39
N LEU D 263 -52.10 18.23 12.20
CA LEU D 263 -52.83 17.48 11.18
C LEU D 263 -52.74 15.98 11.42
N HIS D 264 -53.41 15.53 12.49
CA HIS D 264 -53.38 14.14 12.89
C HIS D 264 -54.77 13.50 12.97
N PHE D 265 -55.69 13.89 12.09
CA PHE D 265 -57.06 13.35 12.09
C PHE D 265 -57.27 12.49 10.85
N PHE D 266 -57.40 11.19 11.02
CA PHE D 266 -57.39 10.29 9.88
C PHE D 266 -58.79 10.00 9.38
N MET D 267 -58.88 9.83 8.08
CA MET D 267 -60.09 9.46 7.42
C MET D 267 -60.03 7.95 7.20
N PRO D 268 -60.80 7.14 7.94
CA PRO D 268 -60.77 5.69 7.73
C PRO D 268 -61.73 5.22 6.65
N GLY D 269 -61.35 4.14 5.99
CA GLY D 269 -62.18 3.56 4.94
C GLY D 269 -62.12 2.05 4.99
N PHE D 270 -63.24 1.42 4.61
CA PHE D 270 -63.36 -0.02 4.67
C PHE D 270 -64.04 -0.53 3.41
N ALA D 271 -63.58 -1.68 2.94
CA ALA D 271 -64.33 -2.45 1.96
C ALA D 271 -64.08 -3.91 2.25
N PRO D 272 -65.08 -4.76 2.02
CA PRO D 272 -66.44 -4.44 1.58
C PRO D 272 -67.38 -3.94 2.68
N LEU D 273 -68.41 -3.20 2.29
CA LEU D 273 -69.44 -2.74 3.20
C LEU D 273 -70.52 -3.82 3.32
N THR D 274 -70.90 -4.16 4.54
CA THR D 274 -71.93 -5.17 4.76
C THR D 274 -72.87 -4.74 5.88
N SER D 275 -73.96 -5.48 6.02
CA SER D 275 -74.88 -5.34 7.14
C SER D 275 -74.53 -6.33 8.24
N ARG D 276 -74.90 -5.98 9.47
CA ARG D 276 -74.53 -6.85 10.57
C ARG D 276 -75.24 -8.20 10.43
N GLY D 277 -74.54 -9.26 10.79
CA GLY D 277 -75.05 -10.61 10.74
C GLY D 277 -75.65 -11.05 9.41
N SER D 278 -74.95 -10.81 8.30
CA SER D 278 -75.49 -11.09 6.98
C SER D 278 -74.50 -11.94 6.21
N GLN D 279 -74.92 -13.17 5.86
CA GLN D 279 -74.07 -14.08 5.07
C GLN D 279 -73.57 -13.38 3.80
N GLN D 280 -72.27 -13.49 3.54
CA GLN D 280 -71.67 -12.91 2.33
C GLN D 280 -71.59 -14.02 1.28
N TYR D 281 -72.39 -13.89 0.22
CA TYR D 281 -72.53 -14.94 -0.78
C TYR D 281 -71.40 -14.96 -1.80
N ARG D 282 -70.50 -13.96 -1.80
CA ARG D 282 -69.30 -13.97 -2.63
C ARG D 282 -68.37 -12.81 -2.27
N ALA D 283 -67.11 -13.12 -2.01
CA ALA D 283 -66.14 -12.10 -1.63
C ALA D 283 -65.81 -11.20 -2.83
N LEU D 284 -64.83 -10.31 -2.68
CA LEU D 284 -64.47 -9.36 -3.71
C LEU D 284 -63.07 -9.62 -4.22
N THR D 285 -62.76 -9.11 -5.42
CA THR D 285 -61.43 -9.28 -5.99
C THR D 285 -60.48 -8.22 -5.47
N VAL D 286 -59.18 -8.50 -5.57
CA VAL D 286 -58.19 -7.54 -5.10
C VAL D 286 -58.28 -6.22 -5.82
N PRO D 287 -58.30 -6.14 -7.15
CA PRO D 287 -58.47 -4.83 -7.79
C PRO D 287 -59.75 -4.14 -7.36
N GLU D 288 -60.83 -4.91 -7.16
CA GLU D 288 -62.06 -4.33 -6.62
C GLU D 288 -61.80 -3.64 -5.29
N LEU D 289 -61.38 -4.39 -4.27
CA LEU D 289 -61.00 -3.83 -2.98
C LEU D 289 -60.14 -2.59 -3.13
N THR D 290 -59.15 -2.62 -4.02
CA THR D 290 -58.28 -1.46 -4.18
C THR D 290 -59.05 -0.24 -4.64
N GLN D 291 -59.86 -0.39 -5.69
CA GLN D 291 -60.61 0.74 -6.22
C GLN D 291 -61.60 1.25 -5.19
N GLN D 292 -62.48 0.36 -4.71
CA GLN D 292 -63.54 0.72 -3.76
C GLN D 292 -62.99 1.31 -2.48
N MET D 293 -61.66 1.32 -2.30
CA MET D 293 -61.10 1.87 -1.07
C MET D 293 -60.90 3.37 -1.16
N PHE D 294 -60.57 3.87 -2.34
CA PHE D 294 -60.49 5.31 -2.57
C PHE D 294 -61.80 5.86 -3.11
N ASP D 295 -62.91 5.19 -2.78
CA ASP D 295 -64.26 5.56 -3.18
C ASP D 295 -64.97 6.22 -2.00
N SER D 296 -65.59 7.37 -2.26
CA SER D 296 -66.17 8.21 -1.22
C SER D 296 -67.21 7.47 -0.38
N LYS D 297 -67.92 6.51 -1.01
CA LYS D 297 -68.91 5.68 -0.33
C LYS D 297 -68.31 4.79 0.74
N ASN D 298 -67.03 4.50 0.67
CA ASN D 298 -66.43 3.57 1.60
C ASN D 298 -65.72 4.26 2.76
N MET D 299 -65.93 5.56 2.94
CA MET D 299 -65.24 6.37 3.94
C MET D 299 -66.11 6.53 5.18
N MET D 300 -65.49 6.43 6.35
CA MET D 300 -66.14 6.62 7.63
C MET D 300 -66.12 8.08 8.10
N ALA D 301 -65.58 8.98 7.30
CA ALA D 301 -65.80 10.40 7.46
C ALA D 301 -66.51 10.90 6.20
N ALA D 302 -67.49 11.80 6.37
CA ALA D 302 -68.30 12.32 5.28
C ALA D 302 -67.53 13.38 4.51
N CYS D 303 -66.54 12.93 3.74
CA CYS D 303 -65.66 13.76 2.94
C CYS D 303 -65.40 13.01 1.65
N ASP D 304 -65.32 13.75 0.55
CA ASP D 304 -64.98 13.13 -0.71
C ASP D 304 -63.47 13.23 -0.88
N PRO D 305 -62.74 12.13 -0.79
CA PRO D 305 -61.29 12.20 -0.98
C PRO D 305 -60.87 12.87 -2.28
N ARG D 306 -61.68 12.80 -3.33
CA ARG D 306 -61.27 13.49 -4.54
C ARG D 306 -61.41 15.00 -4.43
N HIS D 307 -61.86 15.50 -3.28
CA HIS D 307 -61.96 16.93 -3.06
C HIS D 307 -60.71 17.53 -2.44
N GLY D 308 -59.78 16.70 -1.97
CA GLY D 308 -58.51 17.16 -1.45
C GLY D 308 -57.36 16.29 -1.92
N ARG D 309 -56.26 16.26 -1.18
CA ARG D 309 -55.14 15.39 -1.51
C ARG D 309 -54.68 14.64 -0.27
N TYR D 310 -54.18 13.42 -0.49
CA TYR D 310 -53.68 12.61 0.62
C TYR D 310 -52.26 13.07 0.98
N LEU D 311 -52.06 13.35 2.27
CA LEU D 311 -50.70 13.54 2.74
C LEU D 311 -50.00 12.19 2.89
N THR D 312 -50.71 11.20 3.44
CA THR D 312 -50.19 9.87 3.70
C THR D 312 -51.34 8.89 3.65
N VAL D 313 -51.06 7.67 3.20
CA VAL D 313 -52.06 6.60 3.18
C VAL D 313 -51.43 5.33 3.69
N ALA D 314 -52.16 4.59 4.51
CA ALA D 314 -51.76 3.24 4.92
C ALA D 314 -52.89 2.27 4.65
N ALA D 315 -52.57 1.14 4.04
CA ALA D 315 -53.59 0.22 3.57
C ALA D 315 -53.32 -1.19 4.10
N ILE D 316 -54.31 -1.77 4.76
CA ILE D 316 -54.24 -3.13 5.30
C ILE D 316 -55.21 -4.02 4.53
N PHE D 317 -54.68 -5.06 3.89
CA PHE D 317 -55.49 -6.08 3.23
C PHE D 317 -55.46 -7.35 4.07
N ARG D 318 -56.62 -8.00 4.20
CA ARG D 318 -56.80 -9.18 5.04
C ARG D 318 -57.43 -10.30 4.24
N GLY D 319 -56.88 -11.50 4.37
CA GLY D 319 -57.30 -12.65 3.59
C GLY D 319 -56.11 -13.27 2.87
N ARG D 320 -56.39 -14.38 2.21
CA ARG D 320 -55.37 -15.08 1.43
C ARG D 320 -55.42 -14.56 0.00
N MET D 321 -54.36 -13.86 -0.40
CA MET D 321 -54.30 -13.20 -1.70
C MET D 321 -52.84 -12.91 -2.00
N SER D 322 -52.55 -12.67 -3.29
CA SER D 322 -51.17 -12.54 -3.74
C SER D 322 -50.66 -11.12 -3.49
N MET D 323 -49.64 -11.00 -2.62
CA MET D 323 -49.04 -9.69 -2.37
C MET D 323 -48.51 -9.08 -3.66
N LYS D 324 -48.10 -9.93 -4.61
CA LYS D 324 -47.77 -9.44 -5.94
C LYS D 324 -48.93 -8.66 -6.53
N GLU D 325 -50.10 -9.30 -6.65
CA GLU D 325 -51.28 -8.61 -7.21
C GLU D 325 -51.65 -7.37 -6.40
N VAL D 326 -51.44 -7.39 -5.08
CA VAL D 326 -51.84 -6.26 -4.26
C VAL D 326 -51.00 -5.03 -4.57
N ASP D 327 -49.68 -5.15 -4.40
CA ASP D 327 -48.80 -4.03 -4.70
C ASP D 327 -48.97 -3.56 -6.12
N GLU D 328 -49.30 -4.48 -7.02
CA GLU D 328 -49.59 -4.16 -8.41
C GLU D 328 -50.73 -3.15 -8.52
N GLN D 329 -51.94 -3.59 -8.18
CA GLN D 329 -53.12 -2.72 -8.27
C GLN D 329 -52.94 -1.46 -7.44
N MET D 330 -52.26 -1.56 -6.30
CA MET D 330 -52.05 -0.40 -5.45
C MET D 330 -51.23 0.65 -6.17
N LEU D 331 -50.17 0.24 -6.85
CA LEU D 331 -49.38 1.20 -7.61
C LEU D 331 -50.18 1.75 -8.78
N ASN D 332 -51.00 0.91 -9.40
CA ASN D 332 -51.82 1.36 -10.51
C ASN D 332 -52.74 2.50 -10.09
N VAL D 333 -53.38 2.36 -8.93
CA VAL D 333 -54.28 3.41 -8.48
C VAL D 333 -53.51 4.68 -8.17
N GLN D 334 -52.24 4.55 -7.76
CA GLN D 334 -51.45 5.74 -7.47
C GLN D 334 -51.08 6.49 -8.74
N ASN D 335 -50.79 5.78 -9.82
CA ASN D 335 -50.39 6.42 -11.07
C ASN D 335 -51.58 7.02 -11.78
N LYS D 336 -52.68 6.27 -11.86
CA LYS D 336 -53.86 6.80 -12.52
C LYS D 336 -54.45 7.95 -11.75
N ASN D 337 -54.27 7.99 -10.43
CA ASN D 337 -54.86 9.03 -9.60
C ASN D 337 -53.82 9.94 -8.96
N SER D 338 -52.74 10.25 -9.69
CA SER D 338 -51.61 10.96 -9.10
C SER D 338 -51.95 12.37 -8.62
N SER D 339 -53.05 12.94 -9.08
CA SER D 339 -53.37 14.31 -8.71
C SER D 339 -53.89 14.42 -7.29
N TYR D 340 -54.21 13.30 -6.65
CA TYR D 340 -54.79 13.26 -5.31
C TYR D 340 -53.78 12.84 -4.25
N PHE D 341 -52.52 12.66 -4.63
CA PHE D 341 -51.41 12.44 -3.69
C PHE D 341 -50.51 13.64 -3.74
N VAL D 342 -50.10 14.13 -2.57
CA VAL D 342 -49.12 15.20 -2.55
C VAL D 342 -47.81 14.72 -3.15
N GLU D 343 -47.23 15.59 -3.97
CA GLU D 343 -46.01 15.29 -4.69
C GLU D 343 -44.82 15.36 -3.77
N TRP D 344 -44.84 16.30 -2.82
CA TRP D 344 -43.73 16.56 -1.92
C TRP D 344 -43.74 15.66 -0.68
N ILE D 345 -44.40 14.51 -0.71
CA ILE D 345 -44.09 13.46 0.27
C ILE D 345 -43.92 12.15 -0.49
N PRO D 346 -42.70 11.78 -0.82
CA PRO D 346 -42.48 10.61 -1.68
C PRO D 346 -42.83 9.30 -1.00
N ASN D 347 -43.30 8.35 -1.80
CA ASN D 347 -43.57 6.99 -1.34
C ASN D 347 -44.43 7.03 -0.08
N ASN D 348 -45.50 7.83 -0.16
CA ASN D 348 -46.31 8.16 0.99
C ASN D 348 -47.50 7.24 1.14
N VAL D 349 -47.47 6.07 0.49
CA VAL D 349 -48.54 5.08 0.54
C VAL D 349 -47.93 3.73 0.86
N LYS D 350 -48.19 3.22 2.06
CA LYS D 350 -47.63 1.96 2.56
C LYS D 350 -48.75 0.95 2.75
N THR D 351 -48.53 -0.26 2.27
CA THR D 351 -49.54 -1.31 2.32
C THR D 351 -48.98 -2.58 2.93
N ALA D 352 -49.83 -3.27 3.71
CA ALA D 352 -49.52 -4.52 4.37
C ALA D 352 -50.58 -5.57 4.06
N VAL D 353 -50.19 -6.84 4.11
CA VAL D 353 -51.13 -7.94 3.93
C VAL D 353 -51.03 -8.91 5.11
N CYS D 354 -52.19 -9.35 5.61
CA CYS D 354 -52.28 -10.29 6.71
C CYS D 354 -53.18 -11.43 6.31
N ASP D 355 -52.67 -12.67 6.40
CA ASP D 355 -53.38 -13.83 5.86
C ASP D 355 -54.71 -14.08 6.59
N ILE D 356 -54.90 -13.48 7.76
CA ILE D 356 -56.04 -13.81 8.62
C ILE D 356 -57.20 -12.88 8.29
N PRO D 357 -58.32 -13.39 7.80
CA PRO D 357 -59.45 -12.53 7.47
C PRO D 357 -60.30 -12.24 8.70
N PRO D 358 -61.15 -11.22 8.63
CA PRO D 358 -62.12 -11.01 9.70
C PRO D 358 -63.25 -12.01 9.59
N ARG D 359 -64.06 -12.10 10.65
CA ARG D 359 -65.14 -13.08 10.67
C ARG D 359 -66.16 -12.74 9.59
N GLY D 360 -66.48 -13.74 8.76
CA GLY D 360 -67.56 -13.62 7.81
C GLY D 360 -67.17 -13.10 6.45
N LEU D 361 -65.96 -12.57 6.30
CA LEU D 361 -65.47 -12.06 5.03
C LEU D 361 -64.29 -12.92 4.59
N LYS D 362 -64.28 -13.33 3.32
CA LYS D 362 -63.10 -14.00 2.82
C LYS D 362 -61.96 -13.01 2.58
N MET D 363 -62.27 -11.82 2.05
CA MET D 363 -61.24 -10.82 1.83
C MET D 363 -61.76 -9.43 2.17
N SER D 364 -60.91 -8.62 2.81
CA SER D 364 -61.28 -7.27 3.22
C SER D 364 -60.11 -6.32 3.01
N ALA D 365 -60.41 -5.03 2.97
CA ALA D 365 -59.34 -4.05 2.98
C ALA D 365 -59.76 -2.89 3.87
N THR D 366 -58.75 -2.21 4.38
CA THR D 366 -58.92 -1.17 5.36
C THR D 366 -57.92 -0.07 5.07
N PHE D 367 -58.39 1.16 5.19
CA PHE D 367 -57.72 2.33 4.66
C PHE D 367 -57.62 3.37 5.77
N ILE D 368 -56.41 3.89 5.97
CA ILE D 368 -56.15 4.93 6.94
C ILE D 368 -55.51 6.05 6.15
N GLY D 369 -56.22 7.15 5.98
CA GLY D 369 -55.75 8.23 5.14
C GLY D 369 -55.59 9.50 5.95
N ASN D 370 -54.54 10.26 5.64
CA ASN D 370 -54.43 11.64 6.13
C ASN D 370 -54.66 12.52 4.91
N SER D 371 -55.92 12.86 4.67
CA SER D 371 -56.32 13.68 3.54
C SER D 371 -56.74 15.07 4.00
N THR D 372 -56.35 16.08 3.24
CA THR D 372 -56.86 17.43 3.46
C THR D 372 -58.37 17.50 3.29
N ALA D 373 -58.97 16.57 2.54
CA ALA D 373 -60.42 16.52 2.36
C ALA D 373 -61.18 16.43 3.70
N ILE D 374 -60.49 16.04 4.78
CA ILE D 374 -61.08 16.05 6.12
C ILE D 374 -61.49 17.44 6.57
N GLN D 375 -61.01 18.50 5.93
CA GLN D 375 -61.49 19.83 6.32
C GLN D 375 -63.00 19.95 6.17
N GLU D 376 -63.61 19.20 5.25
CA GLU D 376 -65.05 19.24 5.07
C GLU D 376 -65.79 18.92 6.37
N LEU D 377 -65.41 17.82 7.03
CA LEU D 377 -65.99 17.50 8.33
C LEU D 377 -65.92 18.70 9.28
N PHE D 378 -64.75 19.30 9.43
CA PHE D 378 -64.62 20.40 10.40
C PHE D 378 -65.41 21.61 9.97
N LYS D 379 -65.46 21.90 8.66
CA LYS D 379 -66.27 23.02 8.18
C LYS D 379 -67.73 22.82 8.54
N ARG D 380 -68.25 21.60 8.33
CA ARG D 380 -69.62 21.28 8.67
C ARG D 380 -69.90 21.51 10.16
N ILE D 381 -68.97 21.08 11.03
CA ILE D 381 -69.10 21.36 12.46
C ILE D 381 -69.08 22.87 12.70
N SER D 382 -68.13 23.57 12.06
CA SER D 382 -67.98 25.01 12.30
C SER D 382 -69.22 25.77 11.87
N GLU D 383 -69.85 25.35 10.77
CA GLU D 383 -71.05 26.04 10.30
C GLU D 383 -72.15 25.89 11.32
N GLN D 384 -72.42 24.65 11.74
CA GLN D 384 -73.44 24.42 12.76
C GLN D 384 -73.12 25.17 14.05
N PHE D 385 -71.85 25.17 14.45
CA PHE D 385 -71.42 25.97 15.59
C PHE D 385 -71.82 27.43 15.41
N THR D 386 -71.46 28.01 14.27
CA THR D 386 -71.68 29.45 14.10
C THR D 386 -73.17 29.76 14.09
N ALA D 387 -73.97 28.95 13.39
CA ALA D 387 -75.42 29.11 13.39
C ALA D 387 -75.96 29.28 14.79
N MET D 388 -75.52 28.44 15.72
CA MET D 388 -76.03 28.55 17.08
C MET D 388 -75.39 29.68 17.85
N PHE D 389 -74.09 29.86 17.67
CA PHE D 389 -73.37 30.79 18.54
C PHE D 389 -73.62 32.25 18.15
N ARG D 390 -73.94 32.52 16.88
CA ARG D 390 -74.35 33.87 16.50
C ARG D 390 -75.50 34.34 17.39
N ARG D 391 -76.43 33.44 17.66
CA ARG D 391 -77.60 33.71 18.48
C ARG D 391 -77.33 33.48 19.96
N LYS D 392 -76.11 33.06 20.33
CA LYS D 392 -75.81 32.69 21.70
C LYS D 392 -76.83 31.65 22.20
N ALA D 393 -77.23 30.76 21.30
CA ALA D 393 -78.20 29.72 21.60
C ALA D 393 -77.64 28.75 22.63
N PHE D 394 -78.39 28.54 23.71
CA PHE D 394 -78.11 27.54 24.73
C PHE D 394 -76.88 27.87 25.56
N LEU D 395 -76.36 29.08 25.46
CA LEU D 395 -75.07 29.36 26.10
C LEU D 395 -75.14 29.30 27.62
N HIS D 396 -76.34 29.44 28.20
CA HIS D 396 -76.45 29.42 29.65
C HIS D 396 -76.33 28.03 30.22
N TRP D 397 -76.51 27.00 29.39
CA TRP D 397 -76.22 25.64 29.86
C TRP D 397 -74.76 25.50 30.22
N TYR D 398 -73.91 26.29 29.58
CA TYR D 398 -72.50 26.15 29.84
C TYR D 398 -72.03 27.20 30.83
N THR D 399 -72.53 28.43 30.76
CA THR D 399 -72.09 29.41 31.75
C THR D 399 -72.60 29.05 33.14
N GLY D 400 -73.74 28.36 33.21
CA GLY D 400 -74.23 27.91 34.51
C GLY D 400 -73.25 27.01 35.20
N GLU D 401 -72.51 26.22 34.43
CA GLU D 401 -71.48 25.35 35.00
C GLU D 401 -70.13 26.04 35.13
N GLY D 402 -70.02 27.33 34.79
CA GLY D 402 -68.84 28.12 35.12
C GLY D 402 -68.04 28.66 33.94
N MET D 403 -68.35 28.32 32.69
CA MET D 403 -67.58 28.70 31.51
C MET D 403 -67.83 30.14 31.09
N ASP D 404 -67.18 30.54 30.01
CA ASP D 404 -67.23 31.91 29.53
C ASP D 404 -67.31 31.93 28.00
N GLU D 405 -67.96 32.96 27.47
CA GLU D 405 -68.10 33.08 26.01
C GLU D 405 -66.75 32.99 25.30
N MET D 406 -65.69 33.49 25.94
CA MET D 406 -64.36 33.49 25.30
C MET D 406 -63.90 32.08 24.97
N GLU D 407 -64.12 31.12 25.87
CA GLU D 407 -63.68 29.76 25.60
C GLU D 407 -64.33 29.21 24.33
N PHE D 408 -65.60 29.57 24.10
CA PHE D 408 -66.27 29.21 22.86
C PHE D 408 -65.60 29.86 21.66
N THR D 409 -65.56 31.20 21.64
CA THR D 409 -64.90 31.94 20.58
C THR D 409 -63.55 31.35 20.23
N GLU D 410 -62.79 30.94 21.25
CA GLU D 410 -61.46 30.37 21.06
C GLU D 410 -61.52 29.04 20.30
N ALA D 411 -62.36 28.12 20.77
CA ALA D 411 -62.41 26.82 20.12
C ALA D 411 -62.93 26.90 18.69
N GLU D 412 -63.65 27.97 18.33
CA GLU D 412 -64.11 28.10 16.96
C GLU D 412 -62.97 28.56 16.06
N SER D 413 -62.30 29.66 16.41
CA SER D 413 -61.15 30.10 15.60
C SER D 413 -60.08 29.02 15.51
N ASN D 414 -59.91 28.21 16.57
CA ASN D 414 -58.92 27.14 16.52
C ASN D 414 -59.31 26.07 15.49
N MET D 415 -60.58 25.69 15.46
CA MET D 415 -61.01 24.78 14.40
C MET D 415 -60.89 25.44 13.05
N ASN D 416 -61.32 26.70 12.92
CA ASN D 416 -61.14 27.42 11.67
C ASN D 416 -59.66 27.48 11.27
N ASP D 417 -58.77 27.75 12.24
CA ASP D 417 -57.34 27.67 11.98
C ASP D 417 -56.98 26.31 11.42
N LEU D 418 -57.52 25.24 12.02
CA LEU D 418 -57.26 23.89 11.54
C LEU D 418 -57.69 23.74 10.07
N VAL D 419 -58.91 24.21 9.76
CA VAL D 419 -59.39 24.20 8.38
C VAL D 419 -58.38 24.88 7.46
N SER D 420 -57.92 26.07 7.85
CA SER D 420 -57.09 26.83 6.92
C SER D 420 -55.73 26.18 6.70
N GLU D 421 -55.19 25.43 7.67
CA GLU D 421 -53.91 24.80 7.37
C GLU D 421 -54.08 23.50 6.60
N TYR D 422 -55.20 22.81 6.76
CA TYR D 422 -55.48 21.73 5.81
C TYR D 422 -55.52 22.27 4.37
N GLN D 423 -55.98 23.51 4.19
CA GLN D 423 -56.05 24.14 2.87
C GLN D 423 -54.66 24.56 2.39
N GLN D 424 -53.90 25.21 3.27
CA GLN D 424 -52.52 25.59 2.97
C GLN D 424 -51.79 24.44 2.30
N TYR D 425 -51.91 23.24 2.85
CA TYR D 425 -51.14 22.14 2.28
C TYR D 425 -51.83 21.49 1.11
N GLN D 426 -53.14 21.68 0.98
CA GLN D 426 -53.83 21.13 -0.19
C GLN D 426 -53.41 21.84 -1.46
N ASP D 427 -53.17 23.15 -1.38
CA ASP D 427 -52.76 24.00 -2.49
C ASP D 427 -51.24 24.14 -2.63
N ALA D 428 -50.49 23.40 -1.82
CA ALA D 428 -49.05 23.60 -1.74
C ALA D 428 -48.35 22.98 -2.95
N THR D 429 -47.43 23.74 -3.54
CA THR D 429 -46.69 23.28 -4.71
C THR D 429 -45.37 22.66 -4.29
N ALA D 430 -44.99 21.56 -4.96
CA ALA D 430 -43.62 21.08 -4.86
C ALA D 430 -42.64 22.13 -5.39
N ASP D 431 -43.04 22.87 -6.43
CA ASP D 431 -42.26 24.01 -6.93
C ASP D 431 -42.80 25.31 -6.33
N GLU E 5 86.71 5.57 -32.42
CA GLU E 5 87.63 5.51 -31.28
C GLU E 5 87.11 4.58 -30.17
N VAL E 6 87.81 3.47 -29.94
CA VAL E 6 87.45 2.49 -28.92
C VAL E 6 88.36 2.71 -27.72
N ILE E 7 87.76 2.87 -26.53
CA ILE E 7 88.48 3.06 -25.28
C ILE E 7 88.07 1.94 -24.33
N GLU E 8 89.04 1.12 -23.93
CA GLU E 8 88.75 -0.01 -23.06
C GLU E 8 88.35 0.48 -21.67
N LEU E 9 87.31 -0.13 -21.10
CA LEU E 9 86.78 0.21 -19.78
C LEU E 9 87.24 -0.77 -18.70
N ASN E 10 86.85 -2.05 -18.83
CA ASN E 10 87.10 -3.02 -17.77
C ASN E 10 87.00 -4.43 -18.34
N LYS E 11 87.42 -5.40 -17.53
CA LYS E 11 87.33 -6.82 -17.86
C LYS E 11 87.20 -7.59 -16.55
N ALA E 12 86.52 -8.74 -16.59
CA ALA E 12 86.26 -9.53 -15.39
C ALA E 12 85.99 -10.97 -15.78
N THR E 13 85.59 -11.78 -14.80
CA THR E 13 85.36 -13.22 -15.03
C THR E 13 84.27 -13.45 -16.07
N SER E 14 83.10 -12.85 -15.84
CA SER E 14 81.93 -13.10 -16.67
C SER E 14 81.63 -11.94 -17.61
N GLY E 15 82.56 -11.00 -17.79
CA GLY E 15 82.24 -9.81 -18.55
C GLY E 15 83.45 -9.11 -19.12
N GLN E 16 83.17 -8.29 -20.14
CA GLN E 16 84.14 -7.39 -20.72
C GLN E 16 83.37 -6.17 -21.22
N SER E 17 83.93 -4.98 -21.01
CA SER E 17 83.26 -3.76 -21.41
C SER E 17 84.25 -2.81 -22.06
N TRP E 18 83.73 -1.93 -22.90
CA TRP E 18 84.54 -0.88 -23.52
C TRP E 18 83.60 0.26 -23.94
N GLU E 19 84.15 1.24 -24.66
CA GLU E 19 83.39 2.40 -25.11
C GLU E 19 83.79 2.72 -26.54
N VAL E 20 82.80 3.03 -27.37
CA VAL E 20 83.00 3.40 -28.77
C VAL E 20 82.48 4.82 -28.96
N ILE E 21 83.34 5.70 -29.47
CA ILE E 21 83.00 7.11 -29.63
C ILE E 21 83.07 7.43 -31.12
N LEU E 22 81.90 7.70 -31.71
CA LEU E 22 81.83 7.99 -33.14
C LEU E 22 82.16 9.45 -33.42
N LYS E 23 81.59 10.37 -32.64
CA LYS E 23 81.71 11.80 -32.89
C LYS E 23 81.71 12.51 -31.53
N PRO E 24 82.67 13.39 -31.27
CA PRO E 24 82.75 14.06 -29.96
C PRO E 24 81.69 15.14 -29.83
N PRO E 25 81.39 15.60 -28.60
CA PRO E 25 80.30 16.57 -28.41
C PRO E 25 80.63 17.93 -29.03
N SER E 26 79.65 18.48 -29.76
CA SER E 26 79.83 19.77 -30.44
C SER E 26 80.14 20.88 -29.43
N PHE E 27 79.46 20.86 -28.29
CA PHE E 27 79.54 21.88 -27.25
C PHE E 27 80.25 21.27 -26.03
N ASP E 28 81.09 22.07 -25.35
CA ASP E 28 81.92 21.60 -24.24
C ASP E 28 81.35 22.05 -22.90
N GLY E 29 81.10 21.09 -22.02
CA GLY E 29 80.45 21.35 -20.74
C GLY E 29 79.03 20.82 -20.73
N VAL E 30 78.30 21.16 -19.67
CA VAL E 30 76.88 20.82 -19.59
C VAL E 30 76.10 22.10 -19.30
N PRO E 31 74.97 22.35 -19.98
CA PRO E 31 74.15 23.55 -19.76
C PRO E 31 73.66 23.72 -18.32
N PRO E 43 61.59 15.79 1.29
CA PRO E 43 60.68 16.03 2.41
C PRO E 43 61.11 15.30 3.68
N SER E 44 61.00 15.97 4.84
CA SER E 44 61.40 15.37 6.09
C SER E 44 60.37 14.34 6.55
N LEU E 45 60.75 13.56 7.56
CA LEU E 45 59.81 12.58 8.11
C LEU E 45 58.61 13.26 8.76
N GLU E 46 58.80 14.45 9.36
CA GLU E 46 57.68 15.17 9.96
C GLU E 46 56.73 15.70 8.89
N GLU E 47 57.26 16.20 7.78
CA GLU E 47 56.40 16.74 6.73
C GLU E 47 55.53 15.63 6.13
N ILE E 48 56.09 14.43 5.98
CA ILE E 48 55.33 13.30 5.46
C ILE E 48 54.25 12.86 6.45
N GLN E 49 54.61 12.73 7.72
CA GLN E 49 53.64 12.34 8.74
C GLN E 49 52.54 13.40 8.87
N LYS E 50 52.88 14.68 8.74
CA LYS E 50 51.86 15.73 8.82
C LYS E 50 50.89 15.65 7.66
N LYS E 51 51.41 15.42 6.44
CA LYS E 51 50.54 15.31 5.27
C LYS E 51 49.64 14.09 5.34
N LEU E 52 50.13 12.98 5.93
CA LEU E 52 49.31 11.78 6.07
C LEU E 52 48.23 11.95 7.14
N GLU E 53 48.59 12.52 8.30
CA GLU E 53 47.63 12.78 9.37
C GLU E 53 46.55 13.77 8.93
N ALA E 54 46.91 14.71 8.05
CA ALA E 54 45.94 15.69 7.56
C ALA E 54 44.89 15.03 6.67
N ALA E 55 45.34 14.16 5.76
CA ALA E 55 44.39 13.40 4.94
C ALA E 55 43.48 12.54 5.81
N GLU E 56 44.00 12.00 6.92
CA GLU E 56 43.14 11.24 7.82
C GLU E 56 42.12 12.17 8.48
N GLU E 57 42.55 13.35 8.92
CA GLU E 57 41.64 14.27 9.61
C GLU E 57 40.46 14.67 8.72
N ARG E 58 40.72 15.00 7.45
CA ARG E 58 39.59 15.40 6.60
C ARG E 58 38.77 14.18 6.19
N ARG E 59 39.40 13.01 6.12
CA ARG E 59 38.66 11.75 5.93
C ARG E 59 37.67 11.53 7.08
N LYS E 60 38.15 11.70 8.31
CA LYS E 60 37.27 11.55 9.48
C LYS E 60 36.25 12.68 9.56
N TYR E 61 36.59 13.88 9.09
CA TYR E 61 35.62 14.98 9.12
C TYR E 61 34.46 14.73 8.16
N GLN E 62 34.75 14.22 6.97
CA GLN E 62 33.66 13.99 6.02
C GLN E 62 32.79 12.82 6.47
N GLU E 63 33.41 11.82 7.11
CA GLU E 63 32.64 10.76 7.72
C GLU E 63 31.81 11.27 8.89
N ALA E 64 32.31 12.25 9.62
CA ALA E 64 31.51 12.79 10.71
C ALA E 64 30.36 13.63 10.17
N GLU E 65 30.54 14.26 9.01
CA GLU E 65 29.43 14.99 8.38
C GLU E 65 28.36 14.04 7.86
N LEU E 66 28.77 12.86 7.35
CA LEU E 66 27.83 11.90 6.82
C LEU E 66 26.94 11.31 7.91
N LEU E 67 27.52 10.97 9.04
CA LEU E 67 26.75 10.47 10.18
C LEU E 67 25.89 11.56 10.79
N LYS E 68 26.37 12.81 10.76
CA LYS E 68 25.56 13.91 11.29
C LYS E 68 24.29 14.10 10.45
N HIS E 69 24.42 14.13 9.12
CA HIS E 69 23.24 14.23 8.28
C HIS E 69 22.39 12.96 8.35
N LEU E 70 23.01 11.82 8.63
CA LEU E 70 22.23 10.61 8.90
C LEU E 70 21.55 10.68 10.25
N ALA E 71 22.17 11.34 11.24
CA ALA E 71 21.53 11.44 12.54
C ALA E 71 20.40 12.46 12.52
N GLU E 72 20.52 13.50 11.68
CA GLU E 72 19.42 14.41 11.44
C GLU E 72 18.21 13.68 10.87
N LYS E 73 18.47 12.67 10.02
CA LYS E 73 17.37 11.91 9.44
C LYS E 73 16.63 11.10 10.51
N ARG E 74 17.35 10.53 11.46
CA ARG E 74 16.69 9.79 12.54
C ARG E 74 15.75 10.69 13.33
N GLU E 75 16.12 11.96 13.51
CA GLU E 75 15.30 12.83 14.35
C GLU E 75 14.05 13.27 13.62
N HIS E 76 14.16 13.46 12.30
CA HIS E 76 12.99 13.70 11.46
C HIS E 76 12.02 12.53 11.55
N GLU E 77 12.53 11.30 11.47
CA GLU E 77 11.68 10.11 11.57
C GLU E 77 10.91 10.06 12.88
N ARG E 78 11.57 10.41 13.99
CA ARG E 78 10.86 10.46 15.28
C ARG E 78 9.85 11.60 15.31
N GLU E 79 10.19 12.74 14.70
CA GLU E 79 9.23 13.85 14.63
C GLU E 79 7.98 13.45 13.87
N VAL E 80 8.14 12.62 12.83
CA VAL E 80 7.02 12.19 12.01
C VAL E 80 6.08 11.30 12.83
N ILE E 81 6.64 10.24 13.41
CA ILE E 81 5.86 9.36 14.28
C ILE E 81 5.20 10.15 15.40
N GLN E 82 5.89 11.16 15.92
CA GLN E 82 5.31 12.00 16.97
C GLN E 82 4.12 12.79 16.45
N LYS E 83 4.28 13.40 15.27
CA LYS E 83 3.20 14.21 14.72
C LYS E 83 1.92 13.39 14.57
N ALA E 84 2.04 12.17 14.04
CA ALA E 84 0.87 11.33 13.80
C ALA E 84 0.21 10.91 15.10
N ILE E 85 1.01 10.70 16.14
CA ILE E 85 0.46 10.43 17.47
C ILE E 85 -0.27 11.67 18.00
N GLU E 86 0.29 12.86 17.76
CA GLU E 86 -0.38 14.09 18.15
C GLU E 86 -1.68 14.28 17.36
N GLU E 87 -1.69 13.88 16.08
CA GLU E 87 -2.88 14.03 15.26
C GLU E 87 -4.02 13.15 15.77
N ASN E 88 -3.73 11.87 16.01
CA ASN E 88 -4.70 10.95 16.61
C ASN E 88 -5.26 11.54 17.90
N ASN E 89 -4.38 11.95 18.82
CA ASN E 89 -4.85 12.45 20.10
C ASN E 89 -5.73 13.69 19.91
N ASN E 90 -5.39 14.56 18.94
CA ASN E 90 -6.20 15.76 18.69
C ASN E 90 -7.50 15.43 17.98
N PHE E 91 -7.53 14.33 17.23
CA PHE E 91 -8.76 13.84 16.63
C PHE E 91 -9.71 13.30 17.70
N ILE E 92 -9.14 12.55 18.66
CA ILE E 92 -9.93 12.00 19.77
C ILE E 92 -10.52 13.12 20.62
N LYS E 93 -9.70 14.11 20.97
CA LYS E 93 -10.16 15.19 21.84
C LYS E 93 -11.23 16.03 21.16
N MET E 94 -11.11 16.28 19.86
CA MET E 94 -12.11 17.08 19.14
C MET E 94 -13.43 16.32 19.06
N ALA E 95 -13.37 15.03 18.72
CA ALA E 95 -14.54 14.17 18.73
C ALA E 95 -15.18 14.10 20.13
N LYS E 96 -14.37 14.05 21.19
CA LYS E 96 -14.91 13.96 22.53
C LYS E 96 -15.68 15.23 22.90
N GLU E 97 -15.13 16.42 22.56
CA GLU E 97 -15.82 17.66 22.90
C GLU E 97 -17.03 17.88 22.00
N LYS E 98 -16.96 17.45 20.73
CA LYS E 98 -18.12 17.54 19.85
C LYS E 98 -19.30 16.75 20.42
N LEU E 99 -19.05 15.51 20.82
CA LEU E 99 -20.11 14.64 21.30
C LEU E 99 -20.72 15.15 22.60
N ALA E 100 -19.89 15.55 23.56
CA ALA E 100 -20.44 16.00 24.84
C ALA E 100 -21.21 17.31 24.70
N GLN E 101 -20.84 18.14 23.72
CA GLN E 101 -21.59 19.37 23.47
C GLN E 101 -22.94 19.06 22.82
N LYS E 102 -22.95 18.16 21.85
CA LYS E 102 -24.18 17.80 21.17
C LYS E 102 -25.15 17.09 22.13
N MET E 103 -24.65 16.12 22.90
CA MET E 103 -25.54 15.38 23.79
C MET E 103 -26.11 16.28 24.89
N GLU E 104 -25.36 17.28 25.33
CA GLU E 104 -25.89 18.16 26.37
C GLU E 104 -26.91 19.12 25.80
N SER E 105 -26.72 19.56 24.56
CA SER E 105 -27.66 20.48 23.93
C SER E 105 -28.97 19.78 23.61
N ASN E 106 -28.89 18.51 23.24
CA ASN E 106 -30.04 17.70 22.89
C ASN E 106 -30.85 17.34 24.13
N LYS E 107 -30.17 17.02 25.23
CA LYS E 107 -30.85 16.78 26.50
C LYS E 107 -31.58 18.04 26.96
N GLU E 108 -30.85 19.16 27.05
CA GLU E 108 -31.47 20.44 27.40
C GLU E 108 -32.65 20.78 26.49
N ASN E 109 -32.53 20.54 25.19
CA ASN E 109 -33.63 20.84 24.29
C ASN E 109 -34.83 19.93 24.55
N ARG E 110 -34.56 18.63 24.69
CA ARG E 110 -35.64 17.68 24.96
C ARG E 110 -36.32 17.99 26.28
N GLU E 111 -35.53 18.20 27.34
CA GLU E 111 -36.11 18.52 28.64
C GLU E 111 -36.93 19.80 28.60
N ALA E 112 -36.57 20.75 27.73
CA ALA E 112 -37.29 22.01 27.68
C ALA E 112 -38.62 21.86 26.93
N HIS E 113 -38.64 21.03 25.89
CA HIS E 113 -39.88 20.72 25.20
C HIS E 113 -40.85 20.04 26.15
N LEU E 114 -40.36 19.09 26.94
CA LEU E 114 -41.22 18.37 27.88
C LEU E 114 -41.68 19.28 28.99
N ALA E 115 -40.82 20.21 29.42
CA ALA E 115 -41.25 21.17 30.43
C ALA E 115 -42.33 22.09 29.88
N ALA E 116 -42.20 22.49 28.62
CA ALA E 116 -43.21 23.34 28.02
C ALA E 116 -44.54 22.61 27.87
N MET E 117 -44.49 21.31 27.48
CA MET E 117 -45.70 20.52 27.33
C MET E 117 -46.45 20.37 28.66
N LEU E 118 -45.73 20.22 29.77
CA LEU E 118 -46.40 20.10 31.07
C LEU E 118 -46.84 21.45 31.62
N GLU E 119 -46.22 22.54 31.20
CA GLU E 119 -46.64 23.84 31.73
C GLU E 119 -47.95 24.32 31.12
N ARG E 120 -48.13 24.08 29.82
CA ARG E 120 -49.39 24.42 29.16
C ARG E 120 -50.53 23.61 29.74
N LEU E 121 -50.31 22.31 29.94
CA LEU E 121 -51.34 21.49 30.55
C LEU E 121 -51.67 21.97 31.95
N GLN E 122 -50.66 22.44 32.69
CA GLN E 122 -50.90 22.92 34.05
C GLN E 122 -51.65 24.25 34.05
N GLU E 123 -51.34 25.14 33.09
CA GLU E 123 -52.15 26.34 32.96
C GLU E 123 -53.60 25.98 32.70
N LYS E 124 -53.83 24.88 31.97
CA LYS E 124 -55.20 24.46 31.70
C LYS E 124 -55.86 23.94 32.97
N ASP E 125 -55.15 23.17 33.81
CA ASP E 125 -55.85 22.72 35.00
C ASP E 125 -56.01 23.84 36.02
N LYS E 126 -55.26 24.94 35.88
CA LYS E 126 -55.56 26.15 36.65
C LYS E 126 -56.86 26.78 36.18
N HIS E 127 -57.10 26.73 34.87
CA HIS E 127 -58.32 27.30 34.32
C HIS E 127 -59.54 26.54 34.83
N ALA E 128 -59.41 25.22 34.97
CA ALA E 128 -60.51 24.39 35.49
C ALA E 128 -60.87 24.80 36.91
N GLU E 129 -59.88 25.08 37.76
CA GLU E 129 -60.18 25.59 39.10
C GLU E 129 -60.87 26.95 39.03
N GLU E 130 -60.49 27.77 38.05
CA GLU E 130 -61.14 29.08 37.89
C GLU E 130 -62.57 28.95 37.38
N VAL E 131 -62.81 28.01 36.46
CA VAL E 131 -64.16 27.75 35.97
C VAL E 131 -65.05 27.24 37.09
N ARG E 132 -64.51 26.38 37.96
CA ARG E 132 -65.32 25.86 39.06
C ARG E 132 -65.60 26.94 40.09
N LYS E 133 -64.75 27.97 40.17
CA LYS E 133 -64.99 29.07 41.09
C LYS E 133 -66.21 29.90 40.66
N ASN E 134 -66.28 30.26 39.37
CA ASN E 134 -67.38 31.07 38.88
C ASN E 134 -68.73 30.41 39.12
N LYS E 135 -68.79 29.08 39.00
CA LYS E 135 -70.04 28.36 39.23
C LYS E 135 -70.52 28.54 40.67
N GLU E 136 -69.59 28.46 41.63
CA GLU E 136 -69.93 28.69 43.04
C GLU E 136 -70.40 30.12 43.28
N LEU E 137 -69.71 31.08 42.66
CA LEU E 137 -70.03 32.50 42.82
C LEU E 137 -71.52 32.77 42.59
N LYS E 138 -72.05 32.34 41.45
CA LYS E 138 -73.46 32.50 41.17
C LYS E 138 -74.23 31.31 41.76
#